data_1VEI
# 
_entry.id   1VEI 
# 
_audit_conform.dict_name       mmcif_pdbx.dic 
_audit_conform.dict_version    5.383 
_audit_conform.dict_location   http://mmcif.pdb.org/dictionaries/ascii/mmcif_pdbx.dic 
# 
loop_
_database_2.database_id 
_database_2.database_code 
_database_2.pdbx_database_accession 
_database_2.pdbx_DOI 
PDB   1VEI         pdb_00001vei 10.2210/pdb1vei/pdb 
RCSB  RCSB006528   ?            ?                   
WWPDB D_1000006528 ?            ?                   
# 
loop_
_pdbx_audit_revision_history.ordinal 
_pdbx_audit_revision_history.data_content_type 
_pdbx_audit_revision_history.major_revision 
_pdbx_audit_revision_history.minor_revision 
_pdbx_audit_revision_history.revision_date 
1 'Structure model' 1 0 2004-06-29 
2 'Structure model' 1 1 2008-04-27 
3 'Structure model' 1 2 2011-07-13 
4 'Structure model' 1 3 2023-12-27 
# 
_pdbx_audit_revision_details.ordinal             1 
_pdbx_audit_revision_details.revision_ordinal    1 
_pdbx_audit_revision_details.data_content_type   'Structure model' 
_pdbx_audit_revision_details.provider            repository 
_pdbx_audit_revision_details.type                'Initial release' 
_pdbx_audit_revision_details.description         ? 
_pdbx_audit_revision_details.details             ? 
# 
loop_
_pdbx_audit_revision_group.ordinal 
_pdbx_audit_revision_group.revision_ordinal 
_pdbx_audit_revision_group.data_content_type 
_pdbx_audit_revision_group.group 
1 2 'Structure model' 'Version format compliance' 
2 3 'Structure model' 'Derived calculations'      
3 3 'Structure model' 'Version format compliance' 
4 4 'Structure model' 'Data collection'           
5 4 'Structure model' 'Database references'       
6 4 'Structure model' 'Derived calculations'      
# 
loop_
_pdbx_audit_revision_category.ordinal 
_pdbx_audit_revision_category.revision_ordinal 
_pdbx_audit_revision_category.data_content_type 
_pdbx_audit_revision_category.category 
1 4 'Structure model' chem_comp_atom         
2 4 'Structure model' chem_comp_bond         
3 4 'Structure model' database_2             
4 4 'Structure model' pdbx_struct_conn_angle 
5 4 'Structure model' struct_conn            
6 4 'Structure model' struct_site            
# 
loop_
_pdbx_audit_revision_item.ordinal 
_pdbx_audit_revision_item.revision_ordinal 
_pdbx_audit_revision_item.data_content_type 
_pdbx_audit_revision_item.item 
1  4 'Structure model' '_database_2.pdbx_DOI'                        
2  4 'Structure model' '_database_2.pdbx_database_accession'         
3  4 'Structure model' '_pdbx_struct_conn_angle.ptnr1_auth_comp_id'  
4  4 'Structure model' '_pdbx_struct_conn_angle.ptnr1_auth_seq_id'   
5  4 'Structure model' '_pdbx_struct_conn_angle.ptnr1_label_atom_id' 
6  4 'Structure model' '_pdbx_struct_conn_angle.ptnr1_label_comp_id' 
7  4 'Structure model' '_pdbx_struct_conn_angle.ptnr1_label_seq_id'  
8  4 'Structure model' '_pdbx_struct_conn_angle.ptnr1_symmetry'      
9  4 'Structure model' '_pdbx_struct_conn_angle.ptnr3_auth_comp_id'  
10 4 'Structure model' '_pdbx_struct_conn_angle.ptnr3_auth_seq_id'   
11 4 'Structure model' '_pdbx_struct_conn_angle.ptnr3_label_atom_id' 
12 4 'Structure model' '_pdbx_struct_conn_angle.ptnr3_label_comp_id' 
13 4 'Structure model' '_pdbx_struct_conn_angle.ptnr3_label_seq_id'  
14 4 'Structure model' '_pdbx_struct_conn_angle.ptnr3_symmetry'      
15 4 'Structure model' '_pdbx_struct_conn_angle.value'               
16 4 'Structure model' '_struct_conn.pdbx_dist_value'                
17 4 'Structure model' '_struct_conn.ptnr1_auth_comp_id'             
18 4 'Structure model' '_struct_conn.ptnr1_auth_seq_id'              
19 4 'Structure model' '_struct_conn.ptnr1_label_asym_id'            
20 4 'Structure model' '_struct_conn.ptnr1_label_atom_id'            
21 4 'Structure model' '_struct_conn.ptnr1_label_comp_id'            
22 4 'Structure model' '_struct_conn.ptnr1_label_seq_id'             
23 4 'Structure model' '_struct_conn.ptnr1_symmetry'                 
24 4 'Structure model' '_struct_conn.ptnr2_auth_comp_id'             
25 4 'Structure model' '_struct_conn.ptnr2_auth_seq_id'              
26 4 'Structure model' '_struct_conn.ptnr2_label_asym_id'            
27 4 'Structure model' '_struct_conn.ptnr2_label_atom_id'            
28 4 'Structure model' '_struct_conn.ptnr2_label_comp_id'            
29 4 'Structure model' '_struct_conn.ptnr2_label_seq_id'             
30 4 'Structure model' '_struct_conn.ptnr2_symmetry'                 
31 4 'Structure model' '_struct_site.pdbx_auth_asym_id'              
32 4 'Structure model' '_struct_site.pdbx_auth_comp_id'              
33 4 'Structure model' '_struct_site.pdbx_auth_seq_id'               
# 
_pdbx_database_status.status_code                     REL 
_pdbx_database_status.entry_id                        1VEI 
_pdbx_database_status.recvd_initial_deposition_date   2004-03-31 
_pdbx_database_status.deposit_site                    PDBJ 
_pdbx_database_status.process_site                    PDBJ 
_pdbx_database_status.status_code_sf                  REL 
_pdbx_database_status.SG_entry                        . 
_pdbx_database_status.pdb_format_compatible           Y 
_pdbx_database_status.status_code_mr                  ? 
_pdbx_database_status.status_code_cs                  ? 
_pdbx_database_status.status_code_nmr_data            ? 
_pdbx_database_status.methods_development_category    ? 
# 
loop_
_pdbx_database_related.db_name 
_pdbx_database_related.db_id 
_pdbx_database_related.details 
_pdbx_database_related.content_type 
PDB 1VEL 'Mycobacterium smegmatis Dps, tetragonal form, (P 43 21 2)' unspecified 
PDB 1VEQ 'Mycobacterium smegmatis Dps, Hexagonal form, (P63)'        unspecified 
# 
loop_
_audit_author.name 
_audit_author.pdbx_ordinal 
'Roy, S.'       1 
'Gupta, S.'     2 
'Das, S.'       3 
'Sekar, K.'     4 
'Chatterji, D.' 5 
'Vijayan, M.'   6 
# 
_citation.id                        primary 
_citation.title                     
'X-ray Analysis of Mycobacterium smegmatis Dps and a Comparative Study Involving Other Dps and Dps-like Molecules' 
_citation.journal_abbrev            J.Mol.Biol. 
_citation.journal_volume            339 
_citation.page_first                1103 
_citation.page_last                 1113 
_citation.year                      2004 
_citation.journal_id_ASTM           JMOBAK 
_citation.country                   UK 
_citation.journal_id_ISSN           0022-2836 
_citation.journal_id_CSD            0070 
_citation.book_publisher            ? 
_citation.pdbx_database_id_PubMed   15178251 
_citation.pdbx_database_id_DOI      10.1016/j.jmb.2004.04.042 
# 
loop_
_citation_author.citation_id 
_citation_author.name 
_citation_author.ordinal 
_citation_author.identifier_ORCID 
primary 'Roy, S.'       1 ? 
primary 'Gupta, S.'     2 ? 
primary 'Das, S.'       3 ? 
primary 'Sekar, K.'     4 ? 
primary 'Chatterji, D.' 5 ? 
primary 'Vijayan, M.'   6 ? 
# 
loop_
_entity.id 
_entity.type 
_entity.src_method 
_entity.pdbx_description 
_entity.formula_weight 
_entity.pdbx_number_of_molecules 
_entity.pdbx_ec 
_entity.pdbx_mutation 
_entity.pdbx_fragment 
_entity.details 
1 polymer     man 'starvation-induced DNA protecting protein' 20298.809 1  ? ? ? ? 
2 non-polymer syn 'FE (III) ION'                              55.845    2  ? ? ? ? 
3 non-polymer syn 'SULFATE ION'                               96.063    1  ? ? ? ? 
4 water       nat water                                       18.015    55 ? ? ? ? 
# 
_entity_name_com.entity_id   1 
_entity_name_com.name        Dps 
# 
_entity_poly.entity_id                      1 
_entity_poly.type                           'polypeptide(L)' 
_entity_poly.nstd_linkage                   no 
_entity_poly.nstd_monomer                   no 
_entity_poly.pdbx_seq_one_letter_code       
;MTSFTIPGLSDKKASDVADLLQKQLSTYNDLHLTLKHVHWNVVGPNFIGVHEMIDPQVELVRGYADEVAERIATLGKSPK
GTPGAIIKDRTWDDYSVERDTVQAHLAALDLVYNGVIEDTRKSIEKLEDLDLVSQDLLIAHAGELEKFQWFVRAHLESAG
GQLTHEGQSTEKGAADKARRKSA
;
_entity_poly.pdbx_seq_one_letter_code_can   
;MTSFTIPGLSDKKASDVADLLQKQLSTYNDLHLTLKHVHWNVVGPNFIGVHEMIDPQVELVRGYADEVAERIATLGKSPK
GTPGAIIKDRTWDDYSVERDTVQAHLAALDLVYNGVIEDTRKSIEKLEDLDLVSQDLLIAHAGELEKFQWFVRAHLESAG
GQLTHEGQSTEKGAADKARRKSA
;
_entity_poly.pdbx_strand_id                 A 
_entity_poly.pdbx_target_identifier         ? 
# 
loop_
_pdbx_entity_nonpoly.entity_id 
_pdbx_entity_nonpoly.name 
_pdbx_entity_nonpoly.comp_id 
2 'FE (III) ION' FE  
3 'SULFATE ION'  SO4 
4 water          HOH 
# 
loop_
_entity_poly_seq.entity_id 
_entity_poly_seq.num 
_entity_poly_seq.mon_id 
_entity_poly_seq.hetero 
1 1   MET n 
1 2   THR n 
1 3   SER n 
1 4   PHE n 
1 5   THR n 
1 6   ILE n 
1 7   PRO n 
1 8   GLY n 
1 9   LEU n 
1 10  SER n 
1 11  ASP n 
1 12  LYS n 
1 13  LYS n 
1 14  ALA n 
1 15  SER n 
1 16  ASP n 
1 17  VAL n 
1 18  ALA n 
1 19  ASP n 
1 20  LEU n 
1 21  LEU n 
1 22  GLN n 
1 23  LYS n 
1 24  GLN n 
1 25  LEU n 
1 26  SER n 
1 27  THR n 
1 28  TYR n 
1 29  ASN n 
1 30  ASP n 
1 31  LEU n 
1 32  HIS n 
1 33  LEU n 
1 34  THR n 
1 35  LEU n 
1 36  LYS n 
1 37  HIS n 
1 38  VAL n 
1 39  HIS n 
1 40  TRP n 
1 41  ASN n 
1 42  VAL n 
1 43  VAL n 
1 44  GLY n 
1 45  PRO n 
1 46  ASN n 
1 47  PHE n 
1 48  ILE n 
1 49  GLY n 
1 50  VAL n 
1 51  HIS n 
1 52  GLU n 
1 53  MET n 
1 54  ILE n 
1 55  ASP n 
1 56  PRO n 
1 57  GLN n 
1 58  VAL n 
1 59  GLU n 
1 60  LEU n 
1 61  VAL n 
1 62  ARG n 
1 63  GLY n 
1 64  TYR n 
1 65  ALA n 
1 66  ASP n 
1 67  GLU n 
1 68  VAL n 
1 69  ALA n 
1 70  GLU n 
1 71  ARG n 
1 72  ILE n 
1 73  ALA n 
1 74  THR n 
1 75  LEU n 
1 76  GLY n 
1 77  LYS n 
1 78  SER n 
1 79  PRO n 
1 80  LYS n 
1 81  GLY n 
1 82  THR n 
1 83  PRO n 
1 84  GLY n 
1 85  ALA n 
1 86  ILE n 
1 87  ILE n 
1 88  LYS n 
1 89  ASP n 
1 90  ARG n 
1 91  THR n 
1 92  TRP n 
1 93  ASP n 
1 94  ASP n 
1 95  TYR n 
1 96  SER n 
1 97  VAL n 
1 98  GLU n 
1 99  ARG n 
1 100 ASP n 
1 101 THR n 
1 102 VAL n 
1 103 GLN n 
1 104 ALA n 
1 105 HIS n 
1 106 LEU n 
1 107 ALA n 
1 108 ALA n 
1 109 LEU n 
1 110 ASP n 
1 111 LEU n 
1 112 VAL n 
1 113 TYR n 
1 114 ASN n 
1 115 GLY n 
1 116 VAL n 
1 117 ILE n 
1 118 GLU n 
1 119 ASP n 
1 120 THR n 
1 121 ARG n 
1 122 LYS n 
1 123 SER n 
1 124 ILE n 
1 125 GLU n 
1 126 LYS n 
1 127 LEU n 
1 128 GLU n 
1 129 ASP n 
1 130 LEU n 
1 131 ASP n 
1 132 LEU n 
1 133 VAL n 
1 134 SER n 
1 135 GLN n 
1 136 ASP n 
1 137 LEU n 
1 138 LEU n 
1 139 ILE n 
1 140 ALA n 
1 141 HIS n 
1 142 ALA n 
1 143 GLY n 
1 144 GLU n 
1 145 LEU n 
1 146 GLU n 
1 147 LYS n 
1 148 PHE n 
1 149 GLN n 
1 150 TRP n 
1 151 PHE n 
1 152 VAL n 
1 153 ARG n 
1 154 ALA n 
1 155 HIS n 
1 156 LEU n 
1 157 GLU n 
1 158 SER n 
1 159 ALA n 
1 160 GLY n 
1 161 GLY n 
1 162 GLN n 
1 163 LEU n 
1 164 THR n 
1 165 HIS n 
1 166 GLU n 
1 167 GLY n 
1 168 GLN n 
1 169 SER n 
1 170 THR n 
1 171 GLU n 
1 172 LYS n 
1 173 GLY n 
1 174 ALA n 
1 175 ALA n 
1 176 ASP n 
1 177 LYS n 
1 178 ALA n 
1 179 ARG n 
1 180 ARG n 
1 181 LYS n 
1 182 SER n 
1 183 ALA n 
# 
_entity_src_gen.entity_id                          1 
_entity_src_gen.pdbx_src_id                        1 
_entity_src_gen.pdbx_alt_source_flag               sample 
_entity_src_gen.pdbx_seq_type                      ? 
_entity_src_gen.pdbx_beg_seq_num                   ? 
_entity_src_gen.pdbx_end_seq_num                   ? 
_entity_src_gen.gene_src_common_name               ? 
_entity_src_gen.gene_src_genus                     Mycobacterium 
_entity_src_gen.pdbx_gene_src_gene                 ? 
_entity_src_gen.gene_src_species                   ? 
_entity_src_gen.gene_src_strain                    ? 
_entity_src_gen.gene_src_tissue                    ? 
_entity_src_gen.gene_src_tissue_fraction           ? 
_entity_src_gen.gene_src_details                   ? 
_entity_src_gen.pdbx_gene_src_fragment             ? 
_entity_src_gen.pdbx_gene_src_scientific_name      'Mycobacterium smegmatis' 
_entity_src_gen.pdbx_gene_src_ncbi_taxonomy_id     1772 
_entity_src_gen.pdbx_gene_src_variant              ? 
_entity_src_gen.pdbx_gene_src_cell_line            ? 
_entity_src_gen.pdbx_gene_src_atcc                 ? 
_entity_src_gen.pdbx_gene_src_organ                ? 
_entity_src_gen.pdbx_gene_src_organelle            ? 
_entity_src_gen.pdbx_gene_src_cell                 ? 
_entity_src_gen.pdbx_gene_src_cellular_location    ? 
_entity_src_gen.host_org_common_name               ? 
_entity_src_gen.pdbx_host_org_scientific_name      'Escherichia coli BL21(DE3)' 
_entity_src_gen.pdbx_host_org_ncbi_taxonomy_id     469008 
_entity_src_gen.host_org_genus                     Escherichia 
_entity_src_gen.pdbx_host_org_gene                 ? 
_entity_src_gen.pdbx_host_org_organ                ? 
_entity_src_gen.host_org_species                   'Escherichia coli' 
_entity_src_gen.pdbx_host_org_tissue               ? 
_entity_src_gen.pdbx_host_org_tissue_fraction      ? 
_entity_src_gen.pdbx_host_org_strain               BL21DE3 
_entity_src_gen.pdbx_host_org_variant              ? 
_entity_src_gen.pdbx_host_org_cell_line            ? 
_entity_src_gen.pdbx_host_org_atcc                 ? 
_entity_src_gen.pdbx_host_org_culture_collection   ? 
_entity_src_gen.pdbx_host_org_cell                 ? 
_entity_src_gen.pdbx_host_org_organelle            ? 
_entity_src_gen.pdbx_host_org_cellular_location    ? 
_entity_src_gen.pdbx_host_org_vector_type          plasmid 
_entity_src_gen.pdbx_host_org_vector               ? 
_entity_src_gen.host_org_details                   ? 
_entity_src_gen.expression_system_id               ? 
_entity_src_gen.plasmid_name                       'pET-Dps, pGEM-T Easy' 
_entity_src_gen.plasmid_details                    ? 
_entity_src_gen.pdbx_description                   ? 
# 
loop_
_chem_comp.id 
_chem_comp.type 
_chem_comp.mon_nstd_flag 
_chem_comp.name 
_chem_comp.pdbx_synonyms 
_chem_comp.formula 
_chem_comp.formula_weight 
ALA 'L-peptide linking' y ALANINE         ? 'C3 H7 N O2'     89.093  
ARG 'L-peptide linking' y ARGININE        ? 'C6 H15 N4 O2 1' 175.209 
ASN 'L-peptide linking' y ASPARAGINE      ? 'C4 H8 N2 O3'    132.118 
ASP 'L-peptide linking' y 'ASPARTIC ACID' ? 'C4 H7 N O4'     133.103 
FE  non-polymer         . 'FE (III) ION'  ? 'Fe 3'           55.845  
GLN 'L-peptide linking' y GLUTAMINE       ? 'C5 H10 N2 O3'   146.144 
GLU 'L-peptide linking' y 'GLUTAMIC ACID' ? 'C5 H9 N O4'     147.129 
GLY 'peptide linking'   y GLYCINE         ? 'C2 H5 N O2'     75.067  
HIS 'L-peptide linking' y HISTIDINE       ? 'C6 H10 N3 O2 1' 156.162 
HOH non-polymer         . WATER           ? 'H2 O'           18.015  
ILE 'L-peptide linking' y ISOLEUCINE      ? 'C6 H13 N O2'    131.173 
LEU 'L-peptide linking' y LEUCINE         ? 'C6 H13 N O2'    131.173 
LYS 'L-peptide linking' y LYSINE          ? 'C6 H15 N2 O2 1' 147.195 
MET 'L-peptide linking' y METHIONINE      ? 'C5 H11 N O2 S'  149.211 
PHE 'L-peptide linking' y PHENYLALANINE   ? 'C9 H11 N O2'    165.189 
PRO 'L-peptide linking' y PROLINE         ? 'C5 H9 N O2'     115.130 
SER 'L-peptide linking' y SERINE          ? 'C3 H7 N O3'     105.093 
SO4 non-polymer         . 'SULFATE ION'   ? 'O4 S -2'        96.063  
THR 'L-peptide linking' y THREONINE       ? 'C4 H9 N O3'     119.119 
TRP 'L-peptide linking' y TRYPTOPHAN      ? 'C11 H12 N2 O2'  204.225 
TYR 'L-peptide linking' y TYROSINE        ? 'C9 H11 N O3'    181.189 
VAL 'L-peptide linking' y VALINE          ? 'C5 H11 N O2'    117.146 
# 
loop_
_pdbx_poly_seq_scheme.asym_id 
_pdbx_poly_seq_scheme.entity_id 
_pdbx_poly_seq_scheme.seq_id 
_pdbx_poly_seq_scheme.mon_id 
_pdbx_poly_seq_scheme.ndb_seq_num 
_pdbx_poly_seq_scheme.pdb_seq_num 
_pdbx_poly_seq_scheme.auth_seq_num 
_pdbx_poly_seq_scheme.pdb_mon_id 
_pdbx_poly_seq_scheme.auth_mon_id 
_pdbx_poly_seq_scheme.pdb_strand_id 
_pdbx_poly_seq_scheme.pdb_ins_code 
_pdbx_poly_seq_scheme.hetero 
A 1 1   MET 1   1   1   MET ALA A . n 
A 1 2   THR 2   2   2   THR ALA A . n 
A 1 3   SER 3   3   3   SER SER A . n 
A 1 4   PHE 4   4   4   PHE PHE A . n 
A 1 5   THR 5   5   5   THR THR A . n 
A 1 6   ILE 6   6   6   ILE ILE A . n 
A 1 7   PRO 7   7   7   PRO PRO A . n 
A 1 8   GLY 8   8   8   GLY GLY A . n 
A 1 9   LEU 9   9   9   LEU LEU A . n 
A 1 10  SER 10  10  10  SER SER A . n 
A 1 11  ASP 11  11  11  ASP ASP A . n 
A 1 12  LYS 12  12  12  LYS LYS A . n 
A 1 13  LYS 13  13  13  LYS LYS A . n 
A 1 14  ALA 14  14  14  ALA ALA A . n 
A 1 15  SER 15  15  15  SER SER A . n 
A 1 16  ASP 16  16  16  ASP ASP A . n 
A 1 17  VAL 17  17  17  VAL VAL A . n 
A 1 18  ALA 18  18  18  ALA ALA A . n 
A 1 19  ASP 19  19  19  ASP ASP A . n 
A 1 20  LEU 20  20  20  LEU LEU A . n 
A 1 21  LEU 21  21  21  LEU LEU A . n 
A 1 22  GLN 22  22  22  GLN GLN A . n 
A 1 23  LYS 23  23  23  LYS ALA A . n 
A 1 24  GLN 24  24  24  GLN GLN A . n 
A 1 25  LEU 25  25  25  LEU LEU A . n 
A 1 26  SER 26  26  26  SER SER A . n 
A 1 27  THR 27  27  27  THR THR A . n 
A 1 28  TYR 28  28  28  TYR TYR A . n 
A 1 29  ASN 29  29  29  ASN ASN A . n 
A 1 30  ASP 30  30  30  ASP ASP A . n 
A 1 31  LEU 31  31  31  LEU LEU A . n 
A 1 32  HIS 32  32  32  HIS HIS A . n 
A 1 33  LEU 33  33  33  LEU LEU A . n 
A 1 34  THR 34  34  34  THR THR A . n 
A 1 35  LEU 35  35  35  LEU LEU A . n 
A 1 36  LYS 36  36  36  LYS LYS A . n 
A 1 37  HIS 37  37  37  HIS HIS A . n 
A 1 38  VAL 38  38  38  VAL VAL A . n 
A 1 39  HIS 39  39  39  HIS HIS A . n 
A 1 40  TRP 40  40  40  TRP TRP A . n 
A 1 41  ASN 41  41  41  ASN ASN A . n 
A 1 42  VAL 42  42  42  VAL VAL A . n 
A 1 43  VAL 43  43  43  VAL VAL A . n 
A 1 44  GLY 44  44  44  GLY GLY A . n 
A 1 45  PRO 45  45  45  PRO PRO A . n 
A 1 46  ASN 46  46  46  ASN ASN A . n 
A 1 47  PHE 47  47  47  PHE PHE A . n 
A 1 48  ILE 48  48  48  ILE ILE A . n 
A 1 49  GLY 49  49  49  GLY GLY A . n 
A 1 50  VAL 50  50  50  VAL VAL A . n 
A 1 51  HIS 51  51  51  HIS HIS A . n 
A 1 52  GLU 52  52  52  GLU GLU A . n 
A 1 53  MET 53  53  53  MET MET A . n 
A 1 54  ILE 54  54  54  ILE ILE A . n 
A 1 55  ASP 55  55  55  ASP ASP A . n 
A 1 56  PRO 56  56  56  PRO PRO A . n 
A 1 57  GLN 57  57  57  GLN GLN A . n 
A 1 58  VAL 58  58  58  VAL VAL A . n 
A 1 59  GLU 59  59  59  GLU GLU A . n 
A 1 60  LEU 60  60  60  LEU LEU A . n 
A 1 61  VAL 61  61  61  VAL VAL A . n 
A 1 62  ARG 62  62  62  ARG ARG A . n 
A 1 63  GLY 63  63  63  GLY GLY A . n 
A 1 64  TYR 64  64  64  TYR TYR A . n 
A 1 65  ALA 65  65  65  ALA ALA A . n 
A 1 66  ASP 66  66  66  ASP ASP A . n 
A 1 67  GLU 67  67  67  GLU GLU A . n 
A 1 68  VAL 68  68  68  VAL VAL A . n 
A 1 69  ALA 69  69  69  ALA ALA A . n 
A 1 70  GLU 70  70  70  GLU GLU A . n 
A 1 71  ARG 71  71  71  ARG ARG A . n 
A 1 72  ILE 72  72  72  ILE ILE A . n 
A 1 73  ALA 73  73  73  ALA ALA A . n 
A 1 74  THR 74  74  74  THR THR A . n 
A 1 75  LEU 75  75  75  LEU LEU A . n 
A 1 76  GLY 76  76  76  GLY GLY A . n 
A 1 77  LYS 77  77  77  LYS LYS A . n 
A 1 78  SER 78  78  78  SER SER A . n 
A 1 79  PRO 79  79  79  PRO PRO A . n 
A 1 80  LYS 80  80  80  LYS LYS A . n 
A 1 81  GLY 81  81  81  GLY GLY A . n 
A 1 82  THR 82  82  82  THR THR A . n 
A 1 83  PRO 83  83  83  PRO PRO A . n 
A 1 84  GLY 84  84  84  GLY GLY A . n 
A 1 85  ALA 85  85  85  ALA ALA A . n 
A 1 86  ILE 86  86  86  ILE ILE A . n 
A 1 87  ILE 87  87  87  ILE ILE A . n 
A 1 88  LYS 88  88  88  LYS LYS A . n 
A 1 89  ASP 89  89  89  ASP ASP A . n 
A 1 90  ARG 90  90  90  ARG ARG A . n 
A 1 91  THR 91  91  91  THR THR A . n 
A 1 92  TRP 92  92  92  TRP TRP A . n 
A 1 93  ASP 93  93  93  ASP ASP A . n 
A 1 94  ASP 94  94  94  ASP ASP A . n 
A 1 95  TYR 95  95  95  TYR TYR A . n 
A 1 96  SER 96  96  96  SER SER A . n 
A 1 97  VAL 97  97  97  VAL VAL A . n 
A 1 98  GLU 98  98  98  GLU GLU A . n 
A 1 99  ARG 99  99  99  ARG ARG A . n 
A 1 100 ASP 100 100 100 ASP ASP A . n 
A 1 101 THR 101 101 101 THR THR A . n 
A 1 102 VAL 102 102 102 VAL VAL A . n 
A 1 103 GLN 103 103 103 GLN GLN A . n 
A 1 104 ALA 104 104 104 ALA ALA A . n 
A 1 105 HIS 105 105 105 HIS HIS A . n 
A 1 106 LEU 106 106 106 LEU LEU A . n 
A 1 107 ALA 107 107 107 ALA ALA A . n 
A 1 108 ALA 108 108 108 ALA ALA A . n 
A 1 109 LEU 109 109 109 LEU LEU A . n 
A 1 110 ASP 110 110 110 ASP ASP A . n 
A 1 111 LEU 111 111 111 LEU LEU A . n 
A 1 112 VAL 112 112 112 VAL VAL A . n 
A 1 113 TYR 113 113 113 TYR TYR A . n 
A 1 114 ASN 114 114 114 ASN ASN A . n 
A 1 115 GLY 115 115 115 GLY GLY A . n 
A 1 116 VAL 116 116 116 VAL VAL A . n 
A 1 117 ILE 117 117 117 ILE ILE A . n 
A 1 118 GLU 118 118 118 GLU GLU A . n 
A 1 119 ASP 119 119 119 ASP ASP A . n 
A 1 120 THR 120 120 120 THR THR A . n 
A 1 121 ARG 121 121 121 ARG ARG A . n 
A 1 122 LYS 122 122 122 LYS ALA A . n 
A 1 123 SER 123 123 123 SER SER A . n 
A 1 124 ILE 124 124 124 ILE ILE A . n 
A 1 125 GLU 125 125 125 GLU ALA A . n 
A 1 126 LYS 126 126 126 LYS LYS A . n 
A 1 127 LEU 127 127 127 LEU LEU A . n 
A 1 128 GLU 128 128 128 GLU GLU A . n 
A 1 129 ASP 129 129 129 ASP ASP A . n 
A 1 130 LEU 130 130 130 LEU LEU A . n 
A 1 131 ASP 131 131 131 ASP ASP A . n 
A 1 132 LEU 132 132 132 LEU LEU A . n 
A 1 133 VAL 133 133 133 VAL VAL A . n 
A 1 134 SER 134 134 134 SER SER A . n 
A 1 135 GLN 135 135 135 GLN GLN A . n 
A 1 136 ASP 136 136 136 ASP ASP A . n 
A 1 137 LEU 137 137 137 LEU LEU A . n 
A 1 138 LEU 138 138 138 LEU LEU A . n 
A 1 139 ILE 139 139 139 ILE ILE A . n 
A 1 140 ALA 140 140 140 ALA ALA A . n 
A 1 141 HIS 141 141 141 HIS HIS A . n 
A 1 142 ALA 142 142 142 ALA ALA A . n 
A 1 143 GLY 143 143 143 GLY GLY A . n 
A 1 144 GLU 144 144 144 GLU GLU A . n 
A 1 145 LEU 145 145 145 LEU LEU A . n 
A 1 146 GLU 146 146 146 GLU GLU A . n 
A 1 147 LYS 147 147 147 LYS LYS A . n 
A 1 148 PHE 148 148 148 PHE PHE A . n 
A 1 149 GLN 149 149 149 GLN GLN A . n 
A 1 150 TRP 150 150 150 TRP TRP A . n 
A 1 151 PHE 151 151 151 PHE PHE A . n 
A 1 152 VAL 152 152 152 VAL VAL A . n 
A 1 153 ARG 153 153 153 ARG ARG A . n 
A 1 154 ALA 154 154 154 ALA ALA A . n 
A 1 155 HIS 155 155 155 HIS HIS A . n 
A 1 156 LEU 156 156 156 LEU LEU A . n 
A 1 157 GLU 157 157 157 GLU GLU A . n 
A 1 158 SER 158 158 158 SER SER A . n 
A 1 159 ALA 159 159 159 ALA ALA A . n 
A 1 160 GLY 160 160 160 GLY GLY A . n 
A 1 161 GLY 161 161 161 GLY GLY A . n 
A 1 162 GLN 162 162 162 GLN ALA A . n 
A 1 163 LEU 163 163 163 LEU LEU A . n 
A 1 164 THR 164 164 164 THR THR A . n 
A 1 165 HIS 165 165 165 HIS HIS A . n 
A 1 166 GLU 166 166 166 GLU GLU A . n 
A 1 167 GLY 167 167 167 GLY GLY A . n 
A 1 168 GLN 168 168 168 GLN ALA A . n 
A 1 169 SER 169 169 169 SER SER A . n 
A 1 170 THR 170 170 170 THR ALA A . n 
A 1 171 GLU 171 171 171 GLU GLU A . n 
A 1 172 LYS 172 172 172 LYS GLY A . n 
A 1 173 GLY 173 173 173 GLY GLY A . n 
A 1 174 ALA 174 174 174 ALA ALA A . n 
A 1 175 ALA 175 175 175 ALA ALA A . n 
A 1 176 ASP 176 176 ?   ?   ?   A . n 
A 1 177 LYS 177 177 ?   ?   ?   A . n 
A 1 178 ALA 178 178 ?   ?   ?   A . n 
A 1 179 ARG 179 179 ?   ?   ?   A . n 
A 1 180 ARG 180 180 ?   ?   ?   A . n 
A 1 181 LYS 181 181 ?   ?   ?   A . n 
A 1 182 SER 182 182 ?   ?   ?   A . n 
A 1 183 ALA 183 183 ?   ?   ?   A . n 
# 
loop_
_pdbx_nonpoly_scheme.asym_id 
_pdbx_nonpoly_scheme.entity_id 
_pdbx_nonpoly_scheme.mon_id 
_pdbx_nonpoly_scheme.ndb_seq_num 
_pdbx_nonpoly_scheme.pdb_seq_num 
_pdbx_nonpoly_scheme.auth_seq_num 
_pdbx_nonpoly_scheme.pdb_mon_id 
_pdbx_nonpoly_scheme.auth_mon_id 
_pdbx_nonpoly_scheme.pdb_strand_id 
_pdbx_nonpoly_scheme.pdb_ins_code 
B 2 FE  1  184 1  FE  FE3 A . 
C 2 FE  1  185 2  FE  FE3 A . 
D 3 SO4 1  201 1  SO4 SO4 A . 
E 4 HOH 1  202 1  HOH HOH A . 
E 4 HOH 2  203 2  HOH HOH A . 
E 4 HOH 3  204 3  HOH HOH A . 
E 4 HOH 4  205 4  HOH HOH A . 
E 4 HOH 5  206 5  HOH HOH A . 
E 4 HOH 6  207 6  HOH HOH A . 
E 4 HOH 7  208 7  HOH HOH A . 
E 4 HOH 8  209 8  HOH HOH A . 
E 4 HOH 9  210 9  HOH HOH A . 
E 4 HOH 10 211 10 HOH HOH A . 
E 4 HOH 11 212 11 HOH HOH A . 
E 4 HOH 12 213 12 HOH HOH A . 
E 4 HOH 13 214 13 HOH HOH A . 
E 4 HOH 14 215 14 HOH HOH A . 
E 4 HOH 15 216 15 HOH HOH A . 
E 4 HOH 16 217 17 HOH HOH A . 
E 4 HOH 17 218 18 HOH HOH A . 
E 4 HOH 18 219 19 HOH HOH A . 
E 4 HOH 19 220 20 HOH HOH A . 
E 4 HOH 20 221 21 HOH HOH A . 
E 4 HOH 21 222 22 HOH HOH A . 
E 4 HOH 22 223 23 HOH HOH A . 
E 4 HOH 23 224 24 HOH HOH A . 
E 4 HOH 24 225 25 HOH HOH A . 
E 4 HOH 25 226 26 HOH HOH A . 
E 4 HOH 26 227 27 HOH HOH A . 
E 4 HOH 27 228 28 HOH HOH A . 
E 4 HOH 28 229 29 HOH HOH A . 
E 4 HOH 29 230 30 HOH HOH A . 
E 4 HOH 30 231 31 HOH HOH A . 
E 4 HOH 31 232 32 HOH HOH A . 
E 4 HOH 32 233 33 HOH HOH A . 
E 4 HOH 33 234 34 HOH HOH A . 
E 4 HOH 34 235 35 HOH HOH A . 
E 4 HOH 35 236 36 HOH HOH A . 
E 4 HOH 36 237 37 HOH HOH A . 
E 4 HOH 37 238 38 HOH HOH A . 
E 4 HOH 38 239 39 HOH HOH A . 
E 4 HOH 39 240 40 HOH HOH A . 
E 4 HOH 40 241 41 HOH HOH A . 
E 4 HOH 41 242 42 HOH HOH A . 
E 4 HOH 42 243 43 HOH HOH A . 
E 4 HOH 43 244 44 HOH HOH A . 
E 4 HOH 44 245 45 HOH HOH A . 
E 4 HOH 45 246 46 HOH HOH A . 
E 4 HOH 46 247 47 HOH HOH A . 
E 4 HOH 47 248 48 HOH HOH A . 
E 4 HOH 48 249 49 HOH HOH A . 
E 4 HOH 49 250 50 HOH HOH A . 
E 4 HOH 50 251 51 HOH HOH A . 
E 4 HOH 51 252 52 HOH HOH A . 
E 4 HOH 52 253 53 HOH HOH A . 
E 4 HOH 53 254 54 HOH HOH A . 
E 4 HOH 54 255 55 HOH HOH A . 
E 4 HOH 55 256 56 HOH HOH A . 
# 
loop_
_pdbx_unobs_or_zero_occ_atoms.id 
_pdbx_unobs_or_zero_occ_atoms.PDB_model_num 
_pdbx_unobs_or_zero_occ_atoms.polymer_flag 
_pdbx_unobs_or_zero_occ_atoms.occupancy_flag 
_pdbx_unobs_or_zero_occ_atoms.auth_asym_id 
_pdbx_unobs_or_zero_occ_atoms.auth_comp_id 
_pdbx_unobs_or_zero_occ_atoms.auth_seq_id 
_pdbx_unobs_or_zero_occ_atoms.PDB_ins_code 
_pdbx_unobs_or_zero_occ_atoms.auth_atom_id 
_pdbx_unobs_or_zero_occ_atoms.label_alt_id 
_pdbx_unobs_or_zero_occ_atoms.label_asym_id 
_pdbx_unobs_or_zero_occ_atoms.label_comp_id 
_pdbx_unobs_or_zero_occ_atoms.label_seq_id 
_pdbx_unobs_or_zero_occ_atoms.label_atom_id 
1  1 Y 1 A MET 1   ? CG  ? A MET 1   CG  
2  1 Y 1 A MET 1   ? SD  ? A MET 1   SD  
3  1 Y 1 A MET 1   ? CE  ? A MET 1   CE  
4  1 Y 1 A THR 2   ? OG1 ? A THR 2   OG1 
5  1 Y 1 A THR 2   ? CG2 ? A THR 2   CG2 
6  1 Y 1 A LYS 23  ? CG  ? A LYS 23  CG  
7  1 Y 1 A LYS 23  ? CD  ? A LYS 23  CD  
8  1 Y 1 A LYS 23  ? CE  ? A LYS 23  CE  
9  1 Y 1 A LYS 23  ? NZ  ? A LYS 23  NZ  
10 1 Y 1 A LYS 122 ? CG  ? A LYS 122 CG  
11 1 Y 1 A LYS 122 ? CD  ? A LYS 122 CD  
12 1 Y 1 A LYS 122 ? CE  ? A LYS 122 CE  
13 1 Y 1 A LYS 122 ? NZ  ? A LYS 122 NZ  
14 1 Y 1 A GLU 125 ? CG  ? A GLU 125 CG  
15 1 Y 1 A GLU 125 ? CD  ? A GLU 125 CD  
16 1 Y 1 A GLU 125 ? OE1 ? A GLU 125 OE1 
17 1 Y 1 A GLU 125 ? OE2 ? A GLU 125 OE2 
18 1 Y 1 A GLN 162 ? CG  ? A GLN 162 CG  
19 1 Y 1 A GLN 162 ? CD  ? A GLN 162 CD  
20 1 Y 1 A GLN 162 ? OE1 ? A GLN 162 OE1 
21 1 Y 1 A GLN 162 ? NE2 ? A GLN 162 NE2 
22 1 Y 1 A GLN 168 ? CG  ? A GLN 168 CG  
23 1 Y 1 A GLN 168 ? CD  ? A GLN 168 CD  
24 1 Y 1 A GLN 168 ? OE1 ? A GLN 168 OE1 
25 1 Y 1 A GLN 168 ? NE2 ? A GLN 168 NE2 
26 1 Y 1 A THR 170 ? OG1 ? A THR 170 OG1 
27 1 Y 1 A THR 170 ? CG2 ? A THR 170 CG2 
28 1 Y 1 A LYS 172 ? CB  ? A LYS 172 CB  
29 1 Y 1 A LYS 172 ? CG  ? A LYS 172 CG  
30 1 Y 1 A LYS 172 ? CD  ? A LYS 172 CD  
31 1 Y 1 A LYS 172 ? CE  ? A LYS 172 CE  
32 1 Y 1 A LYS 172 ? NZ  ? A LYS 172 NZ  
# 
loop_
_software.name 
_software.classification 
_software.version 
_software.citation_id 
_software.pdbx_ordinal 
CNS       refinement       1.1 ? 1 
DENZO     'data reduction' .   ? 2 
SCALEPACK 'data scaling'   .   ? 3 
AMoRE     phasing          .   ? 4 
# 
_cell.entry_id           1VEI 
_cell.length_a           179.965 
_cell.length_b           179.965 
_cell.length_c           179.965 
_cell.angle_alpha        90.00 
_cell.angle_beta         90.00 
_cell.angle_gamma        90.00 
_cell.Z_PDB              96 
_cell.pdbx_unique_axis   ? 
# 
_symmetry.entry_id                         1VEI 
_symmetry.space_group_name_H-M             'F 4 3 2' 
_symmetry.pdbx_full_space_group_name_H-M   ? 
_symmetry.cell_setting                     ? 
_symmetry.Int_Tables_number                209 
# 
_exptl.entry_id          1VEI 
_exptl.method            'X-RAY DIFFRACTION' 
_exptl.crystals_number   1 
# 
_exptl_crystal.id                    1 
_exptl_crystal.density_meas          ? 
_exptl_crystal.density_Matthews      3.0 
_exptl_crystal.density_percent_sol   58.6 
_exptl_crystal.description           ? 
# 
_exptl_crystal_grow.crystal_id      1 
_exptl_crystal_grow.method          'VAPOR DIFFUSION, HANGING DROP' 
_exptl_crystal_grow.temp            293 
_exptl_crystal_grow.temp_details    ? 
_exptl_crystal_grow.pH              5.6 
_exptl_crystal_grow.pdbx_details    
;0.2M potassium sodium tatrate tetrahydrate, 2M ammonium sulphate, 0.1M trisodium citrate dihydrate, pH 5.6, VAPOR DIFFUSION, HANGING DROP, temperature 293K
;
_exptl_crystal_grow.pdbx_pH_range   . 
# 
_diffrn.id                     1 
_diffrn.ambient_temp           293 
_diffrn.ambient_temp_details   ? 
_diffrn.crystal_id             1 
# 
_diffrn_detector.diffrn_id              1 
_diffrn_detector.detector               'IMAGE PLATE' 
_diffrn_detector.type                   'MAR scanner 300 mm plate' 
_diffrn_detector.pdbx_collection_date   2003-06-06 
_diffrn_detector.details                ? 
# 
_diffrn_radiation.diffrn_id                        1 
_diffrn_radiation.wavelength_id                    1 
_diffrn_radiation.pdbx_monochromatic_or_laue_m_l   M 
_diffrn_radiation.monochromator                    'Osmic mirror' 
_diffrn_radiation.pdbx_diffrn_protocol             'SINGLE WAVELENGTH' 
_diffrn_radiation.pdbx_scattering_type             x-ray 
# 
_diffrn_radiation_wavelength.id           1 
_diffrn_radiation_wavelength.wavelength   1.5418 
_diffrn_radiation_wavelength.wt           1.0 
# 
_diffrn_source.diffrn_id                   1 
_diffrn_source.source                      'ROTATING ANODE' 
_diffrn_source.type                        'RIGAKU RU200' 
_diffrn_source.pdbx_synchrotron_site       ? 
_diffrn_source.pdbx_synchrotron_beamline   ? 
_diffrn_source.pdbx_wavelength             ? 
_diffrn_source.pdbx_wavelength_list        1.5418 
# 
_reflns.entry_id                     1VEI 
_reflns.observed_criterion_sigma_I   0.0 
_reflns.observed_criterion_sigma_F   0.0 
_reflns.d_resolution_low             30.0 
_reflns.d_resolution_high            2.85 
_reflns.number_obs                   6271 
_reflns.number_all                   ? 
_reflns.percent_possible_obs         99.6 
_reflns.pdbx_Rmerge_I_obs            0.097 
_reflns.pdbx_Rsym_value              ? 
_reflns.pdbx_netI_over_sigmaI        21.6 
_reflns.B_iso_Wilson_estimate        85.7 
_reflns.pdbx_redundancy              14.5 
_reflns.R_free_details               ? 
_reflns.limit_h_max                  ? 
_reflns.limit_h_min                  ? 
_reflns.limit_k_max                  ? 
_reflns.limit_k_min                  ? 
_reflns.limit_l_max                  ? 
_reflns.limit_l_min                  ? 
_reflns.observed_criterion_F_max     ? 
_reflns.observed_criterion_F_min     ? 
_reflns.pdbx_ordinal                 1 
_reflns.pdbx_diffrn_id               1 
# 
_reflns_shell.d_res_high             2.85 
_reflns_shell.d_res_low              3.03 
_reflns_shell.percent_possible_all   99.6 
_reflns_shell.Rmerge_I_obs           0.557 
_reflns_shell.pdbx_Rsym_value        ? 
_reflns_shell.meanI_over_sigI_obs    ? 
_reflns_shell.pdbx_redundancy        ? 
_reflns_shell.percent_possible_obs   ? 
_reflns_shell.number_unique_all      604 
_reflns_shell.pdbx_ordinal           1 
_reflns_shell.pdbx_diffrn_id         1 
# 
_refine.entry_id                                 1VEI 
_refine.ls_number_reflns_obs                     6271 
_refine.ls_number_reflns_all                     ? 
_refine.pdbx_ls_sigma_I                          ? 
_refine.pdbx_ls_sigma_F                          .0 
_refine.pdbx_data_cutoff_high_absF               3944477.76 
_refine.pdbx_data_cutoff_low_absF                .000000 
_refine.pdbx_data_cutoff_high_rms_absF           ? 
_refine.ls_d_res_low                             27.45 
_refine.ls_d_res_high                            2.85 
_refine.ls_percent_reflns_obs                    99.8 
_refine.ls_R_factor_obs                          0.198 
_refine.ls_R_factor_all                          ? 
_refine.ls_R_factor_R_work                       0.198 
_refine.ls_R_factor_R_free                       0.25 
_refine.ls_R_factor_R_free_error                 .009 
_refine.ls_R_factor_R_free_error_details         ? 
_refine.ls_percent_reflns_R_free                 11.0 
_refine.ls_number_reflns_R_free                  691 
_refine.ls_number_parameters                     ? 
_refine.ls_number_restraints                     ? 
_refine.occupancy_min                            ? 
_refine.occupancy_max                            ? 
_refine.correlation_coeff_Fo_to_Fc               ? 
_refine.correlation_coeff_Fo_to_Fc_free          ? 
_refine.B_iso_mean                               66.5 
_refine.aniso_B[1][1]                            .00 
_refine.aniso_B[2][2]                            .00 
_refine.aniso_B[3][3]                            .00 
_refine.aniso_B[1][2]                            .00 
_refine.aniso_B[1][3]                            .00 
_refine.aniso_B[2][3]                            .00 
_refine.solvent_model_details                    'FLAT MODEL' 
_refine.solvent_model_param_ksol                 .339456 
_refine.solvent_model_param_bsol                 80.6984 
_refine.pdbx_solvent_vdw_probe_radii             ? 
_refine.pdbx_solvent_ion_probe_radii             ? 
_refine.pdbx_solvent_shrinkage_radii             ? 
_refine.pdbx_ls_cross_valid_method               THROUGHOUT 
_refine.details                                  ? 
_refine.pdbx_starting_model                      ? 
_refine.pdbx_method_to_determine_struct          'MOLECULAR REPLACEMENT' 
_refine.pdbx_isotropic_thermal_model             GROUP 
_refine.pdbx_stereochemistry_target_values       'Engh & Huber' 
_refine.pdbx_stereochem_target_val_spec_case     ? 
_refine.pdbx_R_Free_selection_details            RANDOM 
_refine.pdbx_overall_ESU_R                       ? 
_refine.pdbx_overall_ESU_R_Free                  ? 
_refine.overall_SU_ML                            ? 
_refine.overall_SU_B                             ? 
_refine.ls_redundancy_reflns_obs                 ? 
_refine.B_iso_min                                ? 
_refine.B_iso_max                                ? 
_refine.overall_SU_R_Cruickshank_DPI             ? 
_refine.overall_SU_R_free                        ? 
_refine.pdbx_refine_id                           'X-RAY DIFFRACTION' 
_refine.pdbx_diffrn_id                           1 
_refine.pdbx_TLS_residual_ADP_flag               ? 
_refine.pdbx_overall_phase_error                 ? 
_refine.pdbx_overall_SU_R_free_Cruickshank_DPI   ? 
_refine.pdbx_overall_SU_R_Blow_DPI               ? 
_refine.pdbx_overall_SU_R_free_Blow_DPI          ? 
# 
_refine_analyze.entry_id                        1VEI 
_refine_analyze.Luzzati_coordinate_error_obs    .35 
_refine_analyze.Luzzati_sigma_a_obs             .53 
_refine_analyze.Luzzati_d_res_low_obs           5.00 
_refine_analyze.Luzzati_coordinate_error_free   .44 
_refine_analyze.Luzzati_sigma_a_free            .62 
_refine_analyze.Luzzati_d_res_low_free          ? 
_refine_analyze.number_disordered_residues      ? 
_refine_analyze.occupancy_sum_hydrogen          ? 
_refine_analyze.occupancy_sum_non_hydrogen      ? 
_refine_analyze.pdbx_Luzzati_d_res_high_obs     ? 
_refine_analyze.pdbx_refine_id                  'X-RAY DIFFRACTION' 
# 
_refine_hist.pdbx_refine_id                   'X-RAY DIFFRACTION' 
_refine_hist.cycle_id                         LAST 
_refine_hist.pdbx_number_atoms_protein        1333 
_refine_hist.pdbx_number_atoms_nucleic_acid   0 
_refine_hist.pdbx_number_atoms_ligand         7 
_refine_hist.number_atoms_solvent             55 
_refine_hist.number_atoms_total               1395 
_refine_hist.d_res_high                       2.85 
_refine_hist.d_res_low                        27.45 
# 
loop_
_refine_ls_restr.type 
_refine_ls_restr.dev_ideal 
_refine_ls_restr.dev_ideal_target 
_refine_ls_restr.weight 
_refine_ls_restr.number 
_refine_ls_restr.pdbx_refine_id 
_refine_ls_restr.pdbx_restraint_function 
c_bond_d           .007 ? ? ? 'X-RAY DIFFRACTION' ? 
c_angle_deg        1.3  ? ? ? 'X-RAY DIFFRACTION' ? 
c_dihedral_angle_d 19.2 ? ? ? 'X-RAY DIFFRACTION' ? 
c_improper_angle_d .85  ? ? ? 'X-RAY DIFFRACTION' ? 
# 
_refine_ls_shell.pdbx_total_number_of_bins_used   6 
_refine_ls_shell.d_res_high                       2.85 
_refine_ls_shell.d_res_low                        3.03 
_refine_ls_shell.number_reflns_R_work             902 
_refine_ls_shell.R_factor_R_work                  0.364 
_refine_ls_shell.percent_reflns_obs               99.6 
_refine_ls_shell.R_factor_R_free                  0.427 
_refine_ls_shell.R_factor_R_free_error            .040 
_refine_ls_shell.percent_reflns_R_free            11.3 
_refine_ls_shell.number_reflns_R_free             115 
_refine_ls_shell.number_reflns_obs                ? 
_refine_ls_shell.redundancy_reflns_obs            ? 
_refine_ls_shell.number_reflns_all                ? 
_refine_ls_shell.pdbx_refine_id                   'X-RAY DIFFRACTION' 
_refine_ls_shell.R_factor_all                     ? 
# 
loop_
_pdbx_xplor_file.serial_no 
_pdbx_xplor_file.param_file 
_pdbx_xplor_file.topol_file 
_pdbx_xplor_file.pdbx_refine_id 
1 PROTEIN_REP.PARAM PROTEIN.TOP 'X-RAY DIFFRACTION' 
2 WATER_REP.PARAM   WATER.TOP   'X-RAY DIFFRACTION' 
3 ION.PARAM         ION.TOP     'X-RAY DIFFRACTION' 
# 
_struct.entry_id                  1VEI 
_struct.title                     'Mycobacterium smegmatis Dps' 
_struct.pdbx_model_details        ? 
_struct.pdbx_CASP_flag            ? 
_struct.pdbx_model_type_details   ? 
# 
_struct_keywords.entry_id        1VEI 
_struct_keywords.pdbx_keywords   'DNA BINDING PROTEIN' 
_struct_keywords.text            'DNA-binding protein, DNA BINDING PROTEIN' 
# 
loop_
_struct_asym.id 
_struct_asym.pdbx_blank_PDB_chainid_flag 
_struct_asym.pdbx_modified 
_struct_asym.entity_id 
_struct_asym.details 
A N N 1 ? 
B N N 2 ? 
C N N 2 ? 
D N N 3 ? 
E N N 4 ? 
# 
_struct_ref.id                         1 
_struct_ref.db_name                    UNP 
_struct_ref.db_code                    Q8VP75_MYCSM 
_struct_ref.pdbx_db_accession          Q8VP75 
_struct_ref.entity_id                  1 
_struct_ref.pdbx_seq_one_letter_code   
;MTSFTIPGLSDKKASDVADLLQKQLSTYNDLHLTLKHVHWNVVGPNFIGVHEMIDPQVELVRGYADEVAERIATLGKSPK
GTPGAIIKDRTWDDYSVERDTVQAHLAALDLVYNGVIEDTRKSIEKLEDLDLVSQDLLIAHAGELEKFQWFVRAHLESAG
GQLTHEGQSTEKGAADKARRKSA
;
_struct_ref.pdbx_align_begin           1 
_struct_ref.pdbx_db_isoform            ? 
# 
_struct_ref_seq.align_id                      1 
_struct_ref_seq.ref_id                        1 
_struct_ref_seq.pdbx_PDB_id_code              1VEI 
_struct_ref_seq.pdbx_strand_id                A 
_struct_ref_seq.seq_align_beg                 1 
_struct_ref_seq.pdbx_seq_align_beg_ins_code   ? 
_struct_ref_seq.seq_align_end                 183 
_struct_ref_seq.pdbx_seq_align_end_ins_code   ? 
_struct_ref_seq.pdbx_db_accession             Q8VP75 
_struct_ref_seq.db_align_beg                  1 
_struct_ref_seq.pdbx_db_align_beg_ins_code    ? 
_struct_ref_seq.db_align_end                  183 
_struct_ref_seq.pdbx_db_align_end_ins_code    ? 
_struct_ref_seq.pdbx_auth_seq_align_beg       1 
_struct_ref_seq.pdbx_auth_seq_align_end       183 
# 
_pdbx_struct_assembly.id                   1 
_pdbx_struct_assembly.details              author_and_software_defined_assembly 
_pdbx_struct_assembly.method_details       PISA,PQS 
_pdbx_struct_assembly.oligomeric_details   dodecameric 
_pdbx_struct_assembly.oligomeric_count     12 
# 
loop_
_pdbx_struct_assembly_prop.biol_id 
_pdbx_struct_assembly_prop.type 
_pdbx_struct_assembly_prop.value 
_pdbx_struct_assembly_prop.details 
1 'ABSA (A^2)' 53830 ? 
1 MORE         -695  ? 
1 'SSA (A^2)'  66240 ? 
# 
_pdbx_struct_assembly_gen.assembly_id       1 
_pdbx_struct_assembly_gen.oper_expression   1,2,3,4,5,6,7,8,9,10,11,12 
_pdbx_struct_assembly_gen.asym_id_list      A,B,C,D,E 
# 
loop_
_pdbx_struct_oper_list.id 
_pdbx_struct_oper_list.type 
_pdbx_struct_oper_list.name 
_pdbx_struct_oper_list.symmetry_operation 
_pdbx_struct_oper_list.matrix[1][1] 
_pdbx_struct_oper_list.matrix[1][2] 
_pdbx_struct_oper_list.matrix[1][3] 
_pdbx_struct_oper_list.vector[1] 
_pdbx_struct_oper_list.matrix[2][1] 
_pdbx_struct_oper_list.matrix[2][2] 
_pdbx_struct_oper_list.matrix[2][3] 
_pdbx_struct_oper_list.vector[2] 
_pdbx_struct_oper_list.matrix[3][1] 
_pdbx_struct_oper_list.matrix[3][2] 
_pdbx_struct_oper_list.matrix[3][3] 
_pdbx_struct_oper_list.vector[3] 
1  'identity operation'         1_555  x,y,z           1.0000000000  0.0000000000  0.0000000000  0.0000000000   0.0000000000  1.0000000000  0.0000000000  0.0000000000  0.0000000000  0.0000000000  1.0000000000  0.0000000000  
2  'crystal symmetry operation' 5_555  z,x,y           -0.4910087148 -0.8278280516 0.2713137647  10.0697923554  0.8700615001  -0.4504057501 0.2003188617  30.3980298902 -0.0436282933 0.3344179679  0.9414144649  -6.4338509156 
3  'crystal symmetry operation' 9_555  y,z,x           -0.4910087148 0.8700615001  -0.0436282933 -21.7844976180 -0.8278280516 -0.4504057501 0.3344179679  24.1790993880 0.2713137647  0.2003188617  0.9414144649  -2.7644517014 
4  'crystal symmetry operation' 28_555 x,-y+1/2,-z+1/2 -0.0204545764 0.2926315467  -0.9560064791 13.0623722576  0.2926315467  -0.9125786104 -0.2855994709 50.9601677588 -0.9560064791 -0.2855994709 -0.0669668132 28.9827948699 
5  'crystal symmetry operation' 30_555 z,-x+1/2,-y+1/2 0.3063597489  -0.4345758033 -0.8469283178 27.9026245860  -0.9252239369 0.0732724556  -0.3722792149 28.0038192134 0.2238400564  0.8976497193  -0.3796322045 11.1052013746 
6  'crystal symmetry operation' 35_555 y,-z+1/2,-x+1/2 -0.4915829448 -0.3411058004 -0.8012446825 23.2263659192  0.5342864656  0.6084271351  -0.5868171725 23.3095335499 0.6876657480  -0.7165635032 -0.1168441903 43.0885042667 
7  'crystal symmetry operation' 51_555 -x+1/2,y,-z+1/2 -0.0143526309 -0.5306006708 0.8475004012  -8.9403371600  -0.5306006708 -0.7143632898 -0.4562324169 48.7390888478 0.8475004012  -0.4562324169 -0.2712840793 40.9120904119 
8  'crystal symmetry operation' 56_555 -z+1/2,x,-y+1/2 -0.4915829448 0.5342864656  0.6876657480  -30.6667714575 -0.3411058004 0.6084271351  -0.7165635032 24.6161449855 -0.8012446825 -0.5868171725 -0.1168441903 37.3230781487 
9  'crystal symmetry operation' 58_555 -y+1/2,z,-x+1/2 0.6762319108  0.3962682372  0.6210329194  -23.7999925878 0.7281173892  -0.2312938407 -0.6452505147 44.2865293951 -0.1120511949 0.8885238564  -0.4449380701 12.1683827217 
10 'crystal symmetry operation' 74_555 -x+1/2,-y+1/2,z -0.9651927927 0.2379691241  0.1085060779  -11.6043854858 0.2379691241  0.6269419002  0.7418318878  -7.8187782778 0.1085060779  0.7418318878  -0.6617491075 20.8702048171 
11 'crystal symmetry operation' 79_555 -z+1/2,-x+1/2,y 0.6762319108  0.7281173892  -0.1120511949 -14.7879958721 0.3962682372  -0.2312938407 0.8885238564  8.8624842397  0.6210329194  -0.6452505147 -0.4449380701 48.7706614913 
12 'crystal symmetry operation' 84_555 -y+1/2,-z+1/2,x 0.3063597489  -0.9252239369 0.2238400564  14.8757738985  -0.4345758033 0.0732724556  0.8976497193  0.1053159957  -0.8469283178 -0.3722792149 -0.3796322045 38.2726548120  
# 
_struct_biol.id                    1 
_struct_biol.pdbx_parent_biol_id   ? 
_struct_biol.details               ? 
# 
loop_
_struct_conf.conf_type_id 
_struct_conf.id 
_struct_conf.pdbx_PDB_helix_id 
_struct_conf.beg_label_comp_id 
_struct_conf.beg_label_asym_id 
_struct_conf.beg_label_seq_id 
_struct_conf.pdbx_beg_PDB_ins_code 
_struct_conf.end_label_comp_id 
_struct_conf.end_label_asym_id 
_struct_conf.end_label_seq_id 
_struct_conf.pdbx_end_PDB_ins_code 
_struct_conf.beg_auth_comp_id 
_struct_conf.beg_auth_asym_id 
_struct_conf.beg_auth_seq_id 
_struct_conf.end_auth_comp_id 
_struct_conf.end_auth_asym_id 
_struct_conf.end_auth_seq_id 
_struct_conf.pdbx_PDB_helix_class 
_struct_conf.details 
_struct_conf.pdbx_PDB_helix_length 
HELX_P HELX_P1 1 SER A 10  ? ASN A 41  ? SER A 10  ASN A 41  1 ? 32 
HELX_P HELX_P2 2 ASN A 46  ? GLY A 76  ? ASN A 46  GLY A 76  1 ? 31 
HELX_P HELX_P3 3 THR A 82  ? ARG A 90  ? THR A 82  ARG A 90  1 ? 9  
HELX_P HELX_P4 4 VAL A 102 ? GLU A 128 ? VAL A 102 GLU A 128 1 ? 27 
HELX_P HELX_P5 5 ASP A 131 ? HIS A 155 ? ASP A 131 HIS A 155 1 ? 25 
# 
_struct_conf_type.id          HELX_P 
_struct_conf_type.criteria    ? 
_struct_conf_type.reference   ? 
# 
loop_
_struct_conn.id 
_struct_conn.conn_type_id 
_struct_conn.pdbx_leaving_atom_flag 
_struct_conn.pdbx_PDB_id 
_struct_conn.ptnr1_label_asym_id 
_struct_conn.ptnr1_label_comp_id 
_struct_conn.ptnr1_label_seq_id 
_struct_conn.ptnr1_label_atom_id 
_struct_conn.pdbx_ptnr1_label_alt_id 
_struct_conn.pdbx_ptnr1_PDB_ins_code 
_struct_conn.pdbx_ptnr1_standard_comp_id 
_struct_conn.ptnr1_symmetry 
_struct_conn.ptnr2_label_asym_id 
_struct_conn.ptnr2_label_comp_id 
_struct_conn.ptnr2_label_seq_id 
_struct_conn.ptnr2_label_atom_id 
_struct_conn.pdbx_ptnr2_label_alt_id 
_struct_conn.pdbx_ptnr2_PDB_ins_code 
_struct_conn.ptnr1_auth_asym_id 
_struct_conn.ptnr1_auth_comp_id 
_struct_conn.ptnr1_auth_seq_id 
_struct_conn.ptnr2_auth_asym_id 
_struct_conn.ptnr2_auth_comp_id 
_struct_conn.ptnr2_auth_seq_id 
_struct_conn.ptnr2_symmetry 
_struct_conn.pdbx_ptnr3_label_atom_id 
_struct_conn.pdbx_ptnr3_label_seq_id 
_struct_conn.pdbx_ptnr3_label_comp_id 
_struct_conn.pdbx_ptnr3_label_asym_id 
_struct_conn.pdbx_ptnr3_label_alt_id 
_struct_conn.pdbx_ptnr3_PDB_ins_code 
_struct_conn.details 
_struct_conn.pdbx_dist_value 
_struct_conn.pdbx_value_order 
_struct_conn.pdbx_role 
metalc1 metalc ? ? A HIS 39 NE2 ? ? ? 74_555 B FE . FE ? ? A HIS 39 A FE 184 1_555 ? ? ? ? ? ? ? 2.490 ? ? 
metalc2 metalc ? ? A ASP 66 OD1 ? ? ? 1_555  B FE . FE ? ? A ASP 66 A FE 184 1_555 ? ? ? ? ? ? ? 2.445 ? ? 
metalc3 metalc ? ? A GLU 70 OE2 ? ? ? 1_555  B FE . FE ? ? A GLU 70 A FE 184 1_555 ? ? ? ? ? ? ? 2.568 ? ? 
# 
_struct_conn_type.id          metalc 
_struct_conn_type.criteria    ? 
_struct_conn_type.reference   ? 
# 
loop_
_pdbx_struct_conn_angle.id 
_pdbx_struct_conn_angle.ptnr1_label_atom_id 
_pdbx_struct_conn_angle.ptnr1_label_alt_id 
_pdbx_struct_conn_angle.ptnr1_label_asym_id 
_pdbx_struct_conn_angle.ptnr1_label_comp_id 
_pdbx_struct_conn_angle.ptnr1_label_seq_id 
_pdbx_struct_conn_angle.ptnr1_auth_atom_id 
_pdbx_struct_conn_angle.ptnr1_auth_asym_id 
_pdbx_struct_conn_angle.ptnr1_auth_comp_id 
_pdbx_struct_conn_angle.ptnr1_auth_seq_id 
_pdbx_struct_conn_angle.ptnr1_PDB_ins_code 
_pdbx_struct_conn_angle.ptnr1_symmetry 
_pdbx_struct_conn_angle.ptnr2_label_atom_id 
_pdbx_struct_conn_angle.ptnr2_label_alt_id 
_pdbx_struct_conn_angle.ptnr2_label_asym_id 
_pdbx_struct_conn_angle.ptnr2_label_comp_id 
_pdbx_struct_conn_angle.ptnr2_label_seq_id 
_pdbx_struct_conn_angle.ptnr2_auth_atom_id 
_pdbx_struct_conn_angle.ptnr2_auth_asym_id 
_pdbx_struct_conn_angle.ptnr2_auth_comp_id 
_pdbx_struct_conn_angle.ptnr2_auth_seq_id 
_pdbx_struct_conn_angle.ptnr2_PDB_ins_code 
_pdbx_struct_conn_angle.ptnr2_symmetry 
_pdbx_struct_conn_angle.ptnr3_label_atom_id 
_pdbx_struct_conn_angle.ptnr3_label_alt_id 
_pdbx_struct_conn_angle.ptnr3_label_asym_id 
_pdbx_struct_conn_angle.ptnr3_label_comp_id 
_pdbx_struct_conn_angle.ptnr3_label_seq_id 
_pdbx_struct_conn_angle.ptnr3_auth_atom_id 
_pdbx_struct_conn_angle.ptnr3_auth_asym_id 
_pdbx_struct_conn_angle.ptnr3_auth_comp_id 
_pdbx_struct_conn_angle.ptnr3_auth_seq_id 
_pdbx_struct_conn_angle.ptnr3_PDB_ins_code 
_pdbx_struct_conn_angle.ptnr3_symmetry 
_pdbx_struct_conn_angle.value 
_pdbx_struct_conn_angle.value_esd 
1 NE2 ? A HIS 39 ? A HIS 39 ? 74_555 FE ? B FE . ? A FE 184 ? 1_555 OD1 ? A ASP 66 ? A ASP 66 ? 1_555 120.3 ? 
2 NE2 ? A HIS 39 ? A HIS 39 ? 74_555 FE ? B FE . ? A FE 184 ? 1_555 OE2 ? A GLU 70 ? A GLU 70 ? 1_555 92.7  ? 
3 OD1 ? A ASP 66 ? A ASP 66 ? 1_555  FE ? B FE . ? A FE 184 ? 1_555 OE2 ? A GLU 70 ? A GLU 70 ? 1_555 77.9  ? 
# 
_struct_sheet.id               A 
_struct_sheet.type             ? 
_struct_sheet.number_strands   2 
_struct_sheet.details          ? 
# 
_struct_sheet_order.sheet_id     A 
_struct_sheet_order.range_id_1   1 
_struct_sheet_order.range_id_2   2 
_struct_sheet_order.offset       ? 
_struct_sheet_order.sense        parallel 
# 
loop_
_struct_sheet_range.sheet_id 
_struct_sheet_range.id 
_struct_sheet_range.beg_label_comp_id 
_struct_sheet_range.beg_label_asym_id 
_struct_sheet_range.beg_label_seq_id 
_struct_sheet_range.pdbx_beg_PDB_ins_code 
_struct_sheet_range.end_label_comp_id 
_struct_sheet_range.end_label_asym_id 
_struct_sheet_range.end_label_seq_id 
_struct_sheet_range.pdbx_end_PDB_ins_code 
_struct_sheet_range.beg_auth_comp_id 
_struct_sheet_range.beg_auth_asym_id 
_struct_sheet_range.beg_auth_seq_id 
_struct_sheet_range.end_auth_comp_id 
_struct_sheet_range.end_auth_asym_id 
_struct_sheet_range.end_auth_seq_id 
A 1 VAL A 42  ? VAL A 43  ? VAL A 42  VAL A 43  
A 2 ASP A 100 ? THR A 101 ? ASP A 100 THR A 101 
# 
_pdbx_struct_sheet_hbond.sheet_id                A 
_pdbx_struct_sheet_hbond.range_id_1              1 
_pdbx_struct_sheet_hbond.range_id_2              2 
_pdbx_struct_sheet_hbond.range_1_label_atom_id   N 
_pdbx_struct_sheet_hbond.range_1_label_comp_id   VAL 
_pdbx_struct_sheet_hbond.range_1_label_asym_id   A 
_pdbx_struct_sheet_hbond.range_1_label_seq_id    43 
_pdbx_struct_sheet_hbond.range_1_PDB_ins_code    ? 
_pdbx_struct_sheet_hbond.range_1_auth_atom_id    N 
_pdbx_struct_sheet_hbond.range_1_auth_comp_id    VAL 
_pdbx_struct_sheet_hbond.range_1_auth_asym_id    A 
_pdbx_struct_sheet_hbond.range_1_auth_seq_id     43 
_pdbx_struct_sheet_hbond.range_2_label_atom_id   O 
_pdbx_struct_sheet_hbond.range_2_label_comp_id   ASP 
_pdbx_struct_sheet_hbond.range_2_label_asym_id   A 
_pdbx_struct_sheet_hbond.range_2_label_seq_id    100 
_pdbx_struct_sheet_hbond.range_2_PDB_ins_code    ? 
_pdbx_struct_sheet_hbond.range_2_auth_atom_id    O 
_pdbx_struct_sheet_hbond.range_2_auth_comp_id    ASP 
_pdbx_struct_sheet_hbond.range_2_auth_asym_id    A 
_pdbx_struct_sheet_hbond.range_2_auth_seq_id     100 
# 
loop_
_struct_site.id 
_struct_site.pdbx_evidence_code 
_struct_site.pdbx_auth_asym_id 
_struct_site.pdbx_auth_comp_id 
_struct_site.pdbx_auth_seq_id 
_struct_site.pdbx_auth_ins_code 
_struct_site.pdbx_num_residues 
_struct_site.details 
AC1 Software A FE  184 ? 3 'BINDING SITE FOR RESIDUE FE A 184'  
AC2 Software A FE  185 ? 3 'BINDING SITE FOR RESIDUE FE A 185'  
AC3 Software A SO4 201 ? 4 'BINDING SITE FOR RESIDUE SO4 A 201' 
# 
loop_
_struct_site_gen.id 
_struct_site_gen.site_id 
_struct_site_gen.pdbx_num_res 
_struct_site_gen.label_comp_id 
_struct_site_gen.label_asym_id 
_struct_site_gen.label_seq_id 
_struct_site_gen.pdbx_auth_ins_code 
_struct_site_gen.auth_comp_id 
_struct_site_gen.auth_asym_id 
_struct_site_gen.auth_seq_id 
_struct_site_gen.label_atom_id 
_struct_site_gen.label_alt_id 
_struct_site_gen.symmetry 
_struct_site_gen.details 
1  AC1 3 HIS A 39 ? HIS A 39  . ? 74_555 ? 
2  AC1 3 ASP A 66 ? ASP A 66  . ? 1_555  ? 
3  AC1 3 GLU A 70 ? GLU A 70  . ? 1_555  ? 
4  AC2 3 LYS A 36 ? LYS A 36  . ? 74_555 ? 
5  AC2 3 ASP A 66 ? ASP A 66  . ? 1_555  ? 
6  AC2 3 HOH E .  ? HOH A 213 . ? 74_555 ? 
7  AC3 4 LYS A 77 ? LYS A 77  . ? 74_555 ? 
8  AC3 4 SER A 78 ? SER A 78  . ? 74_555 ? 
9  AC3 4 LYS A 80 ? LYS A 80  . ? 74_555 ? 
10 AC3 4 ARG A 99 ? ARG A 99  . ? 1_555  ? 
# 
loop_
_pdbx_validate_torsion.id 
_pdbx_validate_torsion.PDB_model_num 
_pdbx_validate_torsion.auth_comp_id 
_pdbx_validate_torsion.auth_asym_id 
_pdbx_validate_torsion.auth_seq_id 
_pdbx_validate_torsion.PDB_ins_code 
_pdbx_validate_torsion.label_alt_id 
_pdbx_validate_torsion.phi 
_pdbx_validate_torsion.psi 
1  1 THR A 5   ? ? -172.99 -179.43 
2  1 ASN A 41  ? ? -103.15 44.73   
3  1 TYR A 95  ? ? -35.57  126.43  
4  1 GLU A 98  ? ? -131.16 -154.40 
5  1 THR A 101 ? ? -48.25  155.05  
6  1 ASP A 131 ? ? -161.02 104.92  
7  1 ALA A 159 ? ? -12.48  -46.79  
8  1 LEU A 163 ? ? 3.31    135.43  
9  1 THR A 170 ? ? 79.93   64.57   
10 1 GLU A 171 ? ? 78.59   172.80  
11 1 LYS A 172 ? ? 128.61  46.01   
# 
loop_
_pdbx_unobs_or_zero_occ_residues.id 
_pdbx_unobs_or_zero_occ_residues.PDB_model_num 
_pdbx_unobs_or_zero_occ_residues.polymer_flag 
_pdbx_unobs_or_zero_occ_residues.occupancy_flag 
_pdbx_unobs_or_zero_occ_residues.auth_asym_id 
_pdbx_unobs_or_zero_occ_residues.auth_comp_id 
_pdbx_unobs_or_zero_occ_residues.auth_seq_id 
_pdbx_unobs_or_zero_occ_residues.PDB_ins_code 
_pdbx_unobs_or_zero_occ_residues.label_asym_id 
_pdbx_unobs_or_zero_occ_residues.label_comp_id 
_pdbx_unobs_or_zero_occ_residues.label_seq_id 
1 1 Y 1 A ASP 176 ? A ASP 176 
2 1 Y 1 A LYS 177 ? A LYS 177 
3 1 Y 1 A ALA 178 ? A ALA 178 
4 1 Y 1 A ARG 179 ? A ARG 179 
5 1 Y 1 A ARG 180 ? A ARG 180 
6 1 Y 1 A LYS 181 ? A LYS 181 
7 1 Y 1 A SER 182 ? A SER 182 
8 1 Y 1 A ALA 183 ? A ALA 183 
# 
loop_
_chem_comp_atom.comp_id 
_chem_comp_atom.atom_id 
_chem_comp_atom.type_symbol 
_chem_comp_atom.pdbx_aromatic_flag 
_chem_comp_atom.pdbx_stereo_config 
_chem_comp_atom.pdbx_ordinal 
ALA N    N  N N 1   
ALA CA   C  N S 2   
ALA C    C  N N 3   
ALA O    O  N N 4   
ALA CB   C  N N 5   
ALA OXT  O  N N 6   
ALA H    H  N N 7   
ALA H2   H  N N 8   
ALA HA   H  N N 9   
ALA HB1  H  N N 10  
ALA HB2  H  N N 11  
ALA HB3  H  N N 12  
ALA HXT  H  N N 13  
ARG N    N  N N 14  
ARG CA   C  N S 15  
ARG C    C  N N 16  
ARG O    O  N N 17  
ARG CB   C  N N 18  
ARG CG   C  N N 19  
ARG CD   C  N N 20  
ARG NE   N  N N 21  
ARG CZ   C  N N 22  
ARG NH1  N  N N 23  
ARG NH2  N  N N 24  
ARG OXT  O  N N 25  
ARG H    H  N N 26  
ARG H2   H  N N 27  
ARG HA   H  N N 28  
ARG HB2  H  N N 29  
ARG HB3  H  N N 30  
ARG HG2  H  N N 31  
ARG HG3  H  N N 32  
ARG HD2  H  N N 33  
ARG HD3  H  N N 34  
ARG HE   H  N N 35  
ARG HH11 H  N N 36  
ARG HH12 H  N N 37  
ARG HH21 H  N N 38  
ARG HH22 H  N N 39  
ARG HXT  H  N N 40  
ASN N    N  N N 41  
ASN CA   C  N S 42  
ASN C    C  N N 43  
ASN O    O  N N 44  
ASN CB   C  N N 45  
ASN CG   C  N N 46  
ASN OD1  O  N N 47  
ASN ND2  N  N N 48  
ASN OXT  O  N N 49  
ASN H    H  N N 50  
ASN H2   H  N N 51  
ASN HA   H  N N 52  
ASN HB2  H  N N 53  
ASN HB3  H  N N 54  
ASN HD21 H  N N 55  
ASN HD22 H  N N 56  
ASN HXT  H  N N 57  
ASP N    N  N N 58  
ASP CA   C  N S 59  
ASP C    C  N N 60  
ASP O    O  N N 61  
ASP CB   C  N N 62  
ASP CG   C  N N 63  
ASP OD1  O  N N 64  
ASP OD2  O  N N 65  
ASP OXT  O  N N 66  
ASP H    H  N N 67  
ASP H2   H  N N 68  
ASP HA   H  N N 69  
ASP HB2  H  N N 70  
ASP HB3  H  N N 71  
ASP HD2  H  N N 72  
ASP HXT  H  N N 73  
FE  FE   FE N N 74  
GLN N    N  N N 75  
GLN CA   C  N S 76  
GLN C    C  N N 77  
GLN O    O  N N 78  
GLN CB   C  N N 79  
GLN CG   C  N N 80  
GLN CD   C  N N 81  
GLN OE1  O  N N 82  
GLN NE2  N  N N 83  
GLN OXT  O  N N 84  
GLN H    H  N N 85  
GLN H2   H  N N 86  
GLN HA   H  N N 87  
GLN HB2  H  N N 88  
GLN HB3  H  N N 89  
GLN HG2  H  N N 90  
GLN HG3  H  N N 91  
GLN HE21 H  N N 92  
GLN HE22 H  N N 93  
GLN HXT  H  N N 94  
GLU N    N  N N 95  
GLU CA   C  N S 96  
GLU C    C  N N 97  
GLU O    O  N N 98  
GLU CB   C  N N 99  
GLU CG   C  N N 100 
GLU CD   C  N N 101 
GLU OE1  O  N N 102 
GLU OE2  O  N N 103 
GLU OXT  O  N N 104 
GLU H    H  N N 105 
GLU H2   H  N N 106 
GLU HA   H  N N 107 
GLU HB2  H  N N 108 
GLU HB3  H  N N 109 
GLU HG2  H  N N 110 
GLU HG3  H  N N 111 
GLU HE2  H  N N 112 
GLU HXT  H  N N 113 
GLY N    N  N N 114 
GLY CA   C  N N 115 
GLY C    C  N N 116 
GLY O    O  N N 117 
GLY OXT  O  N N 118 
GLY H    H  N N 119 
GLY H2   H  N N 120 
GLY HA2  H  N N 121 
GLY HA3  H  N N 122 
GLY HXT  H  N N 123 
HIS N    N  N N 124 
HIS CA   C  N S 125 
HIS C    C  N N 126 
HIS O    O  N N 127 
HIS CB   C  N N 128 
HIS CG   C  Y N 129 
HIS ND1  N  Y N 130 
HIS CD2  C  Y N 131 
HIS CE1  C  Y N 132 
HIS NE2  N  Y N 133 
HIS OXT  O  N N 134 
HIS H    H  N N 135 
HIS H2   H  N N 136 
HIS HA   H  N N 137 
HIS HB2  H  N N 138 
HIS HB3  H  N N 139 
HIS HD1  H  N N 140 
HIS HD2  H  N N 141 
HIS HE1  H  N N 142 
HIS HE2  H  N N 143 
HIS HXT  H  N N 144 
HOH O    O  N N 145 
HOH H1   H  N N 146 
HOH H2   H  N N 147 
ILE N    N  N N 148 
ILE CA   C  N S 149 
ILE C    C  N N 150 
ILE O    O  N N 151 
ILE CB   C  N S 152 
ILE CG1  C  N N 153 
ILE CG2  C  N N 154 
ILE CD1  C  N N 155 
ILE OXT  O  N N 156 
ILE H    H  N N 157 
ILE H2   H  N N 158 
ILE HA   H  N N 159 
ILE HB   H  N N 160 
ILE HG12 H  N N 161 
ILE HG13 H  N N 162 
ILE HG21 H  N N 163 
ILE HG22 H  N N 164 
ILE HG23 H  N N 165 
ILE HD11 H  N N 166 
ILE HD12 H  N N 167 
ILE HD13 H  N N 168 
ILE HXT  H  N N 169 
LEU N    N  N N 170 
LEU CA   C  N S 171 
LEU C    C  N N 172 
LEU O    O  N N 173 
LEU CB   C  N N 174 
LEU CG   C  N N 175 
LEU CD1  C  N N 176 
LEU CD2  C  N N 177 
LEU OXT  O  N N 178 
LEU H    H  N N 179 
LEU H2   H  N N 180 
LEU HA   H  N N 181 
LEU HB2  H  N N 182 
LEU HB3  H  N N 183 
LEU HG   H  N N 184 
LEU HD11 H  N N 185 
LEU HD12 H  N N 186 
LEU HD13 H  N N 187 
LEU HD21 H  N N 188 
LEU HD22 H  N N 189 
LEU HD23 H  N N 190 
LEU HXT  H  N N 191 
LYS N    N  N N 192 
LYS CA   C  N S 193 
LYS C    C  N N 194 
LYS O    O  N N 195 
LYS CB   C  N N 196 
LYS CG   C  N N 197 
LYS CD   C  N N 198 
LYS CE   C  N N 199 
LYS NZ   N  N N 200 
LYS OXT  O  N N 201 
LYS H    H  N N 202 
LYS H2   H  N N 203 
LYS HA   H  N N 204 
LYS HB2  H  N N 205 
LYS HB3  H  N N 206 
LYS HG2  H  N N 207 
LYS HG3  H  N N 208 
LYS HD2  H  N N 209 
LYS HD3  H  N N 210 
LYS HE2  H  N N 211 
LYS HE3  H  N N 212 
LYS HZ1  H  N N 213 
LYS HZ2  H  N N 214 
LYS HZ3  H  N N 215 
LYS HXT  H  N N 216 
MET N    N  N N 217 
MET CA   C  N S 218 
MET C    C  N N 219 
MET O    O  N N 220 
MET CB   C  N N 221 
MET CG   C  N N 222 
MET SD   S  N N 223 
MET CE   C  N N 224 
MET OXT  O  N N 225 
MET H    H  N N 226 
MET H2   H  N N 227 
MET HA   H  N N 228 
MET HB2  H  N N 229 
MET HB3  H  N N 230 
MET HG2  H  N N 231 
MET HG3  H  N N 232 
MET HE1  H  N N 233 
MET HE2  H  N N 234 
MET HE3  H  N N 235 
MET HXT  H  N N 236 
PHE N    N  N N 237 
PHE CA   C  N S 238 
PHE C    C  N N 239 
PHE O    O  N N 240 
PHE CB   C  N N 241 
PHE CG   C  Y N 242 
PHE CD1  C  Y N 243 
PHE CD2  C  Y N 244 
PHE CE1  C  Y N 245 
PHE CE2  C  Y N 246 
PHE CZ   C  Y N 247 
PHE OXT  O  N N 248 
PHE H    H  N N 249 
PHE H2   H  N N 250 
PHE HA   H  N N 251 
PHE HB2  H  N N 252 
PHE HB3  H  N N 253 
PHE HD1  H  N N 254 
PHE HD2  H  N N 255 
PHE HE1  H  N N 256 
PHE HE2  H  N N 257 
PHE HZ   H  N N 258 
PHE HXT  H  N N 259 
PRO N    N  N N 260 
PRO CA   C  N S 261 
PRO C    C  N N 262 
PRO O    O  N N 263 
PRO CB   C  N N 264 
PRO CG   C  N N 265 
PRO CD   C  N N 266 
PRO OXT  O  N N 267 
PRO H    H  N N 268 
PRO HA   H  N N 269 
PRO HB2  H  N N 270 
PRO HB3  H  N N 271 
PRO HG2  H  N N 272 
PRO HG3  H  N N 273 
PRO HD2  H  N N 274 
PRO HD3  H  N N 275 
PRO HXT  H  N N 276 
SER N    N  N N 277 
SER CA   C  N S 278 
SER C    C  N N 279 
SER O    O  N N 280 
SER CB   C  N N 281 
SER OG   O  N N 282 
SER OXT  O  N N 283 
SER H    H  N N 284 
SER H2   H  N N 285 
SER HA   H  N N 286 
SER HB2  H  N N 287 
SER HB3  H  N N 288 
SER HG   H  N N 289 
SER HXT  H  N N 290 
SO4 S    S  N N 291 
SO4 O1   O  N N 292 
SO4 O2   O  N N 293 
SO4 O3   O  N N 294 
SO4 O4   O  N N 295 
THR N    N  N N 296 
THR CA   C  N S 297 
THR C    C  N N 298 
THR O    O  N N 299 
THR CB   C  N R 300 
THR OG1  O  N N 301 
THR CG2  C  N N 302 
THR OXT  O  N N 303 
THR H    H  N N 304 
THR H2   H  N N 305 
THR HA   H  N N 306 
THR HB   H  N N 307 
THR HG1  H  N N 308 
THR HG21 H  N N 309 
THR HG22 H  N N 310 
THR HG23 H  N N 311 
THR HXT  H  N N 312 
TRP N    N  N N 313 
TRP CA   C  N S 314 
TRP C    C  N N 315 
TRP O    O  N N 316 
TRP CB   C  N N 317 
TRP CG   C  Y N 318 
TRP CD1  C  Y N 319 
TRP CD2  C  Y N 320 
TRP NE1  N  Y N 321 
TRP CE2  C  Y N 322 
TRP CE3  C  Y N 323 
TRP CZ2  C  Y N 324 
TRP CZ3  C  Y N 325 
TRP CH2  C  Y N 326 
TRP OXT  O  N N 327 
TRP H    H  N N 328 
TRP H2   H  N N 329 
TRP HA   H  N N 330 
TRP HB2  H  N N 331 
TRP HB3  H  N N 332 
TRP HD1  H  N N 333 
TRP HE1  H  N N 334 
TRP HE3  H  N N 335 
TRP HZ2  H  N N 336 
TRP HZ3  H  N N 337 
TRP HH2  H  N N 338 
TRP HXT  H  N N 339 
TYR N    N  N N 340 
TYR CA   C  N S 341 
TYR C    C  N N 342 
TYR O    O  N N 343 
TYR CB   C  N N 344 
TYR CG   C  Y N 345 
TYR CD1  C  Y N 346 
TYR CD2  C  Y N 347 
TYR CE1  C  Y N 348 
TYR CE2  C  Y N 349 
TYR CZ   C  Y N 350 
TYR OH   O  N N 351 
TYR OXT  O  N N 352 
TYR H    H  N N 353 
TYR H2   H  N N 354 
TYR HA   H  N N 355 
TYR HB2  H  N N 356 
TYR HB3  H  N N 357 
TYR HD1  H  N N 358 
TYR HD2  H  N N 359 
TYR HE1  H  N N 360 
TYR HE2  H  N N 361 
TYR HH   H  N N 362 
TYR HXT  H  N N 363 
VAL N    N  N N 364 
VAL CA   C  N S 365 
VAL C    C  N N 366 
VAL O    O  N N 367 
VAL CB   C  N N 368 
VAL CG1  C  N N 369 
VAL CG2  C  N N 370 
VAL OXT  O  N N 371 
VAL H    H  N N 372 
VAL H2   H  N N 373 
VAL HA   H  N N 374 
VAL HB   H  N N 375 
VAL HG11 H  N N 376 
VAL HG12 H  N N 377 
VAL HG13 H  N N 378 
VAL HG21 H  N N 379 
VAL HG22 H  N N 380 
VAL HG23 H  N N 381 
VAL HXT  H  N N 382 
# 
loop_
_chem_comp_bond.comp_id 
_chem_comp_bond.atom_id_1 
_chem_comp_bond.atom_id_2 
_chem_comp_bond.value_order 
_chem_comp_bond.pdbx_aromatic_flag 
_chem_comp_bond.pdbx_stereo_config 
_chem_comp_bond.pdbx_ordinal 
ALA N   CA   sing N N 1   
ALA N   H    sing N N 2   
ALA N   H2   sing N N 3   
ALA CA  C    sing N N 4   
ALA CA  CB   sing N N 5   
ALA CA  HA   sing N N 6   
ALA C   O    doub N N 7   
ALA C   OXT  sing N N 8   
ALA CB  HB1  sing N N 9   
ALA CB  HB2  sing N N 10  
ALA CB  HB3  sing N N 11  
ALA OXT HXT  sing N N 12  
ARG N   CA   sing N N 13  
ARG N   H    sing N N 14  
ARG N   H2   sing N N 15  
ARG CA  C    sing N N 16  
ARG CA  CB   sing N N 17  
ARG CA  HA   sing N N 18  
ARG C   O    doub N N 19  
ARG C   OXT  sing N N 20  
ARG CB  CG   sing N N 21  
ARG CB  HB2  sing N N 22  
ARG CB  HB3  sing N N 23  
ARG CG  CD   sing N N 24  
ARG CG  HG2  sing N N 25  
ARG CG  HG3  sing N N 26  
ARG CD  NE   sing N N 27  
ARG CD  HD2  sing N N 28  
ARG CD  HD3  sing N N 29  
ARG NE  CZ   sing N N 30  
ARG NE  HE   sing N N 31  
ARG CZ  NH1  sing N N 32  
ARG CZ  NH2  doub N N 33  
ARG NH1 HH11 sing N N 34  
ARG NH1 HH12 sing N N 35  
ARG NH2 HH21 sing N N 36  
ARG NH2 HH22 sing N N 37  
ARG OXT HXT  sing N N 38  
ASN N   CA   sing N N 39  
ASN N   H    sing N N 40  
ASN N   H2   sing N N 41  
ASN CA  C    sing N N 42  
ASN CA  CB   sing N N 43  
ASN CA  HA   sing N N 44  
ASN C   O    doub N N 45  
ASN C   OXT  sing N N 46  
ASN CB  CG   sing N N 47  
ASN CB  HB2  sing N N 48  
ASN CB  HB3  sing N N 49  
ASN CG  OD1  doub N N 50  
ASN CG  ND2  sing N N 51  
ASN ND2 HD21 sing N N 52  
ASN ND2 HD22 sing N N 53  
ASN OXT HXT  sing N N 54  
ASP N   CA   sing N N 55  
ASP N   H    sing N N 56  
ASP N   H2   sing N N 57  
ASP CA  C    sing N N 58  
ASP CA  CB   sing N N 59  
ASP CA  HA   sing N N 60  
ASP C   O    doub N N 61  
ASP C   OXT  sing N N 62  
ASP CB  CG   sing N N 63  
ASP CB  HB2  sing N N 64  
ASP CB  HB3  sing N N 65  
ASP CG  OD1  doub N N 66  
ASP CG  OD2  sing N N 67  
ASP OD2 HD2  sing N N 68  
ASP OXT HXT  sing N N 69  
GLN N   CA   sing N N 70  
GLN N   H    sing N N 71  
GLN N   H2   sing N N 72  
GLN CA  C    sing N N 73  
GLN CA  CB   sing N N 74  
GLN CA  HA   sing N N 75  
GLN C   O    doub N N 76  
GLN C   OXT  sing N N 77  
GLN CB  CG   sing N N 78  
GLN CB  HB2  sing N N 79  
GLN CB  HB3  sing N N 80  
GLN CG  CD   sing N N 81  
GLN CG  HG2  sing N N 82  
GLN CG  HG3  sing N N 83  
GLN CD  OE1  doub N N 84  
GLN CD  NE2  sing N N 85  
GLN NE2 HE21 sing N N 86  
GLN NE2 HE22 sing N N 87  
GLN OXT HXT  sing N N 88  
GLU N   CA   sing N N 89  
GLU N   H    sing N N 90  
GLU N   H2   sing N N 91  
GLU CA  C    sing N N 92  
GLU CA  CB   sing N N 93  
GLU CA  HA   sing N N 94  
GLU C   O    doub N N 95  
GLU C   OXT  sing N N 96  
GLU CB  CG   sing N N 97  
GLU CB  HB2  sing N N 98  
GLU CB  HB3  sing N N 99  
GLU CG  CD   sing N N 100 
GLU CG  HG2  sing N N 101 
GLU CG  HG3  sing N N 102 
GLU CD  OE1  doub N N 103 
GLU CD  OE2  sing N N 104 
GLU OE2 HE2  sing N N 105 
GLU OXT HXT  sing N N 106 
GLY N   CA   sing N N 107 
GLY N   H    sing N N 108 
GLY N   H2   sing N N 109 
GLY CA  C    sing N N 110 
GLY CA  HA2  sing N N 111 
GLY CA  HA3  sing N N 112 
GLY C   O    doub N N 113 
GLY C   OXT  sing N N 114 
GLY OXT HXT  sing N N 115 
HIS N   CA   sing N N 116 
HIS N   H    sing N N 117 
HIS N   H2   sing N N 118 
HIS CA  C    sing N N 119 
HIS CA  CB   sing N N 120 
HIS CA  HA   sing N N 121 
HIS C   O    doub N N 122 
HIS C   OXT  sing N N 123 
HIS CB  CG   sing N N 124 
HIS CB  HB2  sing N N 125 
HIS CB  HB3  sing N N 126 
HIS CG  ND1  sing Y N 127 
HIS CG  CD2  doub Y N 128 
HIS ND1 CE1  doub Y N 129 
HIS ND1 HD1  sing N N 130 
HIS CD2 NE2  sing Y N 131 
HIS CD2 HD2  sing N N 132 
HIS CE1 NE2  sing Y N 133 
HIS CE1 HE1  sing N N 134 
HIS NE2 HE2  sing N N 135 
HIS OXT HXT  sing N N 136 
HOH O   H1   sing N N 137 
HOH O   H2   sing N N 138 
ILE N   CA   sing N N 139 
ILE N   H    sing N N 140 
ILE N   H2   sing N N 141 
ILE CA  C    sing N N 142 
ILE CA  CB   sing N N 143 
ILE CA  HA   sing N N 144 
ILE C   O    doub N N 145 
ILE C   OXT  sing N N 146 
ILE CB  CG1  sing N N 147 
ILE CB  CG2  sing N N 148 
ILE CB  HB   sing N N 149 
ILE CG1 CD1  sing N N 150 
ILE CG1 HG12 sing N N 151 
ILE CG1 HG13 sing N N 152 
ILE CG2 HG21 sing N N 153 
ILE CG2 HG22 sing N N 154 
ILE CG2 HG23 sing N N 155 
ILE CD1 HD11 sing N N 156 
ILE CD1 HD12 sing N N 157 
ILE CD1 HD13 sing N N 158 
ILE OXT HXT  sing N N 159 
LEU N   CA   sing N N 160 
LEU N   H    sing N N 161 
LEU N   H2   sing N N 162 
LEU CA  C    sing N N 163 
LEU CA  CB   sing N N 164 
LEU CA  HA   sing N N 165 
LEU C   O    doub N N 166 
LEU C   OXT  sing N N 167 
LEU CB  CG   sing N N 168 
LEU CB  HB2  sing N N 169 
LEU CB  HB3  sing N N 170 
LEU CG  CD1  sing N N 171 
LEU CG  CD2  sing N N 172 
LEU CG  HG   sing N N 173 
LEU CD1 HD11 sing N N 174 
LEU CD1 HD12 sing N N 175 
LEU CD1 HD13 sing N N 176 
LEU CD2 HD21 sing N N 177 
LEU CD2 HD22 sing N N 178 
LEU CD2 HD23 sing N N 179 
LEU OXT HXT  sing N N 180 
LYS N   CA   sing N N 181 
LYS N   H    sing N N 182 
LYS N   H2   sing N N 183 
LYS CA  C    sing N N 184 
LYS CA  CB   sing N N 185 
LYS CA  HA   sing N N 186 
LYS C   O    doub N N 187 
LYS C   OXT  sing N N 188 
LYS CB  CG   sing N N 189 
LYS CB  HB2  sing N N 190 
LYS CB  HB3  sing N N 191 
LYS CG  CD   sing N N 192 
LYS CG  HG2  sing N N 193 
LYS CG  HG3  sing N N 194 
LYS CD  CE   sing N N 195 
LYS CD  HD2  sing N N 196 
LYS CD  HD3  sing N N 197 
LYS CE  NZ   sing N N 198 
LYS CE  HE2  sing N N 199 
LYS CE  HE3  sing N N 200 
LYS NZ  HZ1  sing N N 201 
LYS NZ  HZ2  sing N N 202 
LYS NZ  HZ3  sing N N 203 
LYS OXT HXT  sing N N 204 
MET N   CA   sing N N 205 
MET N   H    sing N N 206 
MET N   H2   sing N N 207 
MET CA  C    sing N N 208 
MET CA  CB   sing N N 209 
MET CA  HA   sing N N 210 
MET C   O    doub N N 211 
MET C   OXT  sing N N 212 
MET CB  CG   sing N N 213 
MET CB  HB2  sing N N 214 
MET CB  HB3  sing N N 215 
MET CG  SD   sing N N 216 
MET CG  HG2  sing N N 217 
MET CG  HG3  sing N N 218 
MET SD  CE   sing N N 219 
MET CE  HE1  sing N N 220 
MET CE  HE2  sing N N 221 
MET CE  HE3  sing N N 222 
MET OXT HXT  sing N N 223 
PHE N   CA   sing N N 224 
PHE N   H    sing N N 225 
PHE N   H2   sing N N 226 
PHE CA  C    sing N N 227 
PHE CA  CB   sing N N 228 
PHE CA  HA   sing N N 229 
PHE C   O    doub N N 230 
PHE C   OXT  sing N N 231 
PHE CB  CG   sing N N 232 
PHE CB  HB2  sing N N 233 
PHE CB  HB3  sing N N 234 
PHE CG  CD1  doub Y N 235 
PHE CG  CD2  sing Y N 236 
PHE CD1 CE1  sing Y N 237 
PHE CD1 HD1  sing N N 238 
PHE CD2 CE2  doub Y N 239 
PHE CD2 HD2  sing N N 240 
PHE CE1 CZ   doub Y N 241 
PHE CE1 HE1  sing N N 242 
PHE CE2 CZ   sing Y N 243 
PHE CE2 HE2  sing N N 244 
PHE CZ  HZ   sing N N 245 
PHE OXT HXT  sing N N 246 
PRO N   CA   sing N N 247 
PRO N   CD   sing N N 248 
PRO N   H    sing N N 249 
PRO CA  C    sing N N 250 
PRO CA  CB   sing N N 251 
PRO CA  HA   sing N N 252 
PRO C   O    doub N N 253 
PRO C   OXT  sing N N 254 
PRO CB  CG   sing N N 255 
PRO CB  HB2  sing N N 256 
PRO CB  HB3  sing N N 257 
PRO CG  CD   sing N N 258 
PRO CG  HG2  sing N N 259 
PRO CG  HG3  sing N N 260 
PRO CD  HD2  sing N N 261 
PRO CD  HD3  sing N N 262 
PRO OXT HXT  sing N N 263 
SER N   CA   sing N N 264 
SER N   H    sing N N 265 
SER N   H2   sing N N 266 
SER CA  C    sing N N 267 
SER CA  CB   sing N N 268 
SER CA  HA   sing N N 269 
SER C   O    doub N N 270 
SER C   OXT  sing N N 271 
SER CB  OG   sing N N 272 
SER CB  HB2  sing N N 273 
SER CB  HB3  sing N N 274 
SER OG  HG   sing N N 275 
SER OXT HXT  sing N N 276 
SO4 S   O1   doub N N 277 
SO4 S   O2   doub N N 278 
SO4 S   O3   sing N N 279 
SO4 S   O4   sing N N 280 
THR N   CA   sing N N 281 
THR N   H    sing N N 282 
THR N   H2   sing N N 283 
THR CA  C    sing N N 284 
THR CA  CB   sing N N 285 
THR CA  HA   sing N N 286 
THR C   O    doub N N 287 
THR C   OXT  sing N N 288 
THR CB  OG1  sing N N 289 
THR CB  CG2  sing N N 290 
THR CB  HB   sing N N 291 
THR OG1 HG1  sing N N 292 
THR CG2 HG21 sing N N 293 
THR CG2 HG22 sing N N 294 
THR CG2 HG23 sing N N 295 
THR OXT HXT  sing N N 296 
TRP N   CA   sing N N 297 
TRP N   H    sing N N 298 
TRP N   H2   sing N N 299 
TRP CA  C    sing N N 300 
TRP CA  CB   sing N N 301 
TRP CA  HA   sing N N 302 
TRP C   O    doub N N 303 
TRP C   OXT  sing N N 304 
TRP CB  CG   sing N N 305 
TRP CB  HB2  sing N N 306 
TRP CB  HB3  sing N N 307 
TRP CG  CD1  doub Y N 308 
TRP CG  CD2  sing Y N 309 
TRP CD1 NE1  sing Y N 310 
TRP CD1 HD1  sing N N 311 
TRP CD2 CE2  doub Y N 312 
TRP CD2 CE3  sing Y N 313 
TRP NE1 CE2  sing Y N 314 
TRP NE1 HE1  sing N N 315 
TRP CE2 CZ2  sing Y N 316 
TRP CE3 CZ3  doub Y N 317 
TRP CE3 HE3  sing N N 318 
TRP CZ2 CH2  doub Y N 319 
TRP CZ2 HZ2  sing N N 320 
TRP CZ3 CH2  sing Y N 321 
TRP CZ3 HZ3  sing N N 322 
TRP CH2 HH2  sing N N 323 
TRP OXT HXT  sing N N 324 
TYR N   CA   sing N N 325 
TYR N   H    sing N N 326 
TYR N   H2   sing N N 327 
TYR CA  C    sing N N 328 
TYR CA  CB   sing N N 329 
TYR CA  HA   sing N N 330 
TYR C   O    doub N N 331 
TYR C   OXT  sing N N 332 
TYR CB  CG   sing N N 333 
TYR CB  HB2  sing N N 334 
TYR CB  HB3  sing N N 335 
TYR CG  CD1  doub Y N 336 
TYR CG  CD2  sing Y N 337 
TYR CD1 CE1  sing Y N 338 
TYR CD1 HD1  sing N N 339 
TYR CD2 CE2  doub Y N 340 
TYR CD2 HD2  sing N N 341 
TYR CE1 CZ   doub Y N 342 
TYR CE1 HE1  sing N N 343 
TYR CE2 CZ   sing Y N 344 
TYR CE2 HE2  sing N N 345 
TYR CZ  OH   sing N N 346 
TYR OH  HH   sing N N 347 
TYR OXT HXT  sing N N 348 
VAL N   CA   sing N N 349 
VAL N   H    sing N N 350 
VAL N   H2   sing N N 351 
VAL CA  C    sing N N 352 
VAL CA  CB   sing N N 353 
VAL CA  HA   sing N N 354 
VAL C   O    doub N N 355 
VAL C   OXT  sing N N 356 
VAL CB  CG1  sing N N 357 
VAL CB  CG2  sing N N 358 
VAL CB  HB   sing N N 359 
VAL CG1 HG11 sing N N 360 
VAL CG1 HG12 sing N N 361 
VAL CG1 HG13 sing N N 362 
VAL CG2 HG21 sing N N 363 
VAL CG2 HG22 sing N N 364 
VAL CG2 HG23 sing N N 365 
VAL OXT HXT  sing N N 366 
# 
_atom_sites.entry_id                    1VEI 
_atom_sites.fract_transf_matrix[1][1]   -0.00388900 
_atom_sites.fract_transf_matrix[1][2]   -0.00116181 
_atom_sites.fract_transf_matrix[1][3]   0.00379554 
_atom_sites.fract_transf_matrix[2][1]   0.00390109 
_atom_sites.fract_transf_matrix[2][2]   -0.00210006 
_atom_sites.fract_transf_matrix[2][3]   0.00335432 
_atom_sites.fract_transf_matrix[3][1]   0.00073309 
_atom_sites.fract_transf_matrix[3][2]   0.00501200 
_atom_sites.fract_transf_matrix[3][3]   0.00228531 
_atom_sites.fract_transf_vector[1]      0.183303 
_atom_sites.fract_transf_vector[2]      0.229439 
_atom_sites.fract_transf_vector[3]      0.084405 
# 
loop_
_atom_type.symbol 
C  
FE 
N  
O  
S  
# 
loop_
_atom_site.group_PDB 
_atom_site.id 
_atom_site.type_symbol 
_atom_site.label_atom_id 
_atom_site.label_alt_id 
_atom_site.label_comp_id 
_atom_site.label_asym_id 
_atom_site.label_entity_id 
_atom_site.label_seq_id 
_atom_site.pdbx_PDB_ins_code 
_atom_site.Cartn_x 
_atom_site.Cartn_y 
_atom_site.Cartn_z 
_atom_site.occupancy 
_atom_site.B_iso_or_equiv 
_atom_site.pdbx_formal_charge 
_atom_site.auth_seq_id 
_atom_site.auth_comp_id 
_atom_site.auth_asym_id 
_atom_site.auth_atom_id 
_atom_site.pdbx_PDB_model_num 
ATOM   1    N  N   . MET A 1 1   ? -36.139 0.834   -3.845  1.00 147.94 ? 1   MET A N   1 
ATOM   2    C  CA  . MET A 1 1   ? -34.771 1.139   -3.338  1.00 147.94 ? 1   MET A CA  1 
ATOM   3    C  C   . MET A 1 1   ? -33.856 1.544   -4.505  1.00 147.94 ? 1   MET A C   1 
ATOM   4    O  O   . MET A 1 1   ? -33.053 0.745   -4.991  1.00 147.94 ? 1   MET A O   1 
ATOM   5    C  CB  . MET A 1 1   ? -34.203 -0.088  -2.608  1.00 76.80  ? 1   MET A CB  1 
ATOM   6    N  N   . THR A 1 2   ? -33.981 2.796   -4.939  1.00 147.94 ? 2   THR A N   1 
ATOM   7    C  CA  . THR A 1 2   ? -33.188 3.332   -6.046  1.00 147.94 ? 2   THR A CA  1 
ATOM   8    C  C   . THR A 1 2   ? -31.714 3.518   -5.684  1.00 147.94 ? 2   THR A C   1 
ATOM   9    O  O   . THR A 1 2   ? -31.371 4.347   -4.847  1.00 147.94 ? 2   THR A O   1 
ATOM   10   C  CB  . THR A 1 2   ? -33.782 4.665   -6.516  1.00 133.92 ? 2   THR A CB  1 
ATOM   11   N  N   . SER A 1 3   ? -30.847 2.747   -6.332  1.00 147.94 ? 3   SER A N   1 
ATOM   12   C  CA  . SER A 1 3   ? -29.405 2.821   -6.095  1.00 147.94 ? 3   SER A CA  1 
ATOM   13   C  C   . SER A 1 3   ? -28.896 4.210   -6.473  1.00 147.94 ? 3   SER A C   1 
ATOM   14   O  O   . SER A 1 3   ? -29.324 4.778   -7.477  1.00 147.94 ? 3   SER A O   1 
ATOM   15   C  CB  . SER A 1 3   ? -28.679 1.753   -6.921  1.00 94.99  ? 3   SER A CB  1 
ATOM   16   O  OG  . SER A 1 3   ? -27.287 1.746   -6.639  1.00 94.99  ? 3   SER A OG  1 
ATOM   17   N  N   . PHE A 1 4   ? -27.980 4.750   -5.670  1.00 113.14 ? 4   PHE A N   1 
ATOM   18   C  CA  . PHE A 1 4   ? -27.444 6.088   -5.912  1.00 113.14 ? 4   PHE A CA  1 
ATOM   19   C  C   . PHE A 1 4   ? -25.962 6.125   -6.286  1.00 113.14 ? 4   PHE A C   1 
ATOM   20   O  O   . PHE A 1 4   ? -25.288 5.097   -6.344  1.00 113.14 ? 4   PHE A O   1 
ATOM   21   C  CB  . PHE A 1 4   ? -27.675 6.956   -4.672  1.00 88.49  ? 4   PHE A CB  1 
ATOM   22   C  CG  . PHE A 1 4   ? -26.803 6.588   -3.504  1.00 88.49  ? 4   PHE A CG  1 
ATOM   23   C  CD1 . PHE A 1 4   ? -25.532 7.144   -3.358  1.00 88.49  ? 4   PHE A CD1 1 
ATOM   24   C  CD2 . PHE A 1 4   ? -27.238 5.665   -2.563  1.00 88.49  ? 4   PHE A CD2 1 
ATOM   25   C  CE1 . PHE A 1 4   ? -24.712 6.784   -2.295  1.00 88.49  ? 4   PHE A CE1 1 
ATOM   26   C  CE2 . PHE A 1 4   ? -26.421 5.299   -1.495  1.00 88.49  ? 4   PHE A CE2 1 
ATOM   27   C  CZ  . PHE A 1 4   ? -25.157 5.861   -1.363  1.00 88.49  ? 4   PHE A CZ  1 
ATOM   28   N  N   . THR A 1 5   ? -25.468 7.336   -6.535  1.00 63.61  ? 5   THR A N   1 
ATOM   29   C  CA  . THR A 1 5   ? -24.073 7.566   -6.895  1.00 63.61  ? 5   THR A CA  1 
ATOM   30   C  C   . THR A 1 5   ? -23.808 9.082   -6.938  1.00 63.61  ? 5   THR A C   1 
ATOM   31   O  O   . THR A 1 5   ? -24.703 9.889   -6.677  1.00 63.61  ? 5   THR A O   1 
ATOM   32   C  CB  . THR A 1 5   ? -23.732 6.916   -8.279  1.00 58.23  ? 5   THR A CB  1 
ATOM   33   O  OG1 . THR A 1 5   ? -22.383 6.437   -8.260  1.00 58.23  ? 5   THR A OG1 1 
ATOM   34   C  CG2 . THR A 1 5   ? -23.879 7.931   -9.429  1.00 58.23  ? 5   THR A CG2 1 
ATOM   35   N  N   . ILE A 1 6   ? -22.577 9.455   -7.266  1.00 70.43  ? 6   ILE A N   1 
ATOM   36   C  CA  . ILE A 1 6   ? -22.173 10.853  -7.349  1.00 70.43  ? 6   ILE A CA  1 
ATOM   37   C  C   . ILE A 1 6   ? -22.868 11.605  -8.487  1.00 70.43  ? 6   ILE A C   1 
ATOM   38   O  O   . ILE A 1 6   ? -22.980 11.099  -9.605  1.00 70.43  ? 6   ILE A O   1 
ATOM   39   C  CB  . ILE A 1 6   ? -20.634 10.950  -7.530  1.00 53.81  ? 6   ILE A CB  1 
ATOM   40   C  CG1 . ILE A 1 6   ? -19.949 10.542  -6.229  1.00 53.81  ? 6   ILE A CG1 1 
ATOM   41   C  CG2 . ILE A 1 6   ? -20.222 12.352  -7.964  1.00 53.81  ? 6   ILE A CG2 1 
ATOM   42   C  CD1 . ILE A 1 6   ? -18.456 10.587  -6.295  1.00 53.81  ? 6   ILE A CD1 1 
ATOM   43   N  N   . PRO A 1 7   ? -23.359 12.824  -8.204  1.00 91.01  ? 7   PRO A N   1 
ATOM   44   C  CA  . PRO A 1 7   ? -24.040 13.654  -9.204  1.00 91.01  ? 7   PRO A CA  1 
ATOM   45   C  C   . PRO A 1 7   ? -23.132 13.913  -10.404 1.00 91.01  ? 7   PRO A C   1 
ATOM   46   O  O   . PRO A 1 7   ? -22.041 14.466  -10.257 1.00 91.01  ? 7   PRO A O   1 
ATOM   47   C  CB  . PRO A 1 7   ? -24.352 14.936  -8.433  1.00 76.66  ? 7   PRO A CB  1 
ATOM   48   C  CG  . PRO A 1 7   ? -24.573 14.437  -7.047  1.00 76.66  ? 7   PRO A CG  1 
ATOM   49   C  CD  . PRO A 1 7   ? -23.444 13.442  -6.869  1.00 76.66  ? 7   PRO A CD  1 
ATOM   50   N  N   . GLY A 1 8   ? -23.586 13.515  -11.588 1.00 87.72  ? 8   GLY A N   1 
ATOM   51   C  CA  . GLY A 1 8   ? -22.793 13.713  -12.784 1.00 87.72  ? 8   GLY A CA  1 
ATOM   52   C  C   . GLY A 1 8   ? -21.825 12.571  -13.049 1.00 87.72  ? 8   GLY A C   1 
ATOM   53   O  O   . GLY A 1 8   ? -20.746 12.776  -13.603 1.00 87.72  ? 8   GLY A O   1 
ATOM   54   N  N   . LEU A 1 9   ? -22.202 11.363  -12.643 1.00 88.66  ? 9   LEU A N   1 
ATOM   55   C  CA  . LEU A 1 9   ? -21.364 10.191  -12.859 1.00 88.66  ? 9   LEU A CA  1 
ATOM   56   C  C   . LEU A 1 9   ? -22.239 9.023   -13.293 1.00 88.66  ? 9   LEU A C   1 
ATOM   57   O  O   . LEU A 1 9   ? -23.257 8.725   -12.659 1.00 88.66  ? 9   LEU A O   1 
ATOM   58   C  CB  . LEU A 1 9   ? -20.613 9.812   -11.581 1.00 54.38  ? 9   LEU A CB  1 
ATOM   59   C  CG  . LEU A 1 9   ? -19.101 9.561   -11.655 1.00 54.38  ? 9   LEU A CG  1 
ATOM   60   C  CD1 . LEU A 1 9   ? -18.748 8.393   -10.750 1.00 54.38  ? 9   LEU A CD1 1 
ATOM   61   C  CD2 . LEU A 1 9   ? -18.679 9.254   -13.071 1.00 54.38  ? 9   LEU A CD2 1 
ATOM   62   N  N   . SER A 1 10  ? -21.836 8.366   -14.378 1.00 89.43  ? 10  SER A N   1 
ATOM   63   C  CA  . SER A 1 10  ? -22.574 7.232   -14.924 1.00 89.43  ? 10  SER A CA  1 
ATOM   64   C  C   . SER A 1 10  ? -22.373 5.984   -14.083 1.00 89.43  ? 10  SER A C   1 
ATOM   65   O  O   . SER A 1 10  ? -21.240 5.608   -13.784 1.00 89.43  ? 10  SER A O   1 
ATOM   66   C  CB  . SER A 1 10  ? -22.124 6.950   -16.360 1.00 111.27 ? 10  SER A CB  1 
ATOM   67   O  OG  . SER A 1 10  ? -20.736 6.659   -16.415 1.00 111.27 ? 10  SER A OG  1 
ATOM   68   N  N   . ASP A 1 11  ? -23.476 5.346   -13.708 1.00 70.09  ? 11  ASP A N   1 
ATOM   69   C  CA  . ASP A 1 11  ? -23.424 4.128   -12.910 1.00 70.09  ? 11  ASP A CA  1 
ATOM   70   C  C   . ASP A 1 11  ? -22.366 3.183   -13.470 1.00 70.09  ? 11  ASP A C   1 
ATOM   71   O  O   . ASP A 1 11  ? -21.771 2.395   -12.732 1.00 70.09  ? 11  ASP A O   1 
ATOM   72   C  CB  . ASP A 1 11  ? -24.786 3.445   -12.909 1.00 125.38 ? 11  ASP A CB  1 
ATOM   73   C  CG  . ASP A 1 11  ? -25.857 4.301   -12.277 1.00 125.38 ? 11  ASP A CG  1 
ATOM   74   O  OD1 . ASP A 1 11  ? -26.059 5.442   -12.746 1.00 125.38 ? 11  ASP A OD1 1 
ATOM   75   O  OD2 . ASP A 1 11  ? -26.491 3.833   -11.309 1.00 125.38 ? 11  ASP A OD2 1 
ATOM   76   N  N   . LYS A 1 12  ? -22.139 3.266   -14.776 1.00 120.72 ? 12  LYS A N   1 
ATOM   77   C  CA  . LYS A 1 12  ? -21.143 2.425   -15.414 1.00 120.72 ? 12  LYS A CA  1 
ATOM   78   C  C   . LYS A 1 12  ? -19.797 2.718   -14.769 1.00 120.72 ? 12  LYS A C   1 
ATOM   79   O  O   . LYS A 1 12  ? -19.141 1.822   -14.238 1.00 120.72 ? 12  LYS A O   1 
ATOM   80   C  CB  . LYS A 1 12  ? -21.073 2.729   -16.912 1.00 140.16 ? 12  LYS A CB  1 
ATOM   81   C  CG  . LYS A 1 12  ? -20.012 1.934   -17.663 1.00 140.16 ? 12  LYS A CG  1 
ATOM   82   C  CD  . LYS A 1 12  ? -19.918 2.354   -19.128 1.00 140.16 ? 12  LYS A CD  1 
ATOM   83   C  CE  . LYS A 1 12  ? -19.466 3.803   -19.281 1.00 140.16 ? 12  LYS A CE  1 
ATOM   84   N  NZ  . LYS A 1 12  ? -19.281 4.192   -20.709 1.00 140.16 ? 12  LYS A NZ  1 
ATOM   85   N  N   . LYS A 1 13  ? -19.402 3.985   -14.802 1.00 93.82  ? 13  LYS A N   1 
ATOM   86   C  CA  . LYS A 1 13  ? -18.130 4.412   -14.233 1.00 93.82  ? 13  LYS A CA  1 
ATOM   87   C  C   . LYS A 1 13  ? -18.072 4.253   -12.715 1.00 93.82  ? 13  LYS A C   1 
ATOM   88   O  O   . LYS A 1 13  ? -17.070 3.789   -12.174 1.00 93.82  ? 13  LYS A O   1 
ATOM   89   C  CB  . LYS A 1 13  ? -17.857 5.857   -14.643 1.00 97.17  ? 13  LYS A CB  1 
ATOM   90   C  CG  . LYS A 1 13  ? -17.773 6.010   -16.146 1.00 97.17  ? 13  LYS A CG  1 
ATOM   91   C  CD  . LYS A 1 13  ? -17.584 7.443   -16.575 1.00 97.17  ? 13  LYS A CD  1 
ATOM   92   C  CE  . LYS A 1 13  ? -17.497 7.525   -18.090 1.00 97.17  ? 13  LYS A CE  1 
ATOM   93   N  NZ  . LYS A 1 13  ? -17.308 8.917   -18.577 1.00 97.17  ? 13  LYS A NZ  1 
ATOM   94   N  N   . ALA A 1 14  ? -19.147 4.628   -12.030 1.00 69.54  ? 14  ALA A N   1 
ATOM   95   C  CA  . ALA A 1 14  ? -19.212 4.503   -10.579 1.00 69.54  ? 14  ALA A CA  1 
ATOM   96   C  C   . ALA A 1 14  ? -18.756 3.110   -10.167 1.00 69.54  ? 14  ALA A C   1 
ATOM   97   O  O   . ALA A 1 14  ? -17.833 2.960   -9.368  1.00 69.54  ? 14  ALA A O   1 
ATOM   98   C  CB  . ALA A 1 14  ? -20.629 4.749   -10.097 1.00 62.91  ? 14  ALA A CB  1 
ATOM   99   N  N   . SER A 1 15  ? -19.401 2.089   -10.722 1.00 75.91  ? 15  SER A N   1 
ATOM   100  C  CA  . SER A 1 15  ? -19.047 0.708   -10.409 1.00 75.91  ? 15  SER A CA  1 
ATOM   101  C  C   . SER A 1 15  ? -17.614 0.387   -10.829 1.00 75.91  ? 15  SER A C   1 
ATOM   102  O  O   . SER A 1 15  ? -16.992 -0.521  -10.283 1.00 75.91  ? 15  SER A O   1 
ATOM   103  C  CB  . SER A 1 15  ? -20.016 -0.253  -11.096 1.00 119.00 ? 15  SER A CB  1 
ATOM   104  O  OG  . SER A 1 15  ? -21.339 -0.041  -10.635 1.00 119.00 ? 15  SER A OG  1 
ATOM   105  N  N   . ASP A 1 16  ? -17.097 1.138   -11.796 1.00 88.77  ? 16  ASP A N   1 
ATOM   106  C  CA  . ASP A 1 16  ? -15.734 0.937   -12.271 1.00 88.77  ? 16  ASP A CA  1 
ATOM   107  C  C   . ASP A 1 16  ? -14.722 1.503   -11.292 1.00 88.77  ? 16  ASP A C   1 
ATOM   108  O  O   . ASP A 1 16  ? -13.665 0.901   -11.073 1.00 88.77  ? 16  ASP A O   1 
ATOM   109  C  CB  . ASP A 1 16  ? -15.531 1.601   -13.634 1.00 90.35  ? 16  ASP A CB  1 
ATOM   110  C  CG  . ASP A 1 16  ? -15.960 0.717   -14.778 1.00 90.35  ? 16  ASP A CG  1 
ATOM   111  O  OD1 . ASP A 1 16  ? -17.152 0.360   -14.833 1.00 90.35  ? 16  ASP A OD1 1 
ATOM   112  O  OD2 . ASP A 1 16  ? -15.101 0.377   -15.620 1.00 90.35  ? 16  ASP A OD2 1 
ATOM   113  N  N   . VAL A 1 17  ? -15.034 2.670   -10.725 1.00 67.07  ? 17  VAL A N   1 
ATOM   114  C  CA  . VAL A 1 17  ? -14.142 3.299   -9.757  1.00 67.07  ? 17  VAL A CA  1 
ATOM   115  C  C   . VAL A 1 17  ? -14.253 2.477   -8.493  1.00 67.07  ? 17  VAL A C   1 
ATOM   116  O  O   . VAL A 1 17  ? -13.254 2.132   -7.869  1.00 67.07  ? 17  VAL A O   1 
ATOM   117  C  CB  . VAL A 1 17  ? -14.556 4.745   -9.440  1.00 70.29  ? 17  VAL A CB  1 
ATOM   118  C  CG1 . VAL A 1 17  ? -13.615 5.335   -8.405  1.00 70.29  ? 17  VAL A CG1 1 
ATOM   119  C  CG2 . VAL A 1 17  ? -14.523 5.583   -10.703 1.00 70.29  ? 17  VAL A CG2 1 
ATOM   120  N  N   . ALA A 1 18  ? -15.488 2.140   -8.144  1.00 63.01  ? 18  ALA A N   1 
ATOM   121  C  CA  . ALA A 1 18  ? -15.760 1.351   -6.960  1.00 63.01  ? 18  ALA A CA  1 
ATOM   122  C  C   . ALA A 1 18  ? -14.886 0.112   -6.876  1.00 63.01  ? 18  ALA A C   1 
ATOM   123  O  O   . ALA A 1 18  ? -14.271 -0.144  -5.847  1.00 63.01  ? 18  ALA A O   1 
ATOM   124  C  CB  . ALA A 1 18  ? -17.208 0.950   -6.937  1.00 36.15  ? 18  ALA A CB  1 
ATOM   125  N  N   . ASP A 1 19  ? -14.833 -0.663  -7.953  1.00 66.67  ? 19  ASP A N   1 
ATOM   126  C  CA  . ASP A 1 19  ? -14.033 -1.885  -7.964  1.00 66.67  ? 19  ASP A CA  1 
ATOM   127  C  C   . ASP A 1 19  ? -12.541 -1.610  -7.808  1.00 66.67  ? 19  ASP A C   1 
ATOM   128  O  O   . ASP A 1 19  ? -11.850 -2.311  -7.072  1.00 66.67  ? 19  ASP A O   1 
ATOM   129  C  CB  . ASP A 1 19  ? -14.296 -2.679  -9.251  1.00 119.42 ? 19  ASP A CB  1 
ATOM   130  C  CG  . ASP A 1 19  ? -15.654 -3.365  -9.253  1.00 119.42 ? 19  ASP A CG  1 
ATOM   131  O  OD1 . ASP A 1 19  ? -16.064 -3.874  -10.314 1.00 119.42 ? 19  ASP A OD1 1 
ATOM   132  O  OD2 . ASP A 1 19  ? -16.310 -3.402  -8.191  1.00 119.42 ? 19  ASP A OD2 1 
ATOM   133  N  N   . LEU A 1 20  ? -12.043 -0.584  -8.489  1.00 51.84  ? 20  LEU A N   1 
ATOM   134  C  CA  . LEU A 1 20  ? -10.632 -0.239  -8.404  1.00 51.84  ? 20  LEU A CA  1 
ATOM   135  C  C   . LEU A 1 20  ? -10.198 0.088   -6.974  1.00 51.84  ? 20  LEU A C   1 
ATOM   136  O  O   . LEU A 1 20  ? -9.174  -0.414  -6.497  1.00 51.84  ? 20  LEU A O   1 
ATOM   137  C  CB  . LEU A 1 20  ? -10.340 0.940   -9.321  1.00 45.67  ? 20  LEU A CB  1 
ATOM   138  C  CG  . LEU A 1 20  ? -9.919  0.539   -10.736 1.00 45.67  ? 20  LEU A CG  1 
ATOM   139  C  CD1 . LEU A 1 20  ? -10.067 1.712   -11.698 1.00 45.67  ? 20  LEU A CD1 1 
ATOM   140  C  CD2 . LEU A 1 20  ? -8.486  0.051   -10.692 1.00 45.67  ? 20  LEU A CD2 1 
ATOM   141  N  N   . LEU A 1 21  ? -10.987 0.920   -6.295  1.00 67.64  ? 21  LEU A N   1 
ATOM   142  C  CA  . LEU A 1 21  ? -10.711 1.329   -4.922  1.00 67.64  ? 21  LEU A CA  1 
ATOM   143  C  C   . LEU A 1 21  ? -10.797 0.166   -3.956  1.00 67.64  ? 21  LEU A C   1 
ATOM   144  O  O   . LEU A 1 21  ? -9.980  0.047   -3.051  1.00 67.64  ? 21  LEU A O   1 
ATOM   145  C  CB  . LEU A 1 21  ? -11.697 2.408   -4.496  1.00 40.27  ? 21  LEU A CB  1 
ATOM   146  C  CG  . LEU A 1 21  ? -11.691 3.678   -5.341  1.00 40.27  ? 21  LEU A CG  1 
ATOM   147  C  CD1 . LEU A 1 21  ? -12.819 4.591   -4.897  1.00 40.27  ? 21  LEU A CD1 1 
ATOM   148  C  CD2 . LEU A 1 21  ? -10.339 4.354   -5.228  1.00 40.27  ? 21  LEU A CD2 1 
ATOM   149  N  N   . GLN A 1 22  ? -11.805 -0.680  -4.134  1.00 46.13  ? 22  GLN A N   1 
ATOM   150  C  CA  . GLN A 1 22  ? -11.973 -1.855  -3.278  1.00 46.13  ? 22  GLN A CA  1 
ATOM   151  C  C   . GLN A 1 22  ? -10.717 -2.745  -3.290  1.00 46.13  ? 22  GLN A C   1 
ATOM   152  O  O   . GLN A 1 22  ? -10.369 -3.363  -2.284  1.00 46.13  ? 22  GLN A O   1 
ATOM   153  C  CB  . GLN A 1 22  ? -13.173 -2.678  -3.732  1.00 44.31  ? 22  GLN A CB  1 
ATOM   154  C  CG  . GLN A 1 22  ? -13.295 -3.990  -3.000  1.00 44.31  ? 22  GLN A CG  1 
ATOM   155  C  CD  . GLN A 1 22  ? -13.529 -3.817  -1.513  1.00 44.31  ? 22  GLN A CD  1 
ATOM   156  O  OE1 . GLN A 1 22  ? -14.522 -3.211  -1.100  1.00 44.31  ? 22  GLN A OE1 1 
ATOM   157  N  NE2 . GLN A 1 22  ? -12.622 -4.360  -0.697  1.00 44.31  ? 22  GLN A NE2 1 
ATOM   158  N  N   . LYS A 1 23  ? -10.050 -2.823  -4.437  1.00 49.41  ? 23  LYS A N   1 
ATOM   159  C  CA  . LYS A 1 23  ? -8.830  -3.606  -4.544  1.00 49.41  ? 23  LYS A CA  1 
ATOM   160  C  C   . LYS A 1 23  ? -7.759  -2.819  -3.793  1.00 49.41  ? 23  LYS A C   1 
ATOM   161  O  O   . LYS A 1 23  ? -6.911  -3.393  -3.105  1.00 49.41  ? 23  LYS A O   1 
ATOM   162  C  CB  . LYS A 1 23  ? -8.440  -3.779  -6.006  1.00 51.95  ? 23  LYS A CB  1 
ATOM   163  N  N   . GLN A 1 24  ? -7.808  -1.495  -3.928  1.00 52.99  ? 24  GLN A N   1 
ATOM   164  C  CA  . GLN A 1 24  ? -6.861  -0.621  -3.245  1.00 52.99  ? 24  GLN A CA  1 
ATOM   165  C  C   . GLN A 1 24  ? -7.083  -0.720  -1.734  1.00 52.99  ? 24  GLN A C   1 
ATOM   166  O  O   . GLN A 1 24  ? -6.128  -0.811  -0.964  1.00 52.99  ? 24  GLN A O   1 
ATOM   167  C  CB  . GLN A 1 24  ? -7.056  0.830   -3.685  1.00 67.37  ? 24  GLN A CB  1 
ATOM   168  C  CG  . GLN A 1 24  ? -5.977  1.767   -3.179  1.00 67.37  ? 24  GLN A CG  1 
ATOM   169  C  CD  . GLN A 1 24  ? -4.670  1.581   -3.919  1.00 67.37  ? 24  GLN A CD  1 
ATOM   170  O  OE1 . GLN A 1 24  ? -4.255  0.458   -4.186  1.00 67.37  ? 24  GLN A OE1 1 
ATOM   171  N  NE2 . GLN A 1 24  ? -4.010  2.682   -4.252  1.00 67.37  ? 24  GLN A NE2 1 
ATOM   172  N  N   . LEU A 1 25  ? -8.351  -0.714  -1.324  1.00 40.28  ? 25  LEU A N   1 
ATOM   173  C  CA  . LEU A 1 25  ? -8.712  -0.796  0.084   1.00 40.28  ? 25  LEU A CA  1 
ATOM   174  C  C   . LEU A 1 25  ? -8.045  -1.987  0.760   1.00 40.28  ? 25  LEU A C   1 
ATOM   175  O  O   . LEU A 1 25  ? -7.530  -1.876  1.877   1.00 40.28  ? 25  LEU A O   1 
ATOM   176  C  CB  . LEU A 1 25  ? -10.229 -0.909  0.237   1.00 32.31  ? 25  LEU A CB  1 
ATOM   177  C  CG  . LEU A 1 25  ? -10.849 -0.558  1.605   1.00 32.31  ? 25  LEU A CG  1 
ATOM   178  C  CD1 . LEU A 1 25  ? -12.366 -0.696  1.535   1.00 32.31  ? 25  LEU A CD1 1 
ATOM   179  C  CD2 . LEU A 1 25  ? -10.332 -1.473  2.678   1.00 32.31  ? 25  LEU A CD2 1 
ATOM   180  N  N   . SER A 1 26  ? -8.056  -3.131  0.084   1.00 51.07  ? 26  SER A N   1 
ATOM   181  C  CA  . SER A 1 26  ? -7.448  -4.328  0.642   1.00 51.07  ? 26  SER A CA  1 
ATOM   182  C  C   . SER A 1 26  ? -5.934  -4.279  0.629   1.00 51.07  ? 26  SER A C   1 
ATOM   183  O  O   . SER A 1 26  ? -5.290  -4.850  1.511   1.00 51.07  ? 26  SER A O   1 
ATOM   184  C  CB  . SER A 1 26  ? -7.933  -5.569  -0.096  1.00 59.32  ? 26  SER A CB  1 
ATOM   185  O  OG  . SER A 1 26  ? -9.262  -5.873  0.284   1.00 59.32  ? 26  SER A OG  1 
ATOM   186  N  N   . THR A 1 27  ? -5.359  -3.606  -0.363  1.00 63.92  ? 27  THR A N   1 
ATOM   187  C  CA  . THR A 1 27  ? -3.906  -3.500  -0.429  1.00 63.92  ? 27  THR A CA  1 
ATOM   188  C  C   . THR A 1 27  ? -3.435  -2.745  0.798   1.00 63.92  ? 27  THR A C   1 
ATOM   189  O  O   . THR A 1 27  ? -2.467  -3.147  1.449   1.00 63.92  ? 27  THR A O   1 
ATOM   190  C  CB  . THR A 1 27  ? -3.438  -2.719  -1.642  1.00 53.95  ? 27  THR A CB  1 
ATOM   191  O  OG1 . THR A 1 27  ? -3.997  -3.302  -2.822  1.00 53.95  ? 27  THR A OG1 1 
ATOM   192  C  CG2 . THR A 1 27  ? -1.923  -2.747  -1.727  1.00 53.95  ? 27  THR A CG2 1 
ATOM   193  N  N   . TYR A 1 28  ? -4.124  -1.646  1.103   1.00 66.23  ? 28  TYR A N   1 
ATOM   194  C  CA  . TYR A 1 28  ? -3.794  -0.830  2.259   1.00 66.23  ? 28  TYR A CA  1 
ATOM   195  C  C   . TYR A 1 28  ? -3.941  -1.628  3.540   1.00 66.23  ? 28  TYR A C   1 
ATOM   196  O  O   . TYR A 1 28  ? -2.998  -1.725  4.323   1.00 66.23  ? 28  TYR A O   1 
ATOM   197  C  CB  . TYR A 1 28  ? -4.704  0.398   2.318   1.00 38.49  ? 28  TYR A CB  1 
ATOM   198  C  CG  . TYR A 1 28  ? -4.401  1.446   1.260   1.00 38.49  ? 28  TYR A CG  1 
ATOM   199  C  CD1 . TYR A 1 28  ? -5.388  2.351   0.839   1.00 38.49  ? 28  TYR A CD1 1 
ATOM   200  C  CD2 . TYR A 1 28  ? -3.134  1.531   0.676   1.00 38.49  ? 28  TYR A CD2 1 
ATOM   201  C  CE1 . TYR A 1 28  ? -5.120  3.303   -0.135  1.00 38.49  ? 28  TYR A CE1 1 
ATOM   202  C  CE2 . TYR A 1 28  ? -2.856  2.480   -0.295  1.00 38.49  ? 28  TYR A CE2 1 
ATOM   203  C  CZ  . TYR A 1 28  ? -3.852  3.357   -0.697  1.00 38.49  ? 28  TYR A CZ  1 
ATOM   204  O  OH  . TYR A 1 28  ? -3.585  4.279   -1.679  1.00 38.49  ? 28  TYR A OH  1 
ATOM   205  N  N   . ASN A 1 29  ? -5.117  -2.206  3.759   1.00 44.35  ? 29  ASN A N   1 
ATOM   206  C  CA  . ASN A 1 29  ? -5.342  -2.976  4.984   1.00 44.35  ? 29  ASN A CA  1 
ATOM   207  C  C   . ASN A 1 29  ? -4.295  -4.053  5.211   1.00 44.35  ? 29  ASN A C   1 
ATOM   208  O  O   . ASN A 1 29  ? -3.885  -4.324  6.340   1.00 44.35  ? 29  ASN A O   1 
ATOM   209  C  CB  . ASN A 1 29  ? -6.726  -3.608  4.979   1.00 59.85  ? 29  ASN A CB  1 
ATOM   210  C  CG  . ASN A 1 29  ? -7.805  -2.624  5.321   1.00 59.85  ? 29  ASN A CG  1 
ATOM   211  O  OD1 . ASN A 1 29  ? -7.712  -1.892  6.310   1.00 59.85  ? 29  ASN A OD1 1 
ATOM   212  N  ND2 . ASN A 1 29  ? -8.845  -2.599  4.513   1.00 59.85  ? 29  ASN A ND2 1 
ATOM   213  N  N   . ASP A 1 30  ? -3.867  -4.670  4.121   1.00 55.01  ? 30  ASP A N   1 
ATOM   214  C  CA  . ASP A 1 30  ? -2.867  -5.711  4.188   1.00 55.01  ? 30  ASP A CA  1 
ATOM   215  C  C   . ASP A 1 30  ? -1.562  -5.043  4.611   1.00 55.01  ? 30  ASP A C   1 
ATOM   216  O  O   . ASP A 1 30  ? -0.851  -5.527  5.498   1.00 55.01  ? 30  ASP A O   1 
ATOM   217  C  CB  . ASP A 1 30  ? -2.719  -6.368  2.803   1.00 62.42  ? 30  ASP A CB  1 
ATOM   218  C  CG  . ASP A 1 30  ? -1.717  -7.498  2.800   1.00 62.42  ? 30  ASP A CG  1 
ATOM   219  O  OD1 . ASP A 1 30  ? -1.989  -8.534  3.434   1.00 62.42  ? 30  ASP A OD1 1 
ATOM   220  O  OD2 . ASP A 1 30  ? -0.653  -7.350  2.172   1.00 62.42  ? 30  ASP A OD2 1 
ATOM   221  N  N   . LEU A 1 31  ? -1.282  -3.910  3.974   1.00 51.80  ? 31  LEU A N   1 
ATOM   222  C  CA  . LEU A 1 31  ? -0.072  -3.139  4.213   1.00 51.80  ? 31  LEU A CA  1 
ATOM   223  C  C   . LEU A 1 31  ? 0.091   -2.531  5.604   1.00 51.80  ? 31  LEU A C   1 
ATOM   224  O  O   . LEU A 1 31  ? 1.185   -2.565  6.172   1.00 51.80  ? 31  LEU A O   1 
ATOM   225  C  CB  . LEU A 1 31  ? 0.031   -2.030  3.175   1.00 19.64  ? 31  LEU A CB  1 
ATOM   226  C  CG  . LEU A 1 31  ? 1.234   -1.088  3.291   1.00 19.64  ? 31  LEU A CG  1 
ATOM   227  C  CD1 . LEU A 1 31  ? 2.535   -1.838  3.031   1.00 19.64  ? 31  LEU A CD1 1 
ATOM   228  C  CD2 . LEU A 1 31  ? 1.067   0.051   2.308   1.00 19.64  ? 31  LEU A CD2 1 
ATOM   229  N  N   . HIS A 1 32  ? -0.968  -1.957  6.164   1.00 51.19  ? 32  HIS A N   1 
ATOM   230  C  CA  . HIS A 1 32  ? -0.798  -1.371  7.477   1.00 51.19  ? 32  HIS A CA  1 
ATOM   231  C  C   . HIS A 1 32  ? -0.750  -2.432  8.560   1.00 51.19  ? 32  HIS A C   1 
ATOM   232  O  O   . HIS A 1 32  ? -0.377  -2.146  9.689   1.00 51.19  ? 32  HIS A O   1 
ATOM   233  C  CB  . HIS A 1 32  ? -1.847  -0.261  7.743   1.00 32.52  ? 32  HIS A CB  1 
ATOM   234  C  CG  . HIS A 1 32  ? -3.236  -0.739  8.053   1.00 32.52  ? 32  HIS A CG  1 
ATOM   235  N  ND1 . HIS A 1 32  ? -3.564  -1.373  9.235   1.00 32.52  ? 32  HIS A ND1 1 
ATOM   236  C  CD2 . HIS A 1 32  ? -4.404  -0.560  7.387   1.00 32.52  ? 32  HIS A CD2 1 
ATOM   237  C  CE1 . HIS A 1 32  ? -4.873  -1.559  9.283   1.00 32.52  ? 32  HIS A CE1 1 
ATOM   238  N  NE2 . HIS A 1 32  ? -5.406  -1.073  8.175   1.00 32.52  ? 32  HIS A NE2 1 
ATOM   239  N  N   . LEU A 1 33  ? -1.095  -3.667  8.208   1.00 37.85  ? 33  LEU A N   1 
ATOM   240  C  CA  . LEU A 1 33  ? -1.021  -4.773  9.166   1.00 37.85  ? 33  LEU A CA  1 
ATOM   241  C  C   . LEU A 1 33  ? 0.387   -5.329  9.070   1.00 37.85  ? 33  LEU A C   1 
ATOM   242  O  O   . LEU A 1 33  ? 1.029   -5.613  10.078  1.00 37.85  ? 33  LEU A O   1 
ATOM   243  C  CB  . LEU A 1 33  ? -2.020  -5.883  8.835   1.00 47.52  ? 33  LEU A CB  1 
ATOM   244  C  CG  . LEU A 1 33  ? -3.480  -5.641  9.224   1.00 47.52  ? 33  LEU A CG  1 
ATOM   245  C  CD1 . LEU A 1 33  ? -4.306  -6.876  8.950   1.00 47.52  ? 33  LEU A CD1 1 
ATOM   246  C  CD2 . LEU A 1 33  ? -3.549  -5.283  10.700  1.00 47.52  ? 33  LEU A CD2 1 
ATOM   247  N  N   . THR A 1 34  ? 0.857   -5.469  7.836   1.00 50.53  ? 34  THR A N   1 
ATOM   248  C  CA  . THR A 1 34  ? 2.194   -5.960  7.546   1.00 50.53  ? 34  THR A CA  1 
ATOM   249  C  C   . THR A 1 34  ? 3.218   -5.036  8.179   1.00 50.53  ? 34  THR A C   1 
ATOM   250  O  O   . THR A 1 34  ? 4.072   -5.476  8.954   1.00 50.53  ? 34  THR A O   1 
ATOM   251  C  CB  . THR A 1 34  ? 2.447   -5.967  6.043   1.00 44.47  ? 34  THR A CB  1 
ATOM   252  O  OG1 . THR A 1 34  ? 1.466   -6.786  5.404   1.00 44.47  ? 34  THR A OG1 1 
ATOM   253  C  CG2 . THR A 1 34  ? 3.818   -6.492  5.743   1.00 44.47  ? 34  THR A CG2 1 
ATOM   254  N  N   . LEU A 1 35  ? 3.130   -3.757  7.811   1.00 41.17  ? 35  LEU A N   1 
ATOM   255  C  CA  . LEU A 1 35  ? 4.013   -2.683  8.305   1.00 41.17  ? 35  LEU A CA  1 
ATOM   256  C  C   . LEU A 1 35  ? 4.136   -2.815  9.816   1.00 41.17  ? 35  LEU A C   1 
ATOM   257  O  O   . LEU A 1 35  ? 5.227   -2.795  10.379  1.00 41.17  ? 35  LEU A O   1 
ATOM   258  C  CB  . LEU A 1 35  ? 3.385   -1.327  7.970   1.00 31.16  ? 35  LEU A CB  1 
ATOM   259  C  CG  . LEU A 1 35  ? 4.138   -0.234  7.214   1.00 31.16  ? 35  LEU A CG  1 
ATOM   260  C  CD1 . LEU A 1 35  ? 5.342   -0.794  6.441   1.00 31.16  ? 35  LEU A CD1 1 
ATOM   261  C  CD2 . LEU A 1 35  ? 3.134   0.453   6.285   1.00 31.16  ? 35  LEU A CD2 1 
ATOM   262  N  N   . LYS A 1 36  ? 2.987   -2.969  10.455  1.00 44.15  ? 36  LYS A N   1 
ATOM   263  C  CA  . LYS A 1 36  ? 2.912   -3.113  11.888  1.00 44.15  ? 36  LYS A CA  1 
ATOM   264  C  C   . LYS A 1 36  ? 3.629   -4.401  12.324  1.00 44.15  ? 36  LYS A C   1 
ATOM   265  O  O   . LYS A 1 36  ? 4.309   -4.431  13.356  1.00 44.15  ? 36  LYS A O   1 
ATOM   266  C  CB  . LYS A 1 36  ? 1.436   -3.133  12.292  1.00 39.91  ? 36  LYS A CB  1 
ATOM   267  C  CG  . LYS A 1 36  ? 1.150   -2.594  13.681  1.00 39.91  ? 36  LYS A CG  1 
ATOM   268  C  CD  . LYS A 1 36  ? 1.746   -1.195  13.890  1.00 39.91  ? 36  LYS A CD  1 
ATOM   269  C  CE  . LYS A 1 36  ? 1.397   -0.650  15.261  1.00 39.91  ? 36  LYS A CE  1 
ATOM   270  N  NZ  . LYS A 1 36  ? 2.187   0.550   15.634  1.00 39.91  ? 36  LYS A NZ  1 
ATOM   271  N  N   . HIS A 1 37  ? 3.477   -5.458  11.526  1.00 57.41  ? 37  HIS A N   1 
ATOM   272  C  CA  . HIS A 1 37  ? 4.110   -6.744  11.807  1.00 57.41  ? 37  HIS A CA  1 
ATOM   273  C  C   . HIS A 1 37  ? 5.630   -6.622  11.832  1.00 57.41  ? 37  HIS A C   1 
ATOM   274  O  O   . HIS A 1 37  ? 6.282   -7.141  12.737  1.00 57.41  ? 37  HIS A O   1 
ATOM   275  C  CB  . HIS A 1 37  ? 3.706   -7.784  10.748  1.00 59.80  ? 37  HIS A CB  1 
ATOM   276  C  CG  . HIS A 1 37  ? 4.450   -9.088  10.851  1.00 59.80  ? 37  HIS A CG  1 
ATOM   277  N  ND1 . HIS A 1 37  ? 4.171   -10.037 11.813  1.00 59.80  ? 37  HIS A ND1 1 
ATOM   278  C  CD2 . HIS A 1 37  ? 5.482   -9.585  10.125  1.00 59.80  ? 37  HIS A CD2 1 
ATOM   279  C  CE1 . HIS A 1 37  ? 4.999   -11.056 11.677  1.00 59.80  ? 37  HIS A CE1 1 
ATOM   280  N  NE2 . HIS A 1 37  ? 5.805   -10.807 10.660  1.00 59.80  ? 37  HIS A NE2 1 
ATOM   281  N  N   . VAL A 1 38  ? 6.195   -5.941  10.837  1.00 46.61  ? 38  VAL A N   1 
ATOM   282  C  CA  . VAL A 1 38  ? 7.650   -5.795  10.776  1.00 46.61  ? 38  VAL A CA  1 
ATOM   283  C  C   . VAL A 1 38  ? 8.136   -4.826  11.837  1.00 46.61  ? 38  VAL A C   1 
ATOM   284  O  O   . VAL A 1 38  ? 9.313   -4.827  12.217  1.00 46.61  ? 38  VAL A O   1 
ATOM   285  C  CB  . VAL A 1 38  ? 8.129   -5.315  9.377   1.00 37.13  ? 38  VAL A CB  1 
ATOM   286  C  CG1 . VAL A 1 38  ? 6.957   -5.362  8.389   1.00 37.13  ? 38  VAL A CG1 1 
ATOM   287  C  CG2 . VAL A 1 38  ? 8.758   -3.934  9.468   1.00 37.13  ? 38  VAL A CG2 1 
ATOM   288  N  N   . HIS A 1 39  ? 7.203   -4.009  12.319  1.00 50.50  ? 39  HIS A N   1 
ATOM   289  C  CA  . HIS A 1 39  ? 7.449   -2.995  13.356  1.00 50.50  ? 39  HIS A CA  1 
ATOM   290  C  C   . HIS A 1 39  ? 7.824   -3.724  14.647  1.00 50.50  ? 39  HIS A C   1 
ATOM   291  O  O   . HIS A 1 39  ? 8.746   -3.310  15.335  1.00 50.50  ? 39  HIS A O   1 
ATOM   292  C  CB  . HIS A 1 39  ? 6.175   -2.140  13.520  1.00 44.41  ? 39  HIS A CB  1 
ATOM   293  C  CG  . HIS A 1 39  ? 6.116   -1.331  14.775  1.00 44.41  ? 39  HIS A CG  1 
ATOM   294  N  ND1 . HIS A 1 39  ? 6.976   -0.291  15.040  1.00 44.41  ? 39  HIS A ND1 1 
ATOM   295  C  CD2 . HIS A 1 39  ? 5.251   -1.393  15.813  1.00 44.41  ? 39  HIS A CD2 1 
ATOM   296  C  CE1 . HIS A 1 39  ? 6.641   0.259   16.194  1.00 44.41  ? 39  HIS A CE1 1 
ATOM   297  N  NE2 . HIS A 1 39  ? 5.603   -0.391  16.680  1.00 44.41  ? 39  HIS A NE2 1 
ATOM   298  N  N   . TRP A 1 40  ? 7.126   -4.820  14.950  1.00 55.17  ? 40  TRP A N   1 
ATOM   299  C  CA  . TRP A 1 40  ? 7.393   -5.605  16.158  1.00 55.17  ? 40  TRP A CA  1 
ATOM   300  C  C   . TRP A 1 40  ? 8.492   -6.645  15.983  1.00 55.17  ? 40  TRP A C   1 
ATOM   301  O  O   . TRP A 1 40  ? 9.132   -7.030  16.958  1.00 55.17  ? 40  TRP A O   1 
ATOM   302  C  CB  . TRP A 1 40  ? 6.151   -6.366  16.605  1.00 64.85  ? 40  TRP A CB  1 
ATOM   303  C  CG  . TRP A 1 40  ? 4.911   -5.596  16.714  1.00 64.85  ? 40  TRP A CG  1 
ATOM   304  C  CD1 . TRP A 1 40  ? 4.728   -4.414  17.369  1.00 64.85  ? 40  TRP A CD1 1 
ATOM   305  C  CD2 . TRP A 1 40  ? 3.619   -5.997  16.238  1.00 64.85  ? 40  TRP A CD2 1 
ATOM   306  N  NE1 . TRP A 1 40  ? 3.403   -4.054  17.339  1.00 64.85  ? 40  TRP A NE1 1 
ATOM   307  C  CE2 . TRP A 1 40  ? 2.701   -5.004  16.639  1.00 64.85  ? 40  TRP A CE2 1 
ATOM   308  C  CE3 . TRP A 1 40  ? 3.148   -7.104  15.519  1.00 64.85  ? 40  TRP A CE3 1 
ATOM   309  C  CZ2 . TRP A 1 40  ? 1.334   -5.077  16.329  1.00 64.85  ? 40  TRP A CZ2 1 
ATOM   310  C  CZ3 . TRP A 1 40  ? 1.795   -7.182  15.217  1.00 64.85  ? 40  TRP A CZ3 1 
ATOM   311  C  CH2 . TRP A 1 40  ? 0.903   -6.171  15.616  1.00 64.85  ? 40  TRP A CH2 1 
ATOM   312  N  N   . ASN A 1 41  ? 8.696   -7.112  14.755  1.00 78.75  ? 41  ASN A N   1 
ATOM   313  C  CA  . ASN A 1 41  ? 9.687   -8.152  14.511  1.00 78.75  ? 41  ASN A CA  1 
ATOM   314  C  C   . ASN A 1 41  ? 11.001  -7.713  13.898  1.00 78.75  ? 41  ASN A C   1 
ATOM   315  O  O   . ASN A 1 41  ? 11.520  -8.353  12.987  1.00 78.75  ? 41  ASN A O   1 
ATOM   316  C  CB  . ASN A 1 41  ? 9.070   -9.249  13.654  1.00 52.10  ? 41  ASN A CB  1 
ATOM   317  C  CG  . ASN A 1 41  ? 7.933   -9.941  14.352  1.00 52.10  ? 41  ASN A CG  1 
ATOM   318  O  OD1 . ASN A 1 41  ? 6.771   -9.791  13.978  1.00 52.10  ? 41  ASN A OD1 1 
ATOM   319  N  ND2 . ASN A 1 41  ? 8.260   -10.697 15.392  1.00 52.10  ? 41  ASN A ND2 1 
ATOM   320  N  N   . VAL A 1 42  ? 11.550  -6.627  14.410  1.00 49.14  ? 42  VAL A N   1 
ATOM   321  C  CA  . VAL A 1 42  ? 12.812  -6.135  13.907  1.00 49.14  ? 42  VAL A CA  1 
ATOM   322  C  C   . VAL A 1 42  ? 13.857  -6.244  15.009  1.00 49.14  ? 42  VAL A C   1 
ATOM   323  O  O   . VAL A 1 42  ? 13.536  -6.155  16.191  1.00 49.14  ? 42  VAL A O   1 
ATOM   324  C  CB  . VAL A 1 42  ? 12.671  -4.669  13.425  1.00 59.61  ? 42  VAL A CB  1 
ATOM   325  C  CG1 . VAL A 1 42  ? 14.004  -3.953  13.496  1.00 59.61  ? 42  VAL A CG1 1 
ATOM   326  C  CG2 . VAL A 1 42  ? 12.159  -4.652  11.993  1.00 59.61  ? 42  VAL A CG2 1 
ATOM   327  N  N   . VAL A 1 43  ? 15.104  -6.471  14.611  1.00 61.82  ? 43  VAL A N   1 
ATOM   328  C  CA  . VAL A 1 43  ? 16.218  -6.580  15.554  1.00 61.82  ? 43  VAL A CA  1 
ATOM   329  C  C   . VAL A 1 43  ? 17.452  -6.013  14.873  1.00 61.82  ? 43  VAL A C   1 
ATOM   330  O  O   . VAL A 1 43  ? 17.543  -6.007  13.640  1.00 61.82  ? 43  VAL A O   1 
ATOM   331  C  CB  . VAL A 1 43  ? 16.510  -8.060  15.962  1.00 37.53  ? 43  VAL A CB  1 
ATOM   332  C  CG1 . VAL A 1 43  ? 15.295  -8.664  16.639  1.00 37.53  ? 43  VAL A CG1 1 
ATOM   333  C  CG2 . VAL A 1 43  ? 16.916  -8.881  14.733  1.00 37.53  ? 43  VAL A CG2 1 
ATOM   334  N  N   . GLY A 1 44  ? 18.397  -5.536  15.674  1.00 54.99  ? 44  GLY A N   1 
ATOM   335  C  CA  . GLY A 1 44  ? 19.610  -4.979  15.110  1.00 54.99  ? 44  GLY A CA  1 
ATOM   336  C  C   . GLY A 1 44  ? 20.114  -3.817  15.927  1.00 54.99  ? 44  GLY A C   1 
ATOM   337  O  O   . GLY A 1 44  ? 19.507  -3.459  16.930  1.00 54.99  ? 44  GLY A O   1 
ATOM   338  N  N   . PRO A 1 45  ? 21.243  -3.219  15.541  1.00 68.10  ? 45  PRO A N   1 
ATOM   339  C  CA  . PRO A 1 45  ? 21.793  -2.081  16.280  1.00 68.10  ? 45  PRO A CA  1 
ATOM   340  C  C   . PRO A 1 45  ? 21.016  -0.806  15.963  1.00 68.10  ? 45  PRO A C   1 
ATOM   341  O  O   . PRO A 1 45  ? 20.992  0.136   16.757  1.00 68.10  ? 45  PRO A O   1 
ATOM   342  C  CB  . PRO A 1 45  ? 23.239  -2.011  15.783  1.00 56.47  ? 45  PRO A CB  1 
ATOM   343  C  CG  . PRO A 1 45  ? 23.526  -3.414  15.359  1.00 56.47  ? 45  PRO A CG  1 
ATOM   344  C  CD  . PRO A 1 45  ? 22.259  -3.786  14.644  1.00 56.47  ? 45  PRO A CD  1 
ATOM   345  N  N   . ASN A 1 46  ? 20.383  -0.787  14.796  1.00 61.64  ? 46  ASN A N   1 
ATOM   346  C  CA  . ASN A 1 46  ? 19.605  0.367   14.360  1.00 61.64  ? 46  ASN A CA  1 
ATOM   347  C  C   . ASN A 1 46  ? 18.109  0.088   14.530  1.00 61.64  ? 46  ASN A C   1 
ATOM   348  O  O   . ASN A 1 46  ? 17.267  0.628   13.810  1.00 61.64  ? 46  ASN A O   1 
ATOM   349  C  CB  . ASN A 1 46  ? 19.945  0.688   12.903  1.00 90.90  ? 46  ASN A CB  1 
ATOM   350  C  CG  . ASN A 1 46  ? 19.847  -0.528  12.006  1.00 90.90  ? 46  ASN A CG  1 
ATOM   351  O  OD1 . ASN A 1 46  ? 20.182  -1.641  12.414  1.00 90.90  ? 46  ASN A OD1 1 
ATOM   352  N  ND2 . ASN A 1 46  ? 19.400  -0.324  10.774  1.00 90.90  ? 46  ASN A ND2 1 
ATOM   353  N  N   . PHE A 1 47  ? 17.805  -0.753  15.512  1.00 44.05  ? 47  PHE A N   1 
ATOM   354  C  CA  . PHE A 1 47  ? 16.443  -1.159  15.850  1.00 44.05  ? 47  PHE A CA  1 
ATOM   355  C  C   . PHE A 1 47  ? 15.478  -0.005  16.083  1.00 44.05  ? 47  PHE A C   1 
ATOM   356  O  O   . PHE A 1 47  ? 14.465  0.111   15.392  1.00 44.05  ? 47  PHE A O   1 
ATOM   357  C  CB  . PHE A 1 47  ? 16.471  -2.038  17.105  1.00 51.01  ? 47  PHE A CB  1 
ATOM   358  C  CG  . PHE A 1 47  ? 15.138  -2.175  17.792  1.00 51.01  ? 47  PHE A CG  1 
ATOM   359  C  CD1 . PHE A 1 47  ? 14.122  -2.931  17.229  1.00 51.01  ? 47  PHE A CD1 1 
ATOM   360  C  CD2 . PHE A 1 47  ? 14.902  -1.546  19.012  1.00 51.01  ? 47  PHE A CD2 1 
ATOM   361  C  CE1 . PHE A 1 47  ? 12.881  -3.062  17.873  1.00 51.01  ? 47  PHE A CE1 1 
ATOM   362  C  CE2 . PHE A 1 47  ? 13.671  -1.670  19.661  1.00 51.01  ? 47  PHE A CE2 1 
ATOM   363  C  CZ  . PHE A 1 47  ? 12.660  -2.429  19.090  1.00 51.01  ? 47  PHE A CZ  1 
ATOM   364  N  N   . ILE A 1 48  ? 15.803  0.847   17.057  1.00 48.05  ? 48  ILE A N   1 
ATOM   365  C  CA  . ILE A 1 48  ? 14.937  1.967   17.422  1.00 48.05  ? 48  ILE A CA  1 
ATOM   366  C  C   . ILE A 1 48  ? 14.549  2.940   16.311  1.00 48.05  ? 48  ILE A C   1 
ATOM   367  O  O   . ILE A 1 48  ? 13.381  3.278   16.168  1.00 48.05  ? 48  ILE A O   1 
ATOM   368  C  CB  . ILE A 1 48  ? 15.524  2.769   18.598  1.00 36.38  ? 48  ILE A CB  1 
ATOM   369  C  CG1 . ILE A 1 48  ? 14.407  3.575   19.252  1.00 36.38  ? 48  ILE A CG1 1 
ATOM   370  C  CG2 . ILE A 1 48  ? 16.631  3.692   18.128  1.00 36.38  ? 48  ILE A CG2 1 
ATOM   371  C  CD1 . ILE A 1 48  ? 13.326  2.708   19.877  1.00 36.38  ? 48  ILE A CD1 1 
ATOM   372  N  N   . GLY A 1 49  ? 15.515  3.380   15.519  1.00 43.95  ? 49  GLY A N   1 
ATOM   373  C  CA  . GLY A 1 49  ? 15.195  4.314   14.458  1.00 43.95  ? 49  GLY A CA  1 
ATOM   374  C  C   . GLY A 1 49  ? 14.217  3.796   13.422  1.00 43.95  ? 49  GLY A C   1 
ATOM   375  O  O   . GLY A 1 49  ? 13.413  4.555   12.881  1.00 43.95  ? 49  GLY A O   1 
ATOM   376  N  N   . VAL A 1 50  ? 14.281  2.500   13.141  1.00 35.60  ? 50  VAL A N   1 
ATOM   377  C  CA  . VAL A 1 50  ? 13.414  1.903   12.132  1.00 35.60  ? 50  VAL A CA  1 
ATOM   378  C  C   . VAL A 1 50  ? 12.114  1.499   12.797  1.00 35.60  ? 50  VAL A C   1 
ATOM   379  O  O   . VAL A 1 50  ? 11.043  1.516   12.186  1.00 35.60  ? 50  VAL A O   1 
ATOM   380  C  CB  . VAL A 1 50  ? 14.106  0.664   11.462  1.00 39.36  ? 50  VAL A CB  1 
ATOM   381  C  CG1 . VAL A 1 50  ? 13.196  0.046   10.422  1.00 39.36  ? 50  VAL A CG1 1 
ATOM   382  C  CG2 . VAL A 1 50  ? 15.394  1.091   10.793  1.00 39.36  ? 50  VAL A CG2 1 
ATOM   383  N  N   . HIS A 1 51  ? 12.226  1.139   14.066  1.00 42.44  ? 51  HIS A N   1 
ATOM   384  C  CA  . HIS A 1 51  ? 11.070  0.751   14.844  1.00 42.44  ? 51  HIS A CA  1 
ATOM   385  C  C   . HIS A 1 51  ? 10.102  1.933   14.820  1.00 42.44  ? 51  HIS A C   1 
ATOM   386  O  O   . HIS A 1 51  ? 8.927   1.791   14.478  1.00 42.44  ? 51  HIS A O   1 
ATOM   387  C  CB  . HIS A 1 51  ? 11.508  0.434   16.273  1.00 56.46  ? 51  HIS A CB  1 
ATOM   388  C  CG  . HIS A 1 51  ? 10.379  0.124   17.201  1.00 56.46  ? 51  HIS A CG  1 
ATOM   389  N  ND1 . HIS A 1 51  ? 9.510   -0.924  16.994  1.00 56.46  ? 51  HIS A ND1 1 
ATOM   390  C  CD2 . HIS A 1 51  ? 9.981   0.721   18.350  1.00 56.46  ? 51  HIS A CD2 1 
ATOM   391  C  CE1 . HIS A 1 51  ? 8.626   -0.961  17.977  1.00 56.46  ? 51  HIS A CE1 1 
ATOM   392  N  NE2 . HIS A 1 51  ? 8.887   0.027   18.811  1.00 56.46  ? 51  HIS A NE2 1 
ATOM   393  N  N   . GLU A 1 52  ? 10.624  3.110   15.147  1.00 41.08  ? 52  GLU A N   1 
ATOM   394  C  CA  . GLU A 1 52  ? 9.819   4.312   15.187  1.00 41.08  ? 52  GLU A CA  1 
ATOM   395  C  C   . GLU A 1 52  ? 9.501   4.894   13.835  1.00 41.08  ? 52  GLU A C   1 
ATOM   396  O  O   . GLU A 1 52  ? 8.425   5.463   13.646  1.00 41.08  ? 52  GLU A O   1 
ATOM   397  C  CB  . GLU A 1 52  ? 10.496  5.345   16.057  1.00 77.76  ? 52  GLU A CB  1 
ATOM   398  C  CG  . GLU A 1 52  ? 10.679  4.837   17.455  1.00 77.76  ? 52  GLU A CG  1 
ATOM   399  C  CD  . GLU A 1 52  ? 11.178  5.903   18.377  1.00 77.76  ? 52  GLU A CD  1 
ATOM   400  O  OE1 . GLU A 1 52  ? 12.176  6.566   18.015  1.00 77.76  ? 52  GLU A OE1 1 
ATOM   401  O  OE2 . GLU A 1 52  ? 10.576  6.074   19.459  1.00 77.76  ? 52  GLU A OE2 1 
ATOM   402  N  N   . MET A 1 53  ? 10.419  4.762   12.887  1.00 40.10  ? 53  MET A N   1 
ATOM   403  C  CA  . MET A 1 53  ? 10.173  5.269   11.541  1.00 40.10  ? 53  MET A CA  1 
ATOM   404  C  C   . MET A 1 53  ? 8.891   4.680   10.920  1.00 40.10  ? 53  MET A C   1 
ATOM   405  O  O   . MET A 1 53  ? 8.180   5.359   10.176  1.00 40.10  ? 53  MET A O   1 
ATOM   406  C  CB  . MET A 1 53  ? 11.347  4.934   10.639  1.00 49.36  ? 53  MET A CB  1 
ATOM   407  C  CG  . MET A 1 53  ? 11.117  5.319   9.205   1.00 49.36  ? 53  MET A CG  1 
ATOM   408  S  SD  . MET A 1 53  ? 12.426  4.702   8.154   1.00 49.36  ? 53  MET A SD  1 
ATOM   409  C  CE  . MET A 1 53  ? 11.738  3.123   7.649   1.00 49.36  ? 53  MET A CE  1 
ATOM   410  N  N   . ILE A 1 54  ? 8.596   3.425   11.241  1.00 44.53  ? 54  ILE A N   1 
ATOM   411  C  CA  . ILE A 1 54  ? 7.432   2.749   10.692  1.00 44.53  ? 54  ILE A CA  1 
ATOM   412  C  C   . ILE A 1 54  ? 6.066   3.230   11.171  1.00 44.53  ? 54  ILE A C   1 
ATOM   413  O  O   . ILE A 1 54  ? 5.133   3.319   10.381  1.00 44.53  ? 54  ILE A O   1 
ATOM   414  C  CB  . ILE A 1 54  ? 7.528   1.246   10.949  1.00 38.46  ? 54  ILE A CB  1 
ATOM   415  C  CG1 . ILE A 1 54  ? 8.736   0.684   10.213  1.00 38.46  ? 54  ILE A CG1 1 
ATOM   416  C  CG2 . ILE A 1 54  ? 6.268   0.552   10.487  1.00 38.46  ? 54  ILE A CG2 1 
ATOM   417  C  CD1 . ILE A 1 54  ? 9.054   -0.746  10.578  1.00 38.46  ? 54  ILE A CD1 1 
ATOM   418  N  N   . ASP A 1 55  ? 5.938   3.535   12.457  1.00 43.80  ? 55  ASP A N   1 
ATOM   419  C  CA  . ASP A 1 55  ? 4.657   3.977   13.005  1.00 43.80  ? 55  ASP A CA  1 
ATOM   420  C  C   . ASP A 1 55  ? 3.897   5.079   12.267  1.00 43.80  ? 55  ASP A C   1 
ATOM   421  O  O   . ASP A 1 55  ? 2.705   4.939   12.016  1.00 43.80  ? 55  ASP A O   1 
ATOM   422  C  CB  . ASP A 1 55  ? 4.822   4.366   14.467  1.00 63.27  ? 55  ASP A CB  1 
ATOM   423  C  CG  . ASP A 1 55  ? 4.544   3.216   15.393  1.00 63.27  ? 55  ASP A CG  1 
ATOM   424  O  OD1 . ASP A 1 55  ? 4.616   3.395   16.625  1.00 63.27  ? 55  ASP A OD1 1 
ATOM   425  O  OD2 . ASP A 1 55  ? 4.248   2.123   14.881  1.00 63.27  ? 55  ASP A OD2 1 
ATOM   426  N  N   . PRO A 1 56  ? 4.558   6.195   11.926  1.00 37.63  ? 56  PRO A N   1 
ATOM   427  C  CA  . PRO A 1 56  ? 3.832   7.250   11.218  1.00 37.63  ? 56  PRO A CA  1 
ATOM   428  C  C   . PRO A 1 56  ? 3.217   6.732   9.931   1.00 37.63  ? 56  PRO A C   1 
ATOM   429  O  O   . PRO A 1 56  ? 2.113   7.138   9.552   1.00 37.63  ? 56  PRO A O   1 
ATOM   430  C  CB  . PRO A 1 56  ? 4.907   8.292   10.960  1.00 33.61  ? 56  PRO A CB  1 
ATOM   431  C  CG  . PRO A 1 56  ? 5.803   8.131   12.142  1.00 33.61  ? 56  PRO A CG  1 
ATOM   432  C  CD  . PRO A 1 56  ? 5.920   6.640   12.271  1.00 33.61  ? 56  PRO A CD  1 
ATOM   433  N  N   . GLN A 1 57  ? 3.947   5.841   9.261   1.00 38.90  ? 57  GLN A N   1 
ATOM   434  C  CA  . GLN A 1 57  ? 3.502   5.231   8.008   1.00 38.90  ? 57  GLN A CA  1 
ATOM   435  C  C   . GLN A 1 57  ? 2.260   4.365   8.260   1.00 38.90  ? 57  GLN A C   1 
ATOM   436  O  O   . GLN A 1 57  ? 1.296   4.412   7.501   1.00 38.90  ? 57  GLN A O   1 
ATOM   437  C  CB  . GLN A 1 57  ? 4.632   4.375   7.416   1.00 46.58  ? 57  GLN A CB  1 
ATOM   438  C  CG  . GLN A 1 57  ? 4.344   3.790   6.047   1.00 46.58  ? 57  GLN A CG  1 
ATOM   439  C  CD  . GLN A 1 57  ? 4.175   4.865   4.989   1.00 46.58  ? 57  GLN A CD  1 
ATOM   440  O  OE1 . GLN A 1 57  ? 4.309   6.055   5.282   1.00 46.58  ? 57  GLN A OE1 1 
ATOM   441  N  NE2 . GLN A 1 57  ? 3.876   4.455   3.754   1.00 46.58  ? 57  GLN A NE2 1 
ATOM   442  N  N   . VAL A 1 58  ? 2.283   3.574   9.326   1.00 40.90  ? 58  VAL A N   1 
ATOM   443  C  CA  . VAL A 1 58  ? 1.134   2.738   9.660   1.00 40.90  ? 58  VAL A CA  1 
ATOM   444  C  C   . VAL A 1 58  ? -0.083  3.614   9.892   1.00 40.90  ? 58  VAL A C   1 
ATOM   445  O  O   . VAL A 1 58  ? -1.186  3.282   9.485   1.00 40.90  ? 58  VAL A O   1 
ATOM   446  C  CB  . VAL A 1 58  ? 1.362   1.937   10.946  1.00 29.75  ? 58  VAL A CB  1 
ATOM   447  C  CG1 . VAL A 1 58  ? 0.087   1.192   11.320  1.00 29.75  ? 58  VAL A CG1 1 
ATOM   448  C  CG2 . VAL A 1 58  ? 2.538   1.003   10.771  1.00 29.75  ? 58  VAL A CG2 1 
ATOM   449  N  N   . GLU A 1 59  ? 0.134   4.736   10.570  1.00 33.98  ? 59  GLU A N   1 
ATOM   450  C  CA  . GLU A 1 59  ? -0.938  5.674   10.879  1.00 33.98  ? 59  GLU A CA  1 
ATOM   451  C  C   . GLU A 1 59  ? -1.467  6.297   9.603   1.00 33.98  ? 59  GLU A C   1 
ATOM   452  O  O   . GLU A 1 59  ? -2.678  6.427   9.406   1.00 33.98  ? 59  GLU A O   1 
ATOM   453  C  CB  . GLU A 1 59  ? -0.437  6.769   11.826  1.00 90.40  ? 59  GLU A CB  1 
ATOM   454  C  CG  . GLU A 1 59  ? -1.399  7.026   12.957  1.00 90.40  ? 59  GLU A CG  1 
ATOM   455  C  CD  . GLU A 1 59  ? -1.917  5.722   13.542  1.00 90.40  ? 59  GLU A CD  1 
ATOM   456  O  OE1 . GLU A 1 59  ? -1.095  4.928   14.040  1.00 90.40  ? 59  GLU A OE1 1 
ATOM   457  O  OE2 . GLU A 1 59  ? -3.143  5.479   13.491  1.00 90.40  ? 59  GLU A OE2 1 
ATOM   458  N  N   . LEU A 1 60  ? -0.539  6.677   8.738   1.00 35.36  ? 60  LEU A N   1 
ATOM   459  C  CA  . LEU A 1 60  ? -0.876  7.292   7.481   1.00 35.36  ? 60  LEU A CA  1 
ATOM   460  C  C   . LEU A 1 60  ? -1.671  6.345   6.585   1.00 35.36  ? 60  LEU A C   1 
ATOM   461  O  O   . LEU A 1 60  ? -2.723  6.710   6.077   1.00 35.36  ? 60  LEU A O   1 
ATOM   462  C  CB  . LEU A 1 60  ? 0.410   7.745   6.805   1.00 43.67  ? 60  LEU A CB  1 
ATOM   463  C  CG  . LEU A 1 60  ? 0.308   8.500   5.488   1.00 43.67  ? 60  LEU A CG  1 
ATOM   464  C  CD1 . LEU A 1 60  ? -0.684  9.629   5.592   1.00 43.67  ? 60  LEU A CD1 1 
ATOM   465  C  CD2 . LEU A 1 60  ? 1.675   9.043   5.150   1.00 43.67  ? 60  LEU A CD2 1 
ATOM   466  N  N   . VAL A 1 61  ? -1.178  5.122   6.409   1.00 40.86  ? 61  VAL A N   1 
ATOM   467  C  CA  . VAL A 1 61  ? -1.841  4.128   5.570   1.00 40.86  ? 61  VAL A CA  1 
ATOM   468  C  C   . VAL A 1 61  ? -3.245  3.786   6.050   1.00 40.86  ? 61  VAL A C   1 
ATOM   469  O  O   . VAL A 1 61  ? -4.159  3.644   5.243   1.00 40.86  ? 61  VAL A O   1 
ATOM   470  C  CB  . VAL A 1 61  ? -1.005  2.829   5.491   1.00 45.45  ? 61  VAL A CB  1 
ATOM   471  C  CG1 . VAL A 1 61  ? -1.713  1.797   4.609   1.00 45.45  ? 61  VAL A CG1 1 
ATOM   472  C  CG2 . VAL A 1 61  ? 0.374   3.150   4.933   1.00 45.45  ? 61  VAL A CG2 1 
ATOM   473  N  N   . ARG A 1 62  ? -3.412  3.654   7.364   1.00 35.29  ? 62  ARG A N   1 
ATOM   474  C  CA  . ARG A 1 62  ? -4.715  3.341   7.949   1.00 35.29  ? 62  ARG A CA  1 
ATOM   475  C  C   . ARG A 1 62  ? -5.729  4.399   7.535   1.00 35.29  ? 62  ARG A C   1 
ATOM   476  O  O   . ARG A 1 62  ? -6.901  4.093   7.277   1.00 35.29  ? 62  ARG A O   1 
ATOM   477  C  CB  . ARG A 1 62  ? -4.632  3.278   9.482   1.00 37.94  ? 62  ARG A CB  1 
ATOM   478  C  CG  . ARG A 1 62  ? -3.891  2.075   10.036  1.00 37.94  ? 62  ARG A CG  1 
ATOM   479  C  CD  . ARG A 1 62  ? -3.883  2.070   11.555  1.00 37.94  ? 62  ARG A CD  1 
ATOM   480  N  NE  . ARG A 1 62  ? -3.131  0.954   12.135  1.00 37.94  ? 62  ARG A NE  1 
ATOM   481  C  CZ  . ARG A 1 62  ? -2.738  0.894   13.408  1.00 37.94  ? 62  ARG A CZ  1 
ATOM   482  N  NH1 . ARG A 1 62  ? -3.017  1.880   14.248  1.00 37.94  ? 62  ARG A NH1 1 
ATOM   483  N  NH2 . ARG A 1 62  ? -2.058  -0.148  13.854  1.00 37.94  ? 62  ARG A NH2 1 
ATOM   484  N  N   . GLY A 1 63  ? -5.261  5.643   7.462   1.00 34.83  ? 63  GLY A N   1 
ATOM   485  C  CA  . GLY A 1 63  ? -6.119  6.744   7.065   1.00 34.83  ? 63  GLY A CA  1 
ATOM   486  C  C   . GLY A 1 63  ? -6.507  6.615   5.609   1.00 34.83  ? 63  GLY A C   1 
ATOM   487  O  O   . GLY A 1 63  ? -7.663  6.822   5.247   1.00 34.83  ? 63  GLY A O   1 
ATOM   488  N  N   . TYR A 1 64  ? -5.531  6.258   4.777   1.00 45.92  ? 64  TYR A N   1 
ATOM   489  C  CA  . TYR A 1 64  ? -5.748  6.061   3.349   1.00 45.92  ? 64  TYR A CA  1 
ATOM   490  C  C   . TYR A 1 64  ? -6.806  5.010   3.123   1.00 45.92  ? 64  TYR A C   1 
ATOM   491  O  O   . TYR A 1 64  ? -7.660  5.147   2.251   1.00 45.92  ? 64  TYR A O   1 
ATOM   492  C  CB  . TYR A 1 64  ? -4.464  5.609   2.682   1.00 40.75  ? 64  TYR A CB  1 
ATOM   493  C  CG  . TYR A 1 64  ? -3.438  6.691   2.588   1.00 40.75  ? 64  TYR A CG  1 
ATOM   494  C  CD1 . TYR A 1 64  ? -3.805  8.022   2.748   1.00 40.75  ? 64  TYR A CD1 1 
ATOM   495  C  CD2 . TYR A 1 64  ? -2.115  6.395   2.270   1.00 40.75  ? 64  TYR A CD2 1 
ATOM   496  C  CE1 . TYR A 1 64  ? -2.893  9.036   2.590   1.00 40.75  ? 64  TYR A CE1 1 
ATOM   497  C  CE2 . TYR A 1 64  ? -1.185  7.406   2.105   1.00 40.75  ? 64  TYR A CE2 1 
ATOM   498  C  CZ  . TYR A 1 64  ? -1.581  8.734   2.262   1.00 40.75  ? 64  TYR A CZ  1 
ATOM   499  O  OH  . TYR A 1 64  ? -0.695  9.772   2.047   1.00 40.75  ? 64  TYR A OH  1 
ATOM   500  N  N   . ALA A 1 65  ? -6.729  3.949   3.915   1.00 43.12  ? 65  ALA A N   1 
ATOM   501  C  CA  . ALA A 1 65  ? -7.684  2.864   3.827   1.00 43.12  ? 65  ALA A CA  1 
ATOM   502  C  C   . ALA A 1 65  ? -9.055  3.421   4.142   1.00 43.12  ? 65  ALA A C   1 
ATOM   503  O  O   . ALA A 1 65  ? -10.055 3.035   3.536   1.00 43.12  ? 65  ALA A O   1 
ATOM   504  C  CB  . ALA A 1 65  ? -7.329  1.778   4.825   1.00 21.10  ? 65  ALA A CB  1 
ATOM   505  N  N   . ASP A 1 66  ? -9.092  4.341   5.096   1.00 33.18  ? 66  ASP A N   1 
ATOM   506  C  CA  . ASP A 1 66  ? -10.341 4.938   5.521   1.00 33.18  ? 66  ASP A CA  1 
ATOM   507  C  C   . ASP A 1 66  ? -10.877 5.892   4.458   1.00 33.18  ? 66  ASP A C   1 
ATOM   508  O  O   . ASP A 1 66  ? -12.076 5.903   4.140   1.00 33.18  ? 66  ASP A O   1 
ATOM   509  C  CB  . ASP A 1 66  ? -10.124 5.673   6.836   1.00 56.59  ? 66  ASP A CB  1 
ATOM   510  C  CG  . ASP A 1 66  ? -11.393 5.818   7.622   1.00 56.59  ? 66  ASP A CG  1 
ATOM   511  O  OD1 . ASP A 1 66  ? -12.403 6.283   7.060   1.00 56.59  ? 66  ASP A OD1 1 
ATOM   512  O  OD2 . ASP A 1 66  ? -11.390 5.466   8.809   1.00 56.59  ? 66  ASP A OD2 1 
ATOM   513  N  N   . GLU A 1 67  ? -9.985  6.705   3.910   1.00 44.77  ? 67  GLU A N   1 
ATOM   514  C  CA  . GLU A 1 67  ? -10.380 7.647   2.882   1.00 44.77  ? 67  GLU A CA  1 
ATOM   515  C  C   . GLU A 1 67  ? -11.015 6.905   1.718   1.00 44.77  ? 67  GLU A C   1 
ATOM   516  O  O   . GLU A 1 67  ? -12.167 7.147   1.355   1.00 44.77  ? 67  GLU A O   1 
ATOM   517  C  CB  . GLU A 1 67  ? -9.165  8.403   2.381   1.00 73.36  ? 67  GLU A CB  1 
ATOM   518  C  CG  . GLU A 1 67  ? -8.522  9.253   3.424   1.00 73.36  ? 67  GLU A CG  1 
ATOM   519  C  CD  . GLU A 1 67  ? -7.500  10.164  2.829   1.00 73.36  ? 67  GLU A CD  1 
ATOM   520  O  OE1 . GLU A 1 67  ? -7.796  10.715  1.754   1.00 73.36  ? 67  GLU A OE1 1 
ATOM   521  O  OE2 . GLU A 1 67  ? -6.415  10.338  3.424   1.00 73.36  ? 67  GLU A OE2 1 
ATOM   522  N  N   . VAL A 1 68  ? -10.225 5.999   1.148   1.00 51.71  ? 68  VAL A N   1 
ATOM   523  C  CA  . VAL A 1 68  ? -10.607 5.173   0.017   1.00 51.71  ? 68  VAL A CA  1 
ATOM   524  C  C   . VAL A 1 68  ? -11.926 4.424   0.244   1.00 51.71  ? 68  VAL A C   1 
ATOM   525  O  O   . VAL A 1 68  ? -12.769 4.349   -0.653  1.00 51.71  ? 68  VAL A O   1 
ATOM   526  C  CB  . VAL A 1 68  ? -9.459  4.191   -0.289  1.00 35.30  ? 68  VAL A CB  1 
ATOM   527  C  CG1 . VAL A 1 68  ? -9.925  2.753   -0.150  1.00 35.30  ? 68  VAL A CG1 1 
ATOM   528  C  CG2 . VAL A 1 68  ? -8.884  4.487   -1.661  1.00 35.30  ? 68  VAL A CG2 1 
ATOM   529  N  N   . ALA A 1 69  ? -12.107 3.884   1.446   1.00 44.69  ? 69  ALA A N   1 
ATOM   530  C  CA  . ALA A 1 69  ? -13.327 3.154   1.780   1.00 44.69  ? 69  ALA A CA  1 
ATOM   531  C  C   . ALA A 1 69  ? -14.561 4.029   1.727   1.00 44.69  ? 69  ALA A C   1 
ATOM   532  O  O   . ALA A 1 69  ? -15.555 3.659   1.132   1.00 44.69  ? 69  ALA A O   1 
ATOM   533  C  CB  . ALA A 1 69  ? -13.211 2.537   3.159   1.00 20.89  ? 69  ALA A CB  1 
ATOM   534  N  N   . GLU A 1 70  ? -14.516 5.190   2.359   1.00 53.37  ? 70  GLU A N   1 
ATOM   535  C  CA  . GLU A 1 70  ? -15.688 6.056   2.345   1.00 53.37  ? 70  GLU A CA  1 
ATOM   536  C  C   . GLU A 1 70  ? -15.968 6.608   0.951   1.00 53.37  ? 70  GLU A C   1 
ATOM   537  O  O   . GLU A 1 70  ? -17.088 7.041   0.661   1.00 53.37  ? 70  GLU A O   1 
ATOM   538  C  CB  . GLU A 1 70  ? -15.516 7.192   3.353   1.00 51.73  ? 70  GLU A CB  1 
ATOM   539  C  CG  . GLU A 1 70  ? -15.217 6.691   4.750   1.00 51.73  ? 70  GLU A CG  1 
ATOM   540  C  CD  . GLU A 1 70  ? -15.210 7.813   5.777   1.00 51.73  ? 70  GLU A CD  1 
ATOM   541  O  OE1 . GLU A 1 70  ? -15.086 9.004   5.364   1.00 51.73  ? 70  GLU A OE1 1 
ATOM   542  O  OE2 . GLU A 1 70  ? -15.312 7.499   6.996   1.00 51.73  ? 70  GLU A OE2 1 
ATOM   543  N  N   . ARG A 1 71  ? -14.951 6.588   0.091   1.00 50.19  ? 71  ARG A N   1 
ATOM   544  C  CA  . ARG A 1 71  ? -15.114 7.070   -1.269  1.00 50.19  ? 71  ARG A CA  1 
ATOM   545  C  C   . ARG A 1 71  ? -15.978 6.041   -1.991  1.00 50.19  ? 71  ARG A C   1 
ATOM   546  O  O   . ARG A 1 71  ? -16.865 6.394   -2.770  1.00 50.19  ? 71  ARG A O   1 
ATOM   547  C  CB  . ARG A 1 71  ? -13.756 7.213   -1.956  1.00 55.35  ? 71  ARG A CB  1 
ATOM   548  C  CG  . ARG A 1 71  ? -13.816 7.811   -3.363  1.00 55.35  ? 71  ARG A CG  1 
ATOM   549  C  CD  . ARG A 1 71  ? -14.466 9.192   -3.385  1.00 55.35  ? 71  ARG A CD  1 
ATOM   550  N  NE  . ARG A 1 71  ? -14.673 9.682   -4.746  1.00 55.35  ? 71  ARG A NE  1 
ATOM   551  C  CZ  . ARG A 1 71  ? -15.287 10.823  -5.049  1.00 55.35  ? 71  ARG A CZ  1 
ATOM   552  N  NH1 . ARG A 1 71  ? -15.757 11.601  -4.086  1.00 55.35  ? 71  ARG A NH1 1 
ATOM   553  N  NH2 . ARG A 1 71  ? -15.433 11.184  -6.314  1.00 55.35  ? 71  ARG A NH2 1 
ATOM   554  N  N   . ILE A 1 72  ? -15.729 4.766   -1.720  1.00 42.87  ? 72  ILE A N   1 
ATOM   555  C  CA  . ILE A 1 72  ? -16.516 3.706   -2.326  1.00 42.87  ? 72  ILE A CA  1 
ATOM   556  C  C   . ILE A 1 72  ? -17.972 3.908   -1.904  1.00 42.87  ? 72  ILE A C   1 
ATOM   557  O  O   . ILE A 1 72  ? -18.868 3.998   -2.749  1.00 42.87  ? 72  ILE A O   1 
ATOM   558  C  CB  . ILE A 1 72  ? -16.039 2.322   -1.847  1.00 39.64  ? 72  ILE A CB  1 
ATOM   559  C  CG1 . ILE A 1 72  ? -14.726 1.951   -2.545  1.00 39.64  ? 72  ILE A CG1 1 
ATOM   560  C  CG2 . ILE A 1 72  ? -17.132 1.287   -2.074  1.00 39.64  ? 72  ILE A CG2 1 
ATOM   561  C  CD1 . ILE A 1 72  ? -14.020 0.760   -1.924  1.00 39.64  ? 72  ILE A CD1 1 
ATOM   562  N  N   . ALA A 1 73  ? -18.200 3.982   -0.594  1.00 45.63  ? 73  ALA A N   1 
ATOM   563  C  CA  . ALA A 1 73  ? -19.539 4.183   -0.042  1.00 45.63  ? 73  ALA A CA  1 
ATOM   564  C  C   . ALA A 1 73  ? -20.216 5.423   -0.628  1.00 45.63  ? 73  ALA A C   1 
ATOM   565  O  O   . ALA A 1 73  ? -21.427 5.441   -0.804  1.00 45.63  ? 73  ALA A O   1 
ATOM   566  C  CB  . ALA A 1 73  ? -19.457 4.305   1.465   1.00 46.77  ? 73  ALA A CB  1 
ATOM   567  N  N   . THR A 1 74  ? -19.437 6.465   -0.913  1.00 63.27  ? 74  THR A N   1 
ATOM   568  C  CA  . THR A 1 74  ? -19.985 7.687   -1.492  1.00 63.27  ? 74  THR A CA  1 
ATOM   569  C  C   . THR A 1 74  ? -20.349 7.409   -2.947  1.00 63.27  ? 74  THR A C   1 
ATOM   570  O  O   . THR A 1 74  ? -21.254 8.032   -3.509  1.00 63.27  ? 74  THR A O   1 
ATOM   571  C  CB  . THR A 1 74  ? -18.959 8.847   -1.418  1.00 47.79  ? 74  THR A CB  1 
ATOM   572  O  OG1 . THR A 1 74  ? -18.621 9.085   -0.046  1.00 47.79  ? 74  THR A OG1 1 
ATOM   573  C  CG2 . THR A 1 74  ? -19.538 10.134  -2.012  1.00 47.79  ? 74  THR A CG2 1 
ATOM   574  N  N   . LEU A 1 75  ? -19.628 6.463   -3.545  1.00 88.83  ? 75  LEU A N   1 
ATOM   575  C  CA  . LEU A 1 75  ? -19.855 6.060   -4.927  1.00 88.83  ? 75  LEU A CA  1 
ATOM   576  C  C   . LEU A 1 75  ? -21.177 5.307   -5.048  1.00 88.83  ? 75  LEU A C   1 
ATOM   577  O  O   . LEU A 1 75  ? -21.746 5.218   -6.133  1.00 88.83  ? 75  LEU A O   1 
ATOM   578  C  CB  . LEU A 1 75  ? -18.707 5.174   -5.420  1.00 42.20  ? 75  LEU A CB  1 
ATOM   579  C  CG  . LEU A 1 75  ? -17.425 5.922   -5.809  1.00 42.20  ? 75  LEU A CG  1 
ATOM   580  C  CD1 . LEU A 1 75  ? -16.251 4.966   -6.033  1.00 42.20  ? 75  LEU A CD1 1 
ATOM   581  C  CD2 . LEU A 1 75  ? -17.716 6.736   -7.063  1.00 42.20  ? 75  LEU A CD2 1 
ATOM   582  N  N   . GLY A 1 76  ? -21.660 4.767   -3.931  1.00 83.40  ? 76  GLY A N   1 
ATOM   583  C  CA  . GLY A 1 76  ? -22.919 4.042   -3.939  1.00 83.40  ? 76  GLY A CA  1 
ATOM   584  C  C   . GLY A 1 76  ? -22.800 2.591   -3.507  1.00 83.40  ? 76  GLY A C   1 
ATOM   585  O  O   . GLY A 1 76  ? -23.772 1.987   -3.057  1.00 83.40  ? 76  GLY A O   1 
ATOM   586  N  N   . LYS A 1 77  ? -21.608 2.024   -3.648  1.00 63.53  ? 77  LYS A N   1 
ATOM   587  C  CA  . LYS A 1 77  ? -21.377 0.640   -3.275  1.00 63.53  ? 77  LYS A CA  1 
ATOM   588  C  C   . LYS A 1 77  ? -21.114 0.462   -1.783  1.00 63.53  ? 77  LYS A C   1 
ATOM   589  O  O   . LYS A 1 77  ? -21.281 1.390   -0.992  1.00 63.53  ? 77  LYS A O   1 
ATOM   590  C  CB  . LYS A 1 77  ? -20.214 0.074   -4.091  1.00 102.37 ? 77  LYS A CB  1 
ATOM   591  C  CG  . LYS A 1 77  ? -20.602 -0.285  -5.516  1.00 102.37 ? 77  LYS A CG  1 
ATOM   592  C  CD  . LYS A 1 77  ? -21.247 0.888   -6.242  1.00 102.37 ? 77  LYS A CD  1 
ATOM   593  C  CE  . LYS A 1 77  ? -21.906 0.448   -7.541  1.00 102.37 ? 77  LYS A CE  1 
ATOM   594  N  NZ  . LYS A 1 77  ? -22.965 -0.577  -7.309  1.00 102.37 ? 77  LYS A NZ  1 
ATOM   595  N  N   . SER A 1 78  ? -20.706 -0.744  -1.407  1.00 74.33  ? 78  SER A N   1 
ATOM   596  C  CA  . SER A 1 78  ? -20.428 -1.076  -0.018  1.00 74.33  ? 78  SER A CA  1 
ATOM   597  C  C   . SER A 1 78  ? -18.982 -1.556  0.120   1.00 74.33  ? 78  SER A C   1 
ATOM   598  O  O   . SER A 1 78  ? -18.578 -2.515  -0.529  1.00 74.33  ? 78  SER A O   1 
ATOM   599  C  CB  . SER A 1 78  ? -21.400 -2.166  0.437   1.00 64.01  ? 78  SER A CB  1 
ATOM   600  O  OG  . SER A 1 78  ? -21.260 -2.467  1.811   1.00 64.01  ? 78  SER A OG  1 
ATOM   601  N  N   . PRO A 1 79  ? -18.178 -0.877  0.955   1.00 70.02  ? 79  PRO A N   1 
ATOM   602  C  CA  . PRO A 1 79  ? -16.773 -1.253  1.160   1.00 70.02  ? 79  PRO A CA  1 
ATOM   603  C  C   . PRO A 1 79  ? -16.606 -2.503  2.019   1.00 70.02  ? 79  PRO A C   1 
ATOM   604  O  O   . PRO A 1 79  ? -17.348 -2.699  2.978   1.00 70.02  ? 79  PRO A O   1 
ATOM   605  C  CB  . PRO A 1 79  ? -16.177 -0.017  1.837   1.00 92.66  ? 79  PRO A CB  1 
ATOM   606  C  CG  . PRO A 1 79  ? -17.087 1.095   1.403   1.00 92.66  ? 79  PRO A CG  1 
ATOM   607  C  CD  . PRO A 1 79  ? -18.437 0.458   1.515   1.00 92.66  ? 79  PRO A CD  1 
ATOM   608  N  N   . LYS A 1 80  ? -15.628 -3.340  1.682   1.00 62.03  ? 80  LYS A N   1 
ATOM   609  C  CA  . LYS A 1 80  ? -15.377 -4.565  2.441   1.00 62.03  ? 80  LYS A CA  1 
ATOM   610  C  C   . LYS A 1 80  ? -14.056 -4.531  3.192   1.00 62.03  ? 80  LYS A C   1 
ATOM   611  O  O   . LYS A 1 80  ? -12.989 -4.471  2.580   1.00 62.03  ? 80  LYS A O   1 
ATOM   612  C  CB  . LYS A 1 80  ? -15.411 -5.782  1.515   1.00 81.22  ? 80  LYS A CB  1 
ATOM   613  C  CG  . LYS A 1 80  ? -16.802 -6.332  1.283   1.00 81.22  ? 80  LYS A CG  1 
ATOM   614  C  CD  . LYS A 1 80  ? -17.710 -5.293  0.661   1.00 81.22  ? 80  LYS A CD  1 
ATOM   615  C  CE  . LYS A 1 80  ? -19.143 -5.761  0.680   1.00 81.22  ? 80  LYS A CE  1 
ATOM   616  N  NZ  . LYS A 1 80  ? -20.090 -4.796  0.070   1.00 81.22  ? 80  LYS A NZ  1 
ATOM   617  N  N   . GLY A 1 81  ? -14.129 -4.600  4.520   1.00 51.77  ? 81  GLY A N   1 
ATOM   618  C  CA  . GLY A 1 81  ? -12.919 -4.539  5.313   1.00 51.77  ? 81  GLY A CA  1 
ATOM   619  C  C   . GLY A 1 81  ? -12.640 -5.614  6.340   1.00 51.77  ? 81  GLY A C   1 
ATOM   620  O  O   . GLY A 1 81  ? -11.823 -5.410  7.230   1.00 51.77  ? 81  GLY A O   1 
ATOM   621  N  N   . THR A 1 82  ? -13.304 -6.755  6.249   1.00 61.01  ? 82  THR A N   1 
ATOM   622  C  CA  . THR A 1 82  ? -13.041 -7.836  7.195   1.00 61.01  ? 82  THR A CA  1 
ATOM   623  C  C   . THR A 1 82  ? -11.843 -8.633  6.673   1.00 61.01  ? 82  THR A C   1 
ATOM   624  O  O   . THR A 1 82  ? -11.542 -8.588  5.480   1.00 61.01  ? 82  THR A O   1 
ATOM   625  C  CB  . THR A 1 82  ? -14.261 -8.742  7.329   1.00 61.79  ? 82  THR A CB  1 
ATOM   626  O  OG1 . THR A 1 82  ? -14.945 -8.790  6.073   1.00 61.79  ? 82  THR A OG1 1 
ATOM   627  C  CG2 . THR A 1 82  ? -15.198 -8.219  8.401   1.00 61.79  ? 82  THR A CG2 1 
ATOM   628  N  N   . PRO A 1 83  ? -11.137 -9.363  7.560   1.00 67.20  ? 83  PRO A N   1 
ATOM   629  C  CA  . PRO A 1 83  ? -9.960  -10.168 7.182   1.00 67.20  ? 83  PRO A CA  1 
ATOM   630  C  C   . PRO A 1 83  ? -10.161 -11.057 5.953   1.00 67.20  ? 83  PRO A C   1 
ATOM   631  O  O   . PRO A 1 83  ? -9.223  -11.303 5.189   1.00 67.20  ? 83  PRO A O   1 
ATOM   632  C  CB  . PRO A 1 83  ? -9.678  -10.980 8.440   1.00 35.82  ? 83  PRO A CB  1 
ATOM   633  C  CG  . PRO A 1 83  ? -10.144 -10.058 9.543   1.00 35.82  ? 83  PRO A CG  1 
ATOM   634  C  CD  . PRO A 1 83  ? -11.453 -9.533  8.992   1.00 35.82  ? 83  PRO A CD  1 
ATOM   635  N  N   . GLY A 1 84  ? -11.384 -11.540 5.769   1.00 69.42  ? 84  GLY A N   1 
ATOM   636  C  CA  . GLY A 1 84  ? -11.676 -12.375 4.619   1.00 69.42  ? 84  GLY A CA  1 
ATOM   637  C  C   . GLY A 1 84  ? -11.601 -11.590 3.322   1.00 69.42  ? 84  GLY A C   1 
ATOM   638  O  O   . GLY A 1 84  ? -10.928 -11.982 2.375   1.00 69.42  ? 84  GLY A O   1 
ATOM   639  N  N   . ALA A 1 85  ? -12.299 -10.465 3.277   1.00 63.07  ? 85  ALA A N   1 
ATOM   640  C  CA  . ALA A 1 85  ? -12.301 -9.637  2.085   1.00 63.07  ? 85  ALA A CA  1 
ATOM   641  C  C   . ALA A 1 85  ? -10.887 -9.269  1.669   1.00 63.07  ? 85  ALA A C   1 
ATOM   642  O  O   . ALA A 1 85  ? -10.623 -9.007  0.500   1.00 63.07  ? 85  ALA A O   1 
ATOM   643  C  CB  . ALA A 1 85  ? -13.096 -8.399  2.328   1.00 48.57  ? 85  ALA A CB  1 
ATOM   644  N  N   . ILE A 1 86  ? -9.974  -9.248  2.632   1.00 56.82  ? 86  ILE A N   1 
ATOM   645  C  CA  . ILE A 1 86  ? -8.593  -8.901  2.331   1.00 56.82  ? 86  ILE A CA  1 
ATOM   646  C  C   . ILE A 1 86  ? -8.008  -10.047 1.548   1.00 56.82  ? 86  ILE A C   1 
ATOM   647  O  O   . ILE A 1 86  ? -7.641  -9.883  0.392   1.00 56.82  ? 86  ILE A O   1 
ATOM   648  C  CB  . ILE A 1 86  ? -7.748  -8.695  3.617   1.00 44.95  ? 86  ILE A CB  1 
ATOM   649  C  CG1 . ILE A 1 86  ? -8.329  -7.553  4.451   1.00 44.95  ? 86  ILE A CG1 1 
ATOM   650  C  CG2 . ILE A 1 86  ? -6.295  -8.370  3.263   1.00 44.95  ? 86  ILE A CG2 1 
ATOM   651  C  CD1 . ILE A 1 86  ? -7.644  -7.413  5.796   1.00 44.95  ? 86  ILE A CD1 1 
ATOM   652  N  N   . ILE A 1 87  ? -7.932  -11.214 2.182   1.00 75.38  ? 87  ILE A N   1 
ATOM   653  C  CA  . ILE A 1 87  ? -7.380  -12.406 1.546   1.00 75.38  ? 87  ILE A CA  1 
ATOM   654  C  C   . ILE A 1 87  ? -8.012  -12.656 0.171   1.00 75.38  ? 87  ILE A C   1 
ATOM   655  O  O   . ILE A 1 87  ? -7.344  -13.108 -0.759  1.00 75.38  ? 87  ILE A O   1 
ATOM   656  C  CB  . ILE A 1 87  ? -7.586  -13.639 2.446   1.00 81.57  ? 87  ILE A CB  1 
ATOM   657  C  CG1 . ILE A 1 87  ? -9.072  -13.808 2.750   1.00 81.57  ? 87  ILE A CG1 1 
ATOM   658  C  CG2 . ILE A 1 87  ? -6.798  -13.478 3.736   1.00 81.57  ? 87  ILE A CG2 1 
ATOM   659  C  CD1 . ILE A 1 87  ? -9.394  -14.929 3.699   1.00 81.57  ? 87  ILE A CD1 1 
ATOM   660  N  N   . LYS A 1 88  ? -9.299  -12.342 0.052   1.00 64.37  ? 88  LYS A N   1 
ATOM   661  C  CA  . LYS A 1 88  ? -10.038 -12.512 -1.196  1.00 64.37  ? 88  LYS A CA  1 
ATOM   662  C  C   . LYS A 1 88  ? -9.460  -11.653 -2.338  1.00 64.37  ? 88  LYS A C   1 
ATOM   663  O  O   . LYS A 1 88  ? -8.936  -12.187 -3.320  1.00 64.37  ? 88  LYS A O   1 
ATOM   664  C  CB  . LYS A 1 88  ? -11.506 -12.162 -0.953  1.00 83.45  ? 88  LYS A CB  1 
ATOM   665  C  CG  . LYS A 1 88  ? -12.401 -12.278 -2.161  1.00 83.45  ? 88  LYS A CG  1 
ATOM   666  C  CD  . LYS A 1 88  ? -13.846 -12.027 -1.763  1.00 83.45  ? 88  LYS A CD  1 
ATOM   667  C  CE  . LYS A 1 88  ? -14.751 -11.902 -2.976  1.00 83.45  ? 88  LYS A CE  1 
ATOM   668  N  NZ  . LYS A 1 88  ? -16.156 -11.605 -2.576  1.00 83.45  ? 88  LYS A NZ  1 
ATOM   669  N  N   . ASP A 1 89  ? -9.551  -10.330 -2.196  1.00 76.90  ? 89  ASP A N   1 
ATOM   670  C  CA  . ASP A 1 89  ? -9.041  -9.372  -3.185  1.00 76.90  ? 89  ASP A CA  1 
ATOM   671  C  C   . ASP A 1 89  ? -7.520  -9.442  -3.327  1.00 76.90  ? 89  ASP A C   1 
ATOM   672  O  O   . ASP A 1 89  ? -6.959  -9.064  -4.350  1.00 76.90  ? 89  ASP A O   1 
ATOM   673  C  CB  . ASP A 1 89  ? -9.411  -7.951  -2.767  1.00 72.22  ? 89  ASP A CB  1 
ATOM   674  C  CG  . ASP A 1 89  ? -10.881 -7.798  -2.457  1.00 72.22  ? 89  ASP A CG  1 
ATOM   675  O  OD1 . ASP A 1 89  ? -11.206 -7.122  -1.462  1.00 72.22  ? 89  ASP A OD1 1 
ATOM   676  O  OD2 . ASP A 1 89  ? -11.713 -8.340  -3.210  1.00 72.22  ? 89  ASP A OD2 1 
ATOM   677  N  N   . ARG A 1 90  ? -6.863  -9.907  -2.275  1.00 65.11  ? 90  ARG A N   1 
ATOM   678  C  CA  . ARG A 1 90  ? -5.410  -10.038 -2.229  1.00 65.11  ? 90  ARG A CA  1 
ATOM   679  C  C   . ARG A 1 90  ? -4.958  -10.922 -3.383  1.00 65.11  ? 90  ARG A C   1 
ATOM   680  O  O   . ARG A 1 90  ? -5.537  -11.980 -3.616  1.00 65.11  ? 90  ARG A O   1 
ATOM   681  C  CB  . ARG A 1 90  ? -5.039  -10.670 -0.896  1.00 73.96  ? 90  ARG A CB  1 
ATOM   682  C  CG  . ARG A 1 90  ? -3.600  -10.612 -0.479  1.00 73.96  ? 90  ARG A CG  1 
ATOM   683  C  CD  . ARG A 1 90  ? -3.497  -11.561 0.682   1.00 73.96  ? 90  ARG A CD  1 
ATOM   684  N  NE  . ARG A 1 90  ? -2.417  -11.267 1.603   1.00 73.96  ? 90  ARG A NE  1 
ATOM   685  C  CZ  . ARG A 1 90  ? -2.253  -11.918 2.748   1.00 73.96  ? 90  ARG A CZ  1 
ATOM   686  N  NH1 . ARG A 1 90  ? -3.100  -12.881 3.081   1.00 73.96  ? 90  ARG A NH1 1 
ATOM   687  N  NH2 . ARG A 1 90  ? -1.259  -11.598 3.564   1.00 73.96  ? 90  ARG A NH2 1 
ATOM   688  N  N   . THR A 1 91  ? -3.921  -10.499 -4.098  1.00 147.94 ? 91  THR A N   1 
ATOM   689  C  CA  . THR A 1 91  ? -3.431  -11.264 -5.243  1.00 147.94 ? 91  THR A CA  1 
ATOM   690  C  C   . THR A 1 91  ? -2.007  -11.787 -5.055  1.00 147.94 ? 91  THR A C   1 
ATOM   691  O  O   . THR A 1 91  ? -1.485  -12.509 -5.905  1.00 147.94 ? 91  THR A O   1 
ATOM   692  C  CB  . THR A 1 91  ? -3.472  -10.400 -6.533  1.00 147.94 ? 91  THR A CB  1 
ATOM   693  O  OG1 . THR A 1 91  ? -3.442  -11.251 -7.685  1.00 147.94 ? 91  THR A OG1 1 
ATOM   694  C  CG2 . THR A 1 91  ? -2.271  -9.463  -6.591  1.00 147.94 ? 91  THR A CG2 1 
ATOM   695  N  N   . TRP A 1 92  ? -1.388  -11.429 -3.938  1.00 62.05  ? 92  TRP A N   1 
ATOM   696  C  CA  . TRP A 1 92  ? -0.021  -11.842 -3.654  1.00 62.05  ? 92  TRP A CA  1 
ATOM   697  C  C   . TRP A 1 92  ? 0.018   -12.650 -2.370  1.00 62.05  ? 92  TRP A C   1 
ATOM   698  O  O   . TRP A 1 92  ? -1.021  -12.966 -1.781  1.00 62.05  ? 92  TRP A O   1 
ATOM   699  C  CB  . TRP A 1 92  ? 0.866   -10.605 -3.509  1.00 86.98  ? 92  TRP A CB  1 
ATOM   700  C  CG  . TRP A 1 92  ? 0.380   -9.724  -2.420  1.00 86.98  ? 92  TRP A CG  1 
ATOM   701  C  CD1 . TRP A 1 92  ? 0.812   -9.703  -1.125  1.00 86.98  ? 92  TRP A CD1 1 
ATOM   702  C  CD2 . TRP A 1 92  ? -0.743  -8.840  -2.484  1.00 86.98  ? 92  TRP A CD2 1 
ATOM   703  N  NE1 . TRP A 1 92  ? 0.019   -8.869  -0.375  1.00 86.98  ? 92  TRP A NE1 1 
ATOM   704  C  CE2 . TRP A 1 92  ? -0.943  -8.326  -1.185  1.00 86.98  ? 92  TRP A CE2 1 
ATOM   705  C  CE3 . TRP A 1 92  ? -1.604  -8.439  -3.515  1.00 86.98  ? 92  TRP A CE3 1 
ATOM   706  C  CZ2 . TRP A 1 92  ? -1.972  -7.427  -0.888  1.00 86.98  ? 92  TRP A CZ2 1 
ATOM   707  C  CZ3 . TRP A 1 92  ? -2.626  -7.549  -3.220  1.00 86.98  ? 92  TRP A CZ3 1 
ATOM   708  C  CH2 . TRP A 1 92  ? -2.801  -7.052  -1.916  1.00 86.98  ? 92  TRP A CH2 1 
ATOM   709  N  N   . ASP A 1 93  ? 1.231   -12.960 -1.929  1.00 82.26  ? 93  ASP A N   1 
ATOM   710  C  CA  . ASP A 1 93  ? 1.415   -13.740 -0.719  1.00 82.26  ? 93  ASP A CA  1 
ATOM   711  C  C   . ASP A 1 93  ? 1.627   -12.947 0.563   1.00 82.26  ? 93  ASP A C   1 
ATOM   712  O  O   . ASP A 1 93  ? 2.270   -11.896 0.595   1.00 82.26  ? 93  ASP A O   1 
ATOM   713  C  CB  . ASP A 1 93  ? 2.568   -14.731 -0.905  1.00 96.24  ? 93  ASP A CB  1 
ATOM   714  C  CG  . ASP A 1 93  ? 2.134   -15.998 -1.618  1.00 96.24  ? 93  ASP A CG  1 
ATOM   715  O  OD1 . ASP A 1 93  ? 1.289   -16.731 -1.061  1.00 96.24  ? 93  ASP A OD1 1 
ATOM   716  O  OD2 . ASP A 1 93  ? 2.629   -16.264 -2.734  1.00 96.24  ? 93  ASP A OD2 1 
ATOM   717  N  N   . ASP A 1 94  ? 1.052   -13.491 1.620   1.00 55.72  ? 94  ASP A N   1 
ATOM   718  C  CA  . ASP A 1 94  ? 1.125   -12.948 2.962   1.00 55.72  ? 94  ASP A CA  1 
ATOM   719  C  C   . ASP A 1 94  ? 2.598   -12.757 3.366   1.00 55.72  ? 94  ASP A C   1 
ATOM   720  O  O   . ASP A 1 94  ? 3.391   -13.690 3.250   1.00 55.72  ? 94  ASP A O   1 
ATOM   721  C  CB  . ASP A 1 94  ? 0.410   -13.949 3.868   1.00 63.15  ? 94  ASP A CB  1 
ATOM   722  C  CG  . ASP A 1 94  ? 0.461   -13.581 5.312   1.00 63.15  ? 94  ASP A CG  1 
ATOM   723  O  OD1 . ASP A 1 94  ? 1.573   -13.577 5.874   1.00 63.15  ? 94  ASP A OD1 1 
ATOM   724  O  OD2 . ASP A 1 94  ? -0.618  -13.316 5.886   1.00 63.15  ? 94  ASP A OD2 1 
ATOM   725  N  N   . TYR A 1 95  ? 2.959   -11.549 3.819   1.00 52.66  ? 95  TYR A N   1 
ATOM   726  C  CA  . TYR A 1 95  ? 4.335   -11.220 4.237   1.00 52.66  ? 95  TYR A CA  1 
ATOM   727  C  C   . TYR A 1 95  ? 4.960   -12.440 4.907   1.00 52.66  ? 95  TYR A C   1 
ATOM   728  O  O   . TYR A 1 95  ? 4.399   -12.994 5.848   1.00 52.66  ? 95  TYR A O   1 
ATOM   729  C  CB  . TYR A 1 95  ? 4.330   -10.027 5.212   1.00 48.05  ? 95  TYR A CB  1 
ATOM   730  C  CG  . TYR A 1 95  ? 5.707   -9.430  5.500   1.00 48.05  ? 95  TYR A CG  1 
ATOM   731  C  CD1 . TYR A 1 95  ? 6.395   -8.698  4.526   1.00 48.05  ? 95  TYR A CD1 1 
ATOM   732  C  CD2 . TYR A 1 95  ? 6.332   -9.618  6.739   1.00 48.05  ? 95  TYR A CD2 1 
ATOM   733  C  CE1 . TYR A 1 95  ? 7.661   -8.175  4.772   1.00 48.05  ? 95  TYR A CE1 1 
ATOM   734  C  CE2 . TYR A 1 95  ? 7.601   -9.097  6.992   1.00 48.05  ? 95  TYR A CE2 1 
ATOM   735  C  CZ  . TYR A 1 95  ? 8.252   -8.380  6.003   1.00 48.05  ? 95  TYR A CZ  1 
ATOM   736  O  OH  . TYR A 1 95  ? 9.498   -7.859  6.249   1.00 48.05  ? 95  TYR A OH  1 
ATOM   737  N  N   . SER A 1 96  ? 6.128   -12.855 4.430   1.00 75.54  ? 96  SER A N   1 
ATOM   738  C  CA  . SER A 1 96  ? 6.772   -14.048 4.970   1.00 75.54  ? 96  SER A CA  1 
ATOM   739  C  C   . SER A 1 96  ? 7.830   -13.905 6.061   1.00 75.54  ? 96  SER A C   1 
ATOM   740  O  O   . SER A 1 96  ? 8.065   -14.854 6.806   1.00 75.54  ? 96  SER A O   1 
ATOM   741  C  CB  . SER A 1 96  ? 7.357   -14.865 3.818   1.00 72.04  ? 96  SER A CB  1 
ATOM   742  O  OG  . SER A 1 96  ? 6.326   -15.329 2.965   1.00 72.04  ? 96  SER A OG  1 
ATOM   743  N  N   . VAL A 1 97  ? 8.465   -12.745 6.175   1.00 63.12  ? 97  VAL A N   1 
ATOM   744  C  CA  . VAL A 1 97  ? 9.498   -12.593 7.190   1.00 63.12  ? 97  VAL A CA  1 
ATOM   745  C  C   . VAL A 1 97  ? 8.954   -12.487 8.604   1.00 63.12  ? 97  VAL A C   1 
ATOM   746  O  O   . VAL A 1 97  ? 7.837   -12.030 8.825   1.00 63.12  ? 97  VAL A O   1 
ATOM   747  C  CB  . VAL A 1 97  ? 10.365  -11.368 6.930   1.00 34.78  ? 97  VAL A CB  1 
ATOM   748  C  CG1 . VAL A 1 97  ? 11.650  -11.474 7.714   1.00 34.78  ? 97  VAL A CG1 1 
ATOM   749  C  CG2 . VAL A 1 97  ? 10.657  -11.247 5.456   1.00 34.78  ? 97  VAL A CG2 1 
ATOM   750  N  N   . GLU A 1 98  ? 9.755   -12.925 9.563   1.00 48.02  ? 98  GLU A N   1 
ATOM   751  C  CA  . GLU A 1 98  ? 9.376   -12.876 10.970  1.00 48.02  ? 98  GLU A CA  1 
ATOM   752  C  C   . GLU A 1 98  ? 10.563  -12.250 11.716  1.00 48.02  ? 98  GLU A C   1 
ATOM   753  O  O   . GLU A 1 98  ? 11.332  -11.497 11.106  1.00 48.02  ? 98  GLU A O   1 
ATOM   754  C  CB  . GLU A 1 98  ? 9.068   -14.290 11.449  1.00 98.87  ? 98  GLU A CB  1 
ATOM   755  C  CG  . GLU A 1 98  ? 8.305   -15.071 10.389  1.00 98.87  ? 98  GLU A CG  1 
ATOM   756  C  CD  . GLU A 1 98  ? 7.603   -16.292 10.932  1.00 98.87  ? 98  GLU A CD  1 
ATOM   757  O  OE1 . GLU A 1 98  ? 6.736   -16.122 11.810  1.00 98.87  ? 98  GLU A OE1 1 
ATOM   758  O  OE2 . GLU A 1 98  ? 7.903   -17.421 10.479  1.00 98.87  ? 98  GLU A OE2 1 
ATOM   759  N  N   . ARG A 1 99  ? 10.737  -12.532 13.004  1.00 58.24  ? 99  ARG A N   1 
ATOM   760  C  CA  . ARG A 1 99  ? 11.865  -11.926 13.702  1.00 58.24  ? 99  ARG A CA  1 
ATOM   761  C  C   . ARG A 1 99  ? 13.102  -11.923 12.811  1.00 58.24  ? 99  ARG A C   1 
ATOM   762  O  O   . ARG A 1 99  ? 13.528  -12.970 12.342  1.00 58.24  ? 99  ARG A O   1 
ATOM   763  C  CB  . ARG A 1 99  ? 12.188  -12.671 14.988  1.00 60.90  ? 99  ARG A CB  1 
ATOM   764  C  CG  . ARG A 1 99  ? 13.565  -12.323 15.522  1.00 60.90  ? 99  ARG A CG  1 
ATOM   765  C  CD  . ARG A 1 99  ? 13.972  -13.271 16.615  1.00 60.90  ? 99  ARG A CD  1 
ATOM   766  N  NE  . ARG A 1 99  ? 13.525  -12.823 17.927  1.00 60.90  ? 99  ARG A NE  1 
ATOM   767  C  CZ  . ARG A 1 99  ? 13.029  -13.627 18.860  1.00 60.90  ? 99  ARG A CZ  1 
ATOM   768  N  NH1 . ARG A 1 99  ? 12.903  -14.931 18.624  1.00 60.90  ? 99  ARG A NH1 1 
ATOM   769  N  NH2 . ARG A 1 99  ? 12.669  -13.129 20.035  1.00 60.90  ? 99  ARG A NH2 1 
ATOM   770  N  N   . ASP A 1 100 ? 13.671  -10.747 12.569  1.00 80.31  ? 100 ASP A N   1 
ATOM   771  C  CA  . ASP A 1 100 ? 14.856  -10.656 11.729  1.00 80.31  ? 100 ASP A CA  1 
ATOM   772  C  C   . ASP A 1 100 ? 15.389  -9.232  11.622  1.00 80.31  ? 100 ASP A C   1 
ATOM   773  O  O   . ASP A 1 100 ? 14.656  -8.267  11.817  1.00 80.31  ? 100 ASP A O   1 
ATOM   774  C  CB  . ASP A 1 100 ? 14.547  -11.175 10.331  1.00 91.79  ? 100 ASP A CB  1 
ATOM   775  C  CG  . ASP A 1 100 ? 15.794  -11.567 9.582   1.00 91.79  ? 100 ASP A CG  1 
ATOM   776  O  OD1 . ASP A 1 100 ? 16.817  -10.871 9.712   1.00 91.79  ? 100 ASP A OD1 1 
ATOM   777  O  OD2 . ASP A 1 100 ? 15.748  -12.575 8.855   1.00 91.79  ? 100 ASP A OD2 1 
ATOM   778  N  N   . THR A 1 101 ? 16.670  -9.114  11.290  1.00 66.13  ? 101 THR A N   1 
ATOM   779  C  CA  . THR A 1 101 ? 17.326  -7.822  11.166  1.00 66.13  ? 101 THR A CA  1 
ATOM   780  C  C   . THR A 1 101 ? 16.557  -6.802  10.335  1.00 66.13  ? 101 THR A C   1 
ATOM   781  O  O   . THR A 1 101 ? 15.740  -7.148  9.464   1.00 66.13  ? 101 THR A O   1 
ATOM   782  C  CB  . THR A 1 101 ? 18.735  -7.952  10.550  1.00 40.88  ? 101 THR A CB  1 
ATOM   783  O  OG1 . THR A 1 101 ? 18.622  -8.217  9.141   1.00 40.88  ? 101 THR A OG1 1 
ATOM   784  C  CG2 . THR A 1 101 ? 19.520  -9.074  11.249  1.00 40.88  ? 101 THR A CG2 1 
ATOM   785  N  N   . VAL A 1 102 ? 16.838  -5.537  10.628  1.00 59.52  ? 102 VAL A N   1 
ATOM   786  C  CA  . VAL A 1 102 ? 16.220  -4.420  9.948   1.00 59.52  ? 102 VAL A CA  1 
ATOM   787  C  C   . VAL A 1 102 ? 16.503  -4.563  8.469   1.00 59.52  ? 102 VAL A C   1 
ATOM   788  O  O   . VAL A 1 102 ? 15.600  -4.477  7.633   1.00 59.52  ? 102 VAL A O   1 
ATOM   789  C  CB  . VAL A 1 102 ? 16.825  -3.096  10.423  1.00 68.25  ? 102 VAL A CB  1 
ATOM   790  C  CG1 . VAL A 1 102 ? 16.245  -1.947  9.625   1.00 68.25  ? 102 VAL A CG1 1 
ATOM   791  C  CG2 . VAL A 1 102 ? 16.575  -2.915  11.909  1.00 68.25  ? 102 VAL A CG2 1 
ATOM   792  N  N   . GLN A 1 103 ? 17.775  -4.789  8.164   1.00 68.84  ? 103 GLN A N   1 
ATOM   793  C  CA  . GLN A 1 103 ? 18.227  -4.939  6.792   1.00 68.84  ? 103 GLN A CA  1 
ATOM   794  C  C   . GLN A 1 103 ? 17.377  -5.925  5.996   1.00 68.84  ? 103 GLN A C   1 
ATOM   795  O  O   . GLN A 1 103 ? 17.047  -5.680  4.836   1.00 68.84  ? 103 GLN A O   1 
ATOM   796  C  CB  . GLN A 1 103 ? 19.691  -5.366  6.790   1.00 136.16 ? 103 GLN A CB  1 
ATOM   797  C  CG  . GLN A 1 103 ? 20.593  -4.371  7.508   1.00 136.16 ? 103 GLN A CG  1 
ATOM   798  C  CD  . GLN A 1 103 ? 20.537  -2.977  6.896   1.00 136.16 ? 103 GLN A CD  1 
ATOM   799  O  OE1 . GLN A 1 103 ? 21.118  -2.030  7.427   1.00 136.16 ? 103 GLN A OE1 1 
ATOM   800  N  NE2 . GLN A 1 103 ? 19.841  -2.848  5.773   1.00 136.16 ? 103 GLN A NE2 1 
ATOM   801  N  N   . ALA A 1 104 ? 17.011  -7.035  6.622   1.00 58.95  ? 104 ALA A N   1 
ATOM   802  C  CA  . ALA A 1 104 ? 16.203  -8.026  5.941   1.00 58.95  ? 104 ALA A CA  1 
ATOM   803  C  C   . ALA A 1 104 ? 14.821  -7.479  5.688   1.00 58.95  ? 104 ALA A C   1 
ATOM   804  O  O   . ALA A 1 104 ? 14.397  -7.338  4.538   1.00 58.95  ? 104 ALA A O   1 
ATOM   805  C  CB  . ALA A 1 104 ? 16.098  -9.262  6.768   1.00 21.25  ? 104 ALA A CB  1 
ATOM   806  N  N   . HIS A 1 105 ? 14.117  -7.180  6.777   1.00 48.48  ? 105 HIS A N   1 
ATOM   807  C  CA  . HIS A 1 105 ? 12.760  -6.648  6.709   1.00 48.48  ? 105 HIS A CA  1 
ATOM   808  C  C   . HIS A 1 105 ? 12.632  -5.488  5.744   1.00 48.48  ? 105 HIS A C   1 
ATOM   809  O  O   . HIS A 1 105 ? 11.656  -5.385  5.014   1.00 48.48  ? 105 HIS A O   1 
ATOM   810  C  CB  . HIS A 1 105 ? 12.321  -6.204  8.090   1.00 36.00  ? 105 HIS A CB  1 
ATOM   811  C  CG  . HIS A 1 105 ? 11.800  -7.313  8.937   1.00 36.00  ? 105 HIS A CG  1 
ATOM   812  N  ND1 . HIS A 1 105 ? 10.577  -7.908  8.709   1.00 36.00  ? 105 HIS A ND1 1 
ATOM   813  C  CD2 . HIS A 1 105 ? 12.319  -7.921  10.030  1.00 36.00  ? 105 HIS A CD2 1 
ATOM   814  C  CE1 . HIS A 1 105 ? 10.362  -8.831  9.629   1.00 36.00  ? 105 HIS A CE1 1 
ATOM   815  N  NE2 . HIS A 1 105 ? 11.404  -8.858  10.443  1.00 36.00  ? 105 HIS A NE2 1 
ATOM   816  N  N   . LEU A 1 106 ? 13.617  -4.604  5.746   1.00 49.68  ? 106 LEU A N   1 
ATOM   817  C  CA  . LEU A 1 106 ? 13.562  -3.475  4.844   1.00 49.68  ? 106 LEU A CA  1 
ATOM   818  C  C   . LEU A 1 106 ? 13.541  -3.980  3.415   1.00 49.68  ? 106 LEU A C   1 
ATOM   819  O  O   . LEU A 1 106 ? 12.676  -3.593  2.627   1.00 49.68  ? 106 LEU A O   1 
ATOM   820  C  CB  . LEU A 1 106 ? 14.753  -2.543  5.081   1.00 58.71  ? 106 LEU A CB  1 
ATOM   821  C  CG  . LEU A 1 106 ? 14.407  -1.256  5.846   1.00 58.71  ? 106 LEU A CG  1 
ATOM   822  C  CD1 . LEU A 1 106 ? 13.570  -1.575  7.077   1.00 58.71  ? 106 LEU A CD1 1 
ATOM   823  C  CD2 . LEU A 1 106 ? 15.675  -0.540  6.236   1.00 58.71  ? 106 LEU A CD2 1 
ATOM   824  N  N   . ALA A 1 107 ? 14.482  -4.860  3.086   1.00 53.79  ? 107 ALA A N   1 
ATOM   825  C  CA  . ALA A 1 107 ? 14.577  -5.423  1.742   1.00 53.79  ? 107 ALA A CA  1 
ATOM   826  C  C   . ALA A 1 107 ? 13.262  -6.092  1.348   1.00 53.79  ? 107 ALA A C   1 
ATOM   827  O  O   . ALA A 1 107 ? 12.824  -6.012  0.193   1.00 53.79  ? 107 ALA A O   1 
ATOM   828  C  CB  . ALA A 1 107 ? 15.704  -6.423  1.689   1.00 40.29  ? 107 ALA A CB  1 
ATOM   829  N  N   . ALA A 1 108 ? 12.638  -6.751  2.318   1.00 43.98  ? 108 ALA A N   1 
ATOM   830  C  CA  . ALA A 1 108 ? 11.372  -7.430  2.087   1.00 43.98  ? 108 ALA A CA  1 
ATOM   831  C  C   . ALA A 1 108 ? 10.281  -6.407  1.778   1.00 43.98  ? 108 ALA A C   1 
ATOM   832  O  O   . ALA A 1 108 ? 9.520   -6.565  0.821   1.00 43.98  ? 108 ALA A O   1 
ATOM   833  C  CB  . ALA A 1 108 ? 10.992  -8.255  3.315   1.00 43.38  ? 108 ALA A CB  1 
ATOM   834  N  N   . LEU A 1 109 ? 10.219  -5.358  2.600   1.00 57.42  ? 109 LEU A N   1 
ATOM   835  C  CA  . LEU A 1 109 ? 9.241   -4.283  2.450   1.00 57.42  ? 109 LEU A CA  1 
ATOM   836  C  C   . LEU A 1 109 ? 9.405   -3.562  1.131   1.00 57.42  ? 109 LEU A C   1 
ATOM   837  O  O   . LEU A 1 109 ? 8.422   -3.249  0.463   1.00 57.42  ? 109 LEU A O   1 
ATOM   838  C  CB  . LEU A 1 109 ? 9.383   -3.267  3.585   1.00 52.15  ? 109 LEU A CB  1 
ATOM   839  C  CG  . LEU A 1 109 ? 8.581   -3.537  4.851   1.00 52.15  ? 109 LEU A CG  1 
ATOM   840  C  CD1 . LEU A 1 109 ? 8.799   -2.401  5.834   1.00 52.15  ? 109 LEU A CD1 1 
ATOM   841  C  CD2 . LEU A 1 109 ? 7.102   -3.674  4.495   1.00 52.15  ? 109 LEU A CD2 1 
ATOM   842  N  N   . ASP A 1 110 ? 10.654  -3.284  0.771   1.00 56.75  ? 110 ASP A N   1 
ATOM   843  C  CA  . ASP A 1 110 ? 10.946  -2.595  -0.472  1.00 56.75  ? 110 ASP A CA  1 
ATOM   844  C  C   . ASP A 1 110 ? 10.132  -3.261  -1.563  1.00 56.75  ? 110 ASP A C   1 
ATOM   845  O  O   . ASP A 1 110 ? 9.385   -2.605  -2.289  1.00 56.75  ? 110 ASP A O   1 
ATOM   846  C  CB  . ASP A 1 110 ? 12.432  -2.695  -0.807  1.00 65.93  ? 110 ASP A CB  1 
ATOM   847  C  CG  . ASP A 1 110 ? 12.791  -1.933  -2.068  1.00 65.93  ? 110 ASP A CG  1 
ATOM   848  O  OD1 . ASP A 1 110 ? 13.935  -2.092  -2.547  1.00 65.93  ? 110 ASP A OD1 1 
ATOM   849  O  OD2 . ASP A 1 110 ? 11.935  -1.172  -2.579  1.00 65.93  ? 110 ASP A OD2 1 
ATOM   850  N  N   . LEU A 1 111 ? 10.277  -4.580  -1.649  1.00 59.46  ? 111 LEU A N   1 
ATOM   851  C  CA  . LEU A 1 111 ? 9.570   -5.383  -2.637  1.00 59.46  ? 111 LEU A CA  1 
ATOM   852  C  C   . LEU A 1 111 ? 8.065   -5.235  -2.478  1.00 59.46  ? 111 LEU A C   1 
ATOM   853  O  O   . LEU A 1 111 ? 7.339   -5.086  -3.462  1.00 59.46  ? 111 LEU A O   1 
ATOM   854  C  CB  . LEU A 1 111 ? 9.954   -6.856  -2.490  1.00 59.24  ? 111 LEU A CB  1 
ATOM   855  C  CG  . LEU A 1 111 ? 11.303  -7.346  -3.030  1.00 59.24  ? 111 LEU A CG  1 
ATOM   856  C  CD1 . LEU A 1 111 ? 12.397  -6.328  -2.759  1.00 59.24  ? 111 LEU A CD1 1 
ATOM   857  C  CD2 . LEU A 1 111 ? 11.639  -8.679  -2.372  1.00 59.24  ? 111 LEU A CD2 1 
ATOM   858  N  N   . VAL A 1 112 ? 7.593   -5.282  -1.237  1.00 46.44  ? 112 VAL A N   1 
ATOM   859  C  CA  . VAL A 1 112 ? 6.169   -5.139  -0.992  1.00 46.44  ? 112 VAL A CA  1 
ATOM   860  C  C   . VAL A 1 112 ? 5.691   -3.817  -1.582  1.00 46.44  ? 112 VAL A C   1 
ATOM   861  O  O   . VAL A 1 112 ? 4.660   -3.760  -2.264  1.00 46.44  ? 112 VAL A O   1 
ATOM   862  C  CB  . VAL A 1 112 ? 5.854   -5.120  0.499   1.00 46.26  ? 112 VAL A CB  1 
ATOM   863  C  CG1 . VAL A 1 112 ? 4.358   -5.179  0.691   1.00 46.26  ? 112 VAL A CG1 1 
ATOM   864  C  CG2 . VAL A 1 112 ? 6.546   -6.278  1.201   1.00 46.26  ? 112 VAL A CG2 1 
ATOM   865  N  N   . TYR A 1 113 ? 6.448   -2.756  -1.321  1.00 62.80  ? 113 TYR A N   1 
ATOM   866  C  CA  . TYR A 1 113 ? 6.083   -1.444  -1.826  1.00 62.80  ? 113 TYR A CA  1 
ATOM   867  C  C   . TYR A 1 113 ? 6.108   -1.399  -3.329  1.00 62.80  ? 113 TYR A C   1 
ATOM   868  O  O   . TYR A 1 113 ? 5.313   -0.684  -3.938  1.00 62.80  ? 113 TYR A O   1 
ATOM   869  C  CB  . TYR A 1 113 ? 6.979   -0.347  -1.226  1.00 58.29  ? 113 TYR A CB  1 
ATOM   870  C  CG  . TYR A 1 113 ? 6.365   0.236   0.029   1.00 58.29  ? 113 TYR A CG  1 
ATOM   871  C  CD1 . TYR A 1 113 ? 6.138   -0.568  1.150   1.00 58.29  ? 113 TYR A CD1 1 
ATOM   872  C  CD2 . TYR A 1 113 ? 5.897   1.548   0.060   1.00 58.29  ? 113 TYR A CD2 1 
ATOM   873  C  CE1 . TYR A 1 113 ? 5.449   -0.093  2.257   1.00 58.29  ? 113 TYR A CE1 1 
ATOM   874  C  CE2 . TYR A 1 113 ? 5.205   2.035   1.173   1.00 58.29  ? 113 TYR A CE2 1 
ATOM   875  C  CZ  . TYR A 1 113 ? 4.984   1.202   2.261   1.00 58.29  ? 113 TYR A CZ  1 
ATOM   876  O  OH  . TYR A 1 113 ? 4.267   1.654   3.337   1.00 58.29  ? 113 TYR A OH  1 
ATOM   877  N  N   . ASN A 1 114 ? 7.014   -2.166  -3.932  1.00 49.09  ? 114 ASN A N   1 
ATOM   878  C  CA  . ASN A 1 114 ? 7.094   -2.211  -5.387  1.00 49.09  ? 114 ASN A CA  1 
ATOM   879  C  C   . ASN A 1 114 ? 5.747   -2.678  -5.912  1.00 49.09  ? 114 ASN A C   1 
ATOM   880  O  O   . ASN A 1 114 ? 5.256   -2.177  -6.922  1.00 49.09  ? 114 ASN A O   1 
ATOM   881  C  CB  . ASN A 1 114 ? 8.191   -3.168  -5.843  1.00 59.69  ? 114 ASN A CB  1 
ATOM   882  C  CG  . ASN A 1 114 ? 9.558   -2.532  -5.814  1.00 59.69  ? 114 ASN A CG  1 
ATOM   883  O  OD1 . ASN A 1 114 ? 9.741   -1.430  -6.327  1.00 59.69  ? 114 ASN A OD1 1 
ATOM   884  N  ND2 . ASN A 1 114 ? 10.532  -3.222  -5.227  1.00 59.69  ? 114 ASN A ND2 1 
ATOM   885  N  N   . GLY A 1 115 ? 5.146   -3.629  -5.201  1.00 55.73  ? 115 GLY A N   1 
ATOM   886  C  CA  . GLY A 1 115 ? 3.851   -4.139  -5.595  1.00 55.73  ? 115 GLY A CA  1 
ATOM   887  C  C   . GLY A 1 115 ? 2.774   -3.074  -5.514  1.00 55.73  ? 115 GLY A C   1 
ATOM   888  O  O   . GLY A 1 115 ? 2.074   -2.816  -6.491  1.00 55.73  ? 115 GLY A O   1 
ATOM   889  N  N   . VAL A 1 116 ? 2.662   -2.441  -4.347  1.00 73.79  ? 116 VAL A N   1 
ATOM   890  C  CA  . VAL A 1 116 ? 1.660   -1.400  -4.089  1.00 73.79  ? 116 VAL A CA  1 
ATOM   891  C  C   . VAL A 1 116 ? 1.754   -0.155  -4.990  1.00 73.79  ? 116 VAL A C   1 
ATOM   892  O  O   . VAL A 1 116 ? 0.760   0.299   -5.559  1.00 73.79  ? 116 VAL A O   1 
ATOM   893  C  CB  . VAL A 1 116 ? 1.739   -0.921  -2.610  1.00 50.30  ? 116 VAL A CB  1 
ATOM   894  C  CG1 . VAL A 1 116 ? 0.398   -0.335  -2.187  1.00 50.30  ? 116 VAL A CG1 1 
ATOM   895  C  CG2 . VAL A 1 116 ? 2.155   -2.076  -1.691  1.00 50.30  ? 116 VAL A CG2 1 
ATOM   896  N  N   . ILE A 1 117 ? 2.956   0.392   -5.101  1.00 60.91  ? 117 ILE A N   1 
ATOM   897  C  CA  . ILE A 1 117 ? 3.201   1.580   -5.903  1.00 60.91  ? 117 ILE A CA  1 
ATOM   898  C  C   . ILE A 1 117 ? 2.976   1.372   -7.393  1.00 60.91  ? 117 ILE A C   1 
ATOM   899  O  O   . ILE A 1 117 ? 2.593   2.308   -8.105  1.00 60.91  ? 117 ILE A O   1 
ATOM   900  C  CB  . ILE A 1 117 ? 4.639   2.081   -5.680  1.00 47.25  ? 117 ILE A CB  1 
ATOM   901  C  CG1 . ILE A 1 117 ? 4.770   2.581   -4.246  1.00 47.25  ? 117 ILE A CG1 1 
ATOM   902  C  CG2 . ILE A 1 117 ? 4.996   3.165   -6.687  1.00 47.25  ? 117 ILE A CG2 1 
ATOM   903  C  CD1 . ILE A 1 117 ? 6.180   2.897   -3.843  1.00 47.25  ? 117 ILE A CD1 1 
ATOM   904  N  N   . GLU A 1 118 ? 3.212   0.152   -7.868  1.00 67.46  ? 118 GLU A N   1 
ATOM   905  C  CA  . GLU A 1 118 ? 3.050   -0.150  -9.288  1.00 67.46  ? 118 GLU A CA  1 
ATOM   906  C  C   . GLU A 1 118 ? 1.577   -0.291  -9.680  1.00 67.46  ? 118 GLU A C   1 
ATOM   907  O  O   . GLU A 1 118 ? 1.175   0.100   -10.775 1.00 67.46  ? 118 GLU A O   1 
ATOM   908  C  CB  . GLU A 1 118 ? 3.826   -1.420  -9.623  1.00 144.23 ? 118 GLU A CB  1 
ATOM   909  C  CG  . GLU A 1 118 ? 4.197   -1.552  -11.079 1.00 144.23 ? 118 GLU A CG  1 
ATOM   910  C  CD  . GLU A 1 118 ? 5.378   -2.474  -11.275 1.00 144.23 ? 118 GLU A CD  1 
ATOM   911  O  OE1 . GLU A 1 118 ? 5.306   -3.637  -10.827 1.00 144.23 ? 118 GLU A OE1 1 
ATOM   912  O  OE2 . GLU A 1 118 ? 6.381   -2.033  -11.874 1.00 144.23 ? 118 GLU A OE2 1 
ATOM   913  N  N   . ASP A 1 119 ? 0.778   -0.838  -8.769  1.00 45.65  ? 119 ASP A N   1 
ATOM   914  C  CA  . ASP A 1 119 ? -0.654  -1.029  -8.987  1.00 45.65  ? 119 ASP A CA  1 
ATOM   915  C  C   . ASP A 1 119 ? -1.426  0.282   -8.842  1.00 45.65  ? 119 ASP A C   1 
ATOM   916  O  O   . ASP A 1 119 ? -2.422  0.521   -9.533  1.00 45.65  ? 119 ASP A O   1 
ATOM   917  C  CB  . ASP A 1 119 ? -1.199  -2.041  -7.980  1.00 96.47  ? 119 ASP A CB  1 
ATOM   918  C  CG  . ASP A 1 119 ? -0.604  -3.410  -8.162  1.00 96.47  ? 119 ASP A CG  1 
ATOM   919  O  OD1 . ASP A 1 119 ? -0.729  -4.244  -7.245  1.00 96.47  ? 119 ASP A OD1 1 
ATOM   920  O  OD2 . ASP A 1 119 ? -0.014  -3.657  -9.230  1.00 96.47  ? 119 ASP A OD2 1 
ATOM   921  N  N   . THR A 1 120 ? -0.971  1.121   -7.918  1.00 49.48  ? 120 THR A N   1 
ATOM   922  C  CA  . THR A 1 120 ? -1.613  2.396   -7.674  1.00 49.48  ? 120 THR A CA  1 
ATOM   923  C  C   . THR A 1 120 ? -1.375  3.257   -8.893  1.00 49.48  ? 120 THR A C   1 
ATOM   924  O  O   . THR A 1 120 ? -2.294  3.907   -9.392  1.00 49.48  ? 120 THR A O   1 
ATOM   925  C  CB  . THR A 1 120 ? -1.022  3.047   -6.428  1.00 49.57  ? 120 THR A CB  1 
ATOM   926  O  OG1 . THR A 1 120 ? -1.346  2.234   -5.290  1.00 49.57  ? 120 THR A OG1 1 
ATOM   927  C  CG2 . THR A 1 120 ? -1.580  4.451   -6.232  1.00 49.57  ? 120 THR A CG2 1 
ATOM   928  N  N   . ARG A 1 121 ? -0.131  3.239   -9.367  1.00 61.02  ? 121 ARG A N   1 
ATOM   929  C  CA  . ARG A 1 121 ? 0.281   3.983   -10.554 1.00 61.02  ? 121 ARG A CA  1 
ATOM   930  C  C   . ARG A 1 121 ? -0.668  3.641   -11.697 1.00 61.02  ? 121 ARG A C   1 
ATOM   931  O  O   . ARG A 1 121 ? -1.139  4.517   -12.422 1.00 61.02  ? 121 ARG A O   1 
ATOM   932  C  CB  . ARG A 1 121 ? 1.698   3.568   -10.940 1.00 63.18  ? 121 ARG A CB  1 
ATOM   933  C  CG  . ARG A 1 121 ? 2.807   4.270   -10.179 1.00 63.18  ? 121 ARG A CG  1 
ATOM   934  C  CD  . ARG A 1 121 ? 3.104   5.608   -10.831 1.00 63.18  ? 121 ARG A CD  1 
ATOM   935  N  NE  . ARG A 1 121 ? 4.225   6.312   -10.223 1.00 63.18  ? 121 ARG A NE  1 
ATOM   936  C  CZ  . ARG A 1 121 ? 4.701   7.467   -10.677 1.00 63.18  ? 121 ARG A CZ  1 
ATOM   937  N  NH1 . ARG A 1 121 ? 4.155   8.037   -11.741 1.00 63.18  ? 121 ARG A NH1 1 
ATOM   938  N  NH2 . ARG A 1 121 ? 5.713   8.065   -10.063 1.00 63.18  ? 121 ARG A NH2 1 
ATOM   939  N  N   . LYS A 1 122 ? -0.944  2.349   -11.840 1.00 64.89  ? 122 LYS A N   1 
ATOM   940  C  CA  . LYS A 1 122 ? -1.819  1.864   -12.889 1.00 64.89  ? 122 LYS A CA  1 
ATOM   941  C  C   . LYS A 1 122 ? -3.230  2.400   -12.724 1.00 64.89  ? 122 LYS A C   1 
ATOM   942  O  O   . LYS A 1 122 ? -3.798  2.968   -13.657 1.00 64.89  ? 122 LYS A O   1 
ATOM   943  C  CB  . LYS A 1 122 ? -1.826  0.338   -12.884 1.00 51.10  ? 122 LYS A CB  1 
ATOM   944  N  N   . SER A 1 123 ? -3.789  2.212   -11.529 1.00 60.34  ? 123 SER A N   1 
ATOM   945  C  CA  . SER A 1 123 ? -5.146  2.657   -11.207 1.00 60.34  ? 123 SER A CA  1 
ATOM   946  C  C   . SER A 1 123 ? -5.333  4.150   -11.462 1.00 60.34  ? 123 SER A C   1 
ATOM   947  O  O   . SER A 1 123 ? -6.419  4.600   -11.822 1.00 60.34  ? 123 SER A O   1 
ATOM   948  C  CB  . SER A 1 123 ? -5.465  2.341   -9.744  1.00 50.38  ? 123 SER A CB  1 
ATOM   949  O  OG  . SER A 1 123 ? -5.339  0.954   -9.473  1.00 50.38  ? 123 SER A OG  1 
ATOM   950  N  N   . ILE A 1 124 ? -4.272  4.918   -11.266 1.00 86.37  ? 124 ILE A N   1 
ATOM   951  C  CA  . ILE A 1 124 ? -4.347  6.350   -11.491 1.00 86.37  ? 124 ILE A CA  1 
ATOM   952  C  C   . ILE A 1 124 ? -4.625  6.612   -12.966 1.00 86.37  ? 124 ILE A C   1 
ATOM   953  O  O   . ILE A 1 124 ? -5.521  7.386   -13.311 1.00 86.37  ? 124 ILE A O   1 
ATOM   954  C  CB  . ILE A 1 124 ? -3.030  7.041   -11.079 1.00 54.49  ? 124 ILE A CB  1 
ATOM   955  C  CG1 . ILE A 1 124 ? -2.835  6.910   -9.567  1.00 54.49  ? 124 ILE A CG1 1 
ATOM   956  C  CG2 . ILE A 1 124 ? -3.046  8.506   -11.517 1.00 54.49  ? 124 ILE A CG2 1 
ATOM   957  C  CD1 . ILE A 1 124 ? -1.546  7.499   -9.060  1.00 54.49  ? 124 ILE A CD1 1 
ATOM   958  N  N   . GLU A 1 125 ? -3.855  5.953   -13.827 1.00 62.61  ? 125 GLU A N   1 
ATOM   959  C  CA  . GLU A 1 125 ? -3.997  6.096   -15.274 1.00 62.61  ? 125 GLU A CA  1 
ATOM   960  C  C   . GLU A 1 125 ? -5.385  5.641   -15.716 1.00 62.61  ? 125 GLU A C   1 
ATOM   961  O  O   . GLU A 1 125 ? -6.073  6.334   -16.468 1.00 62.61  ? 125 GLU A O   1 
ATOM   962  C  CB  . GLU A 1 125 ? -2.923  5.283   -15.982 1.00 38.09  ? 125 GLU A CB  1 
ATOM   963  N  N   . LYS A 1 126 ? -5.793  4.474   -15.231 1.00 57.80  ? 126 LYS A N   1 
ATOM   964  C  CA  . LYS A 1 126 ? -7.101  3.923   -15.551 1.00 57.80  ? 126 LYS A CA  1 
ATOM   965  C  C   . LYS A 1 126 ? -8.208  4.904   -15.132 1.00 57.80  ? 126 LYS A C   1 
ATOM   966  O  O   . LYS A 1 126 ? -9.066  5.268   -15.932 1.00 57.80  ? 126 LYS A O   1 
ATOM   967  C  CB  . LYS A 1 126 ? -7.288  2.586   -14.820 1.00 91.70  ? 126 LYS A CB  1 
ATOM   968  C  CG  . LYS A 1 126 ? -7.795  1.444   -15.697 1.00 91.70  ? 126 LYS A CG  1 
ATOM   969  C  CD  . LYS A 1 126 ? -8.031  0.173   -14.888 1.00 91.70  ? 126 LYS A CD  1 
ATOM   970  C  CE  . LYS A 1 126 ? -8.516  -0.964  -15.774 1.00 91.70  ? 126 LYS A CE  1 
ATOM   971  N  NZ  . LYS A 1 126 ? -8.849  -2.183  -14.991 1.00 91.70  ? 126 LYS A NZ  1 
ATOM   972  N  N   . LEU A 1 127 ? -8.164  5.340   -13.876 1.00 78.26  ? 127 LEU A N   1 
ATOM   973  C  CA  . LEU A 1 127 ? -9.153  6.261   -13.316 1.00 78.26  ? 127 LEU A CA  1 
ATOM   974  C  C   . LEU A 1 127 ? -9.305  7.589   -14.042 1.00 78.26  ? 127 LEU A C   1 
ATOM   975  O  O   . LEU A 1 127 ? -10.370 8.206   -13.987 1.00 78.26  ? 127 LEU A O   1 
ATOM   976  C  CB  . LEU A 1 127 ? -8.822  6.543   -11.849 1.00 54.69  ? 127 LEU A CB  1 
ATOM   977  C  CG  . LEU A 1 127 ? -9.063  5.403   -10.866 1.00 54.69  ? 127 LEU A CG  1 
ATOM   978  C  CD1 . LEU A 1 127 ? -8.315  5.663   -9.578  1.00 54.69  ? 127 LEU A CD1 1 
ATOM   979  C  CD2 . LEU A 1 127 ? -10.547 5.279   -10.614 1.00 54.69  ? 127 LEU A CD2 1 
ATOM   980  N  N   . GLU A 1 128 ? -8.247  8.029   -14.709 1.00 60.93  ? 128 GLU A N   1 
ATOM   981  C  CA  . GLU A 1 128 ? -8.269  9.304   -15.417 1.00 60.93  ? 128 GLU A CA  1 
ATOM   982  C  C   . GLU A 1 128 ? -9.492  9.579   -16.280 1.00 60.93  ? 128 GLU A C   1 
ATOM   983  O  O   . GLU A 1 128 ? -9.937  10.721  -16.386 1.00 60.93  ? 128 GLU A O   1 
ATOM   984  C  CB  . GLU A 1 128 ? -7.025  9.444   -16.281 1.00 74.79  ? 128 GLU A CB  1 
ATOM   985  C  CG  . GLU A 1 128 ? -7.047  10.678  -17.154 1.00 74.79  ? 128 GLU A CG  1 
ATOM   986  C  CD  . GLU A 1 128 ? -5.736  11.417  -17.115 1.00 74.79  ? 128 GLU A CD  1 
ATOM   987  O  OE1 . GLU A 1 128 ? -4.681  10.762  -17.277 1.00 74.79  ? 128 GLU A OE1 1 
ATOM   988  O  OE2 . GLU A 1 128 ? -5.761  12.653  -16.923 1.00 74.79  ? 128 GLU A OE2 1 
ATOM   989  N  N   . ASP A 1 129 ? -10.029 8.537   -16.900 1.00 99.09  ? 129 ASP A N   1 
ATOM   990  C  CA  . ASP A 1 129 ? -11.189 8.693   -17.770 1.00 99.09  ? 129 ASP A CA  1 
ATOM   991  C  C   . ASP A 1 129 ? -12.487 8.388   -17.032 1.00 99.09  ? 129 ASP A C   1 
ATOM   992  O  O   . ASP A 1 129 ? -13.576 8.629   -17.542 1.00 99.09  ? 129 ASP A O   1 
ATOM   993  C  CB  . ASP A 1 129 ? -11.049 7.763   -18.980 1.00 100.58 ? 129 ASP A CB  1 
ATOM   994  C  CG  . ASP A 1 129 ? -9.713  7.927   -19.698 1.00 100.58 ? 129 ASP A CG  1 
ATOM   995  O  OD1 . ASP A 1 129 ? -9.468  9.009   -20.275 1.00 100.58 ? 129 ASP A OD1 1 
ATOM   996  O  OD2 . ASP A 1 129 ? -8.907  6.972   -19.682 1.00 100.58 ? 129 ASP A OD2 1 
ATOM   997  N  N   . LEU A 1 130 ? -12.357 7.869   -15.819 1.00 79.09  ? 130 LEU A N   1 
ATOM   998  C  CA  . LEU A 1 130 ? -13.503 7.491   -15.005 1.00 79.09  ? 130 LEU A CA  1 
ATOM   999  C  C   . LEU A 1 130 ? -13.970 8.537   -13.998 1.00 79.09  ? 130 LEU A C   1 
ATOM   1000 O  O   . LEU A 1 130 ? -15.151 8.889   -13.961 1.00 79.09  ? 130 LEU A O   1 
ATOM   1001 C  CB  . LEU A 1 130 ? -13.172 6.200   -14.259 1.00 59.05  ? 130 LEU A CB  1 
ATOM   1002 C  CG  . LEU A 1 130 ? -13.002 4.963   -15.132 1.00 59.05  ? 130 LEU A CG  1 
ATOM   1003 C  CD1 . LEU A 1 130 ? -12.088 3.954   -14.453 1.00 59.05  ? 130 LEU A CD1 1 
ATOM   1004 C  CD2 . LEU A 1 130 ? -14.376 4.380   -15.400 1.00 59.05  ? 130 LEU A CD2 1 
ATOM   1005 N  N   . ASP A 1 131 ? -13.048 9.014   -13.167 1.00 72.51  ? 131 ASP A N   1 
ATOM   1006 C  CA  . ASP A 1 131 ? -13.377 10.001  -12.141 1.00 72.51  ? 131 ASP A CA  1 
ATOM   1007 C  C   . ASP A 1 131 ? -12.132 10.719  -11.650 1.00 72.51  ? 131 ASP A C   1 
ATOM   1008 O  O   . ASP A 1 131 ? -11.346 10.163  -10.889 1.00 72.51  ? 131 ASP A O   1 
ATOM   1009 C  CB  . ASP A 1 131 ? -14.077 9.306   -10.976 1.00 56.94  ? 131 ASP A CB  1 
ATOM   1010 C  CG  . ASP A 1 131 ? -14.316 10.226  -9.807  1.00 56.94  ? 131 ASP A CG  1 
ATOM   1011 O  OD1 . ASP A 1 131 ? -14.309 11.459  -10.006 1.00 56.94  ? 131 ASP A OD1 1 
ATOM   1012 O  OD2 . ASP A 1 131 ? -14.525 9.711   -8.691  1.00 56.94  ? 131 ASP A OD2 1 
ATOM   1013 N  N   . LEU A 1 132 ? -11.969 11.964  -12.087 1.00 52.12  ? 132 LEU A N   1 
ATOM   1014 C  CA  . LEU A 1 132 ? -10.811 12.772  -11.715 1.00 52.12  ? 132 LEU A CA  1 
ATOM   1015 C  C   . LEU A 1 132 ? -10.580 12.911  -10.199 1.00 52.12  ? 132 LEU A C   1 
ATOM   1016 O  O   . LEU A 1 132 ? -9.430  12.926  -9.739  1.00 52.12  ? 132 LEU A O   1 
ATOM   1017 C  CB  . LEU A 1 132 ? -10.918 14.162  -12.353 1.00 55.10  ? 132 LEU A CB  1 
ATOM   1018 C  CG  . LEU A 1 132 ? -10.604 14.283  -13.849 1.00 55.10  ? 132 LEU A CG  1 
ATOM   1019 C  CD1 . LEU A 1 132 ? -10.475 15.773  -14.196 1.00 55.10  ? 132 LEU A CD1 1 
ATOM   1020 C  CD2 . LEU A 1 132 ? -9.305  13.551  -14.189 1.00 55.10  ? 132 LEU A CD2 1 
ATOM   1021 N  N   . VAL A 1 133 ? -11.670 13.016  -9.438  1.00 50.61  ? 133 VAL A N   1 
ATOM   1022 C  CA  . VAL A 1 133 ? -11.590 13.131  -7.991  1.00 50.61  ? 133 VAL A CA  1 
ATOM   1023 C  C   . VAL A 1 133 ? -10.941 11.870  -7.408  1.00 50.61  ? 133 VAL A C   1 
ATOM   1024 O  O   . VAL A 1 133 ? -9.940  11.955  -6.695  1.00 50.61  ? 133 VAL A O   1 
ATOM   1025 C  CB  . VAL A 1 133 ? -13.000 13.334  -7.373  1.00 52.20  ? 133 VAL A CB  1 
ATOM   1026 C  CG1 . VAL A 1 133 ? -12.935 13.193  -5.863  1.00 52.20  ? 133 VAL A CG1 1 
ATOM   1027 C  CG2 . VAL A 1 133 ? -13.548 14.714  -7.744  1.00 52.20  ? 133 VAL A CG2 1 
ATOM   1028 N  N   . SER A 1 134 ? -11.500 10.701  -7.708  1.00 44.16  ? 134 SER A N   1 
ATOM   1029 C  CA  . SER A 1 134 ? -10.921 9.463   -7.198  1.00 44.16  ? 134 SER A CA  1 
ATOM   1030 C  C   . SER A 1 134 ? -9.490  9.321   -7.671  1.00 44.16  ? 134 SER A C   1 
ATOM   1031 O  O   . SER A 1 134 ? -8.678  8.697   -6.997  1.00 44.16  ? 134 SER A O   1 
ATOM   1032 C  CB  . SER A 1 134 ? -11.716 8.253   -7.655  1.00 37.45  ? 134 SER A CB  1 
ATOM   1033 O  OG  . SER A 1 134 ? -13.035 8.345   -7.176  1.00 37.45  ? 134 SER A OG  1 
ATOM   1034 N  N   . GLN A 1 135 ? -9.174  9.883   -8.835  1.00 45.31  ? 135 GLN A N   1 
ATOM   1035 C  CA  . GLN A 1 135 ? -7.808  9.794   -9.325  1.00 45.31  ? 135 GLN A CA  1 
ATOM   1036 C  C   . GLN A 1 135 ? -6.923  10.681  -8.444  1.00 45.31  ? 135 GLN A C   1 
ATOM   1037 O  O   . GLN A 1 135 ? -5.811  10.289  -8.067  1.00 45.31  ? 135 GLN A O   1 
ATOM   1038 C  CB  . GLN A 1 135 ? -7.695  10.251  -10.786 1.00 57.67  ? 135 GLN A CB  1 
ATOM   1039 C  CG  . GLN A 1 135 ? -6.242  10.243  -11.261 1.00 57.67  ? 135 GLN A CG  1 
ATOM   1040 C  CD  . GLN A 1 135 ? -5.993  11.050  -12.521 1.00 57.67  ? 135 GLN A CD  1 
ATOM   1041 O  OE1 . GLN A 1 135 ? -6.547  12.133  -12.704 1.00 57.67  ? 135 GLN A OE1 1 
ATOM   1042 N  NE2 . GLN A 1 135 ? -5.131  10.531  -13.389 1.00 57.67  ? 135 GLN A NE2 1 
ATOM   1043 N  N   . ASP A 1 136 ? -7.425  11.876  -8.129  1.00 65.08  ? 136 ASP A N   1 
ATOM   1044 C  CA  . ASP A 1 136 ? -6.697  12.833  -7.297  1.00 65.08  ? 136 ASP A CA  1 
ATOM   1045 C  C   . ASP A 1 136 ? -6.401  12.180  -5.957  1.00 65.08  ? 136 ASP A C   1 
ATOM   1046 O  O   . ASP A 1 136 ? -5.291  12.268  -5.437  1.00 65.08  ? 136 ASP A O   1 
ATOM   1047 C  CB  . ASP A 1 136 ? -7.530  14.097  -7.097  1.00 57.67  ? 136 ASP A CB  1 
ATOM   1048 C  CG  . ASP A 1 136 ? -6.810  15.147  -6.268  1.00 57.67  ? 136 ASP A CG  1 
ATOM   1049 O  OD1 . ASP A 1 136 ? -5.694  15.561  -6.646  1.00 57.67  ? 136 ASP A OD1 1 
ATOM   1050 O  OD2 . ASP A 1 136 ? -7.362  15.569  -5.231  1.00 57.67  ? 136 ASP A OD2 1 
ATOM   1051 N  N   . LEU A 1 137 ? -7.409  11.508  -5.419  1.00 53.64  ? 137 LEU A N   1 
ATOM   1052 C  CA  . LEU A 1 137 ? -7.283  10.797  -4.160  1.00 53.64  ? 137 LEU A CA  1 
ATOM   1053 C  C   . LEU A 1 137 ? -6.012  9.945   -4.179  1.00 53.64  ? 137 LEU A C   1 
ATOM   1054 O  O   . LEU A 1 137 ? -5.093  10.185  -3.398  1.00 53.64  ? 137 LEU A O   1 
ATOM   1055 C  CB  . LEU A 1 137 ? -8.499  9.895   -3.952  1.00 38.53  ? 137 LEU A CB  1 
ATOM   1056 C  CG  . LEU A 1 137 ? -8.985  9.662   -2.518  1.00 38.53  ? 137 LEU A CG  1 
ATOM   1057 C  CD1 . LEU A 1 137 ? -9.984  8.502   -2.477  1.00 38.53  ? 137 LEU A CD1 1 
ATOM   1058 C  CD2 . LEU A 1 137 ? -7.813  9.354   -1.633  1.00 38.53  ? 137 LEU A CD2 1 
ATOM   1059 N  N   . LEU A 1 138 ? -5.954  8.961   -5.081  1.00 42.87  ? 138 LEU A N   1 
ATOM   1060 C  CA  . LEU A 1 138 ? -4.792  8.066   -5.186  1.00 42.87  ? 138 LEU A CA  1 
ATOM   1061 C  C   . LEU A 1 138 ? -3.476  8.765   -5.512  1.00 42.87  ? 138 LEU A C   1 
ATOM   1062 O  O   . LEU A 1 138 ? -2.413  8.325   -5.076  1.00 42.87  ? 138 LEU A O   1 
ATOM   1063 C  CB  . LEU A 1 138 ? -5.044  6.968   -6.216  1.00 49.96  ? 138 LEU A CB  1 
ATOM   1064 C  CG  . LEU A 1 138 ? -6.191  5.996   -5.944  1.00 49.96  ? 138 LEU A CG  1 
ATOM   1065 C  CD1 . LEU A 1 138 ? -6.036  4.841   -6.908  1.00 49.96  ? 138 LEU A CD1 1 
ATOM   1066 C  CD2 . LEU A 1 138 ? -6.174  5.474   -4.517  1.00 49.96  ? 138 LEU A CD2 1 
ATOM   1067 N  N   . ILE A 1 139 ? -3.533  9.845   -6.283  1.00 61.99  ? 139 ILE A N   1 
ATOM   1068 C  CA  . ILE A 1 139 ? -2.308  10.564  -6.593  1.00 61.99  ? 139 ILE A CA  1 
ATOM   1069 C  C   . ILE A 1 139 ? -1.699  11.006  -5.279  1.00 61.99  ? 139 ILE A C   1 
ATOM   1070 O  O   . ILE A 1 139 ? -0.511  10.807  -5.041  1.00 61.99  ? 139 ILE A O   1 
ATOM   1071 C  CB  . ILE A 1 139 ? -2.568  11.797  -7.456  1.00 36.23  ? 139 ILE A CB  1 
ATOM   1072 C  CG1 . ILE A 1 139 ? -2.982  11.343  -8.860  1.00 36.23  ? 139 ILE A CG1 1 
ATOM   1073 C  CG2 . ILE A 1 139 ? -1.331  12.685  -7.490  1.00 36.23  ? 139 ILE A CG2 1 
ATOM   1074 C  CD1 . ILE A 1 139 ? -3.035  12.464  -9.889  1.00 36.23  ? 139 ILE A CD1 1 
ATOM   1075 N  N   . ALA A 1 140 ? -2.528  11.596  -4.421  1.00 46.07  ? 140 ALA A N   1 
ATOM   1076 C  CA  . ALA A 1 140 ? -2.075  12.058  -3.114  1.00 46.07  ? 140 ALA A CA  1 
ATOM   1077 C  C   . ALA A 1 140 ? -1.369  10.922  -2.388  1.00 46.07  ? 140 ALA A C   1 
ATOM   1078 O  O   . ALA A 1 140 ? -0.226  11.063  -1.954  1.00 46.07  ? 140 ALA A O   1 
ATOM   1079 C  CB  . ALA A 1 140 ? -3.242  12.540  -2.302  1.00 22.72  ? 140 ALA A CB  1 
ATOM   1080 N  N   . HIS A 1 141 ? -2.050  9.792   -2.261  1.00 42.28  ? 141 HIS A N   1 
ATOM   1081 C  CA  . HIS A 1 141 ? -1.465  8.632   -1.600  1.00 42.28  ? 141 HIS A CA  1 
ATOM   1082 C  C   . HIS A 1 141 ? -0.114  8.268   -2.220  1.00 42.28  ? 141 HIS A C   1 
ATOM   1083 O  O   . HIS A 1 141 ? 0.914   8.250   -1.546  1.00 42.28  ? 141 HIS A O   1 
ATOM   1084 C  CB  . HIS A 1 141 ? -2.404  7.436   -1.727  1.00 44.53  ? 141 HIS A CB  1 
ATOM   1085 C  CG  . HIS A 1 141 ? -3.734  7.642   -1.077  1.00 44.53  ? 141 HIS A CG  1 
ATOM   1086 N  ND1 . HIS A 1 141 ? -4.668  6.636   -0.961  1.00 44.53  ? 141 HIS A ND1 1 
ATOM   1087 C  CD2 . HIS A 1 141 ? -4.270  8.722   -0.466  1.00 44.53  ? 141 HIS A CD2 1 
ATOM   1088 C  CE1 . HIS A 1 141 ? -5.719  7.085   -0.301  1.00 44.53  ? 141 HIS A CE1 1 
ATOM   1089 N  NE2 . HIS A 1 141 ? -5.502  8.350   0.012   1.00 44.53  ? 141 HIS A NE2 1 
ATOM   1090 N  N   . ALA A 1 142 ? -0.140  7.976   -3.513  1.00 38.19  ? 142 ALA A N   1 
ATOM   1091 C  CA  . ALA A 1 142 ? 1.047   7.599   -4.255  1.00 38.19  ? 142 ALA A CA  1 
ATOM   1092 C  C   . ALA A 1 142 ? 2.309   8.349   -3.812  1.00 38.19  ? 142 ALA A C   1 
ATOM   1093 O  O   . ALA A 1 142 ? 3.340   7.729   -3.527  1.00 38.19  ? 142 ALA A O   1 
ATOM   1094 C  CB  . ALA A 1 142 ? 0.797   7.810   -5.739  1.00 55.54  ? 142 ALA A CB  1 
ATOM   1095 N  N   . GLY A 1 143 ? 2.223   9.677   -3.753  1.00 40.99  ? 143 GLY A N   1 
ATOM   1096 C  CA  . GLY A 1 143 ? 3.364   10.484  -3.357  1.00 40.99  ? 143 GLY A CA  1 
ATOM   1097 C  C   . GLY A 1 143 ? 3.914   10.108  -1.998  1.00 40.99  ? 143 GLY A C   1 
ATOM   1098 O  O   . GLY A 1 143 ? 5.124   10.051  -1.790  1.00 40.99  ? 143 GLY A O   1 
ATOM   1099 N  N   . GLU A 1 144 ? 3.018   9.840   -1.058  1.00 42.35  ? 144 GLU A N   1 
ATOM   1100 C  CA  . GLU A 1 144 ? 3.440   9.473   0.286   1.00 42.35  ? 144 GLU A CA  1 
ATOM   1101 C  C   . GLU A 1 144 ? 3.943   8.060   0.335   1.00 42.35  ? 144 GLU A C   1 
ATOM   1102 O  O   . GLU A 1 144 ? 4.838   7.753   1.109   1.00 42.35  ? 144 GLU A O   1 
ATOM   1103 C  CB  . GLU A 1 144 ? 2.295   9.653   1.280   1.00 60.36  ? 144 GLU A CB  1 
ATOM   1104 C  CG  . GLU A 1 144 ? 1.981   11.106  1.546   1.00 60.36  ? 144 GLU A CG  1 
ATOM   1105 C  CD  . GLU A 1 144 ? 3.181   11.836  2.098   1.00 60.36  ? 144 GLU A CD  1 
ATOM   1106 O  OE1 . GLU A 1 144 ? 3.292   13.061  1.870   1.00 60.36  ? 144 GLU A OE1 1 
ATOM   1107 O  OE2 . GLU A 1 144 ? 4.010   11.179  2.765   1.00 60.36  ? 144 GLU A OE2 1 
ATOM   1108 N  N   . LEU A 1 145 ? 3.356   7.194   -0.485  1.00 45.35  ? 145 LEU A N   1 
ATOM   1109 C  CA  . LEU A 1 145 ? 3.778   5.806   -0.542  1.00 45.35  ? 145 LEU A CA  1 
ATOM   1110 C  C   . LEU A 1 145 ? 5.167   5.757   -1.158  1.00 45.35  ? 145 LEU A C   1 
ATOM   1111 O  O   . LEU A 1 145 ? 6.073   5.105   -0.640  1.00 45.35  ? 145 LEU A O   1 
ATOM   1112 C  CB  . LEU A 1 145 ? 2.821   4.995   -1.401  1.00 39.44  ? 145 LEU A CB  1 
ATOM   1113 C  CG  . LEU A 1 145 ? 1.659   4.200   -0.799  1.00 39.44  ? 145 LEU A CG  1 
ATOM   1114 C  CD1 . LEU A 1 145 ? 1.628   4.289   0.714   1.00 39.44  ? 145 LEU A CD1 1 
ATOM   1115 C  CD2 . LEU A 1 145 ? 0.374   4.713   -1.418  1.00 39.44  ? 145 LEU A CD2 1 
ATOM   1116 N  N   . GLU A 1 146 ? 5.331   6.463   -2.268  1.00 44.24  ? 146 GLU A N   1 
ATOM   1117 C  CA  . GLU A 1 146 ? 6.607   6.490   -2.950  1.00 44.24  ? 146 GLU A CA  1 
ATOM   1118 C  C   . GLU A 1 146 ? 7.704   7.063   -2.079  1.00 44.24  ? 146 GLU A C   1 
ATOM   1119 O  O   . GLU A 1 146 ? 8.851   6.594   -2.126  1.00 44.24  ? 146 GLU A O   1 
ATOM   1120 C  CB  . GLU A 1 146 ? 6.483   7.293   -4.240  1.00 52.63  ? 146 GLU A CB  1 
ATOM   1121 C  CG  . GLU A 1 146 ? 6.179   6.428   -5.442  1.00 52.63  ? 146 GLU A CG  1 
ATOM   1122 C  CD  . GLU A 1 146 ? 5.483   7.180   -6.545  1.00 52.63  ? 146 GLU A CD  1 
ATOM   1123 O  OE1 . GLU A 1 146 ? 5.869   8.336   -6.831  1.00 52.63  ? 146 GLU A OE1 1 
ATOM   1124 O  OE2 . GLU A 1 146 ? 4.548   6.602   -7.132  1.00 52.63  ? 146 GLU A OE2 1 
ATOM   1125 N  N   . LYS A 1 147 ? 7.357   8.070   -1.279  1.00 44.31  ? 147 LYS A N   1 
ATOM   1126 C  CA  . LYS A 1 147 ? 8.335   8.699   -0.397  1.00 44.31  ? 147 LYS A CA  1 
ATOM   1127 C  C   . LYS A 1 147 ? 8.794   7.750   0.704   1.00 44.31  ? 147 LYS A C   1 
ATOM   1128 O  O   . LYS A 1 147 ? 9.965   7.715   1.066   1.00 44.31  ? 147 LYS A O   1 
ATOM   1129 C  CB  . LYS A 1 147 ? 7.760   9.961   0.243   1.00 70.89  ? 147 LYS A CB  1 
ATOM   1130 C  CG  . LYS A 1 147 ? 8.776   10.690  1.102   1.00 70.89  ? 147 LYS A CG  1 
ATOM   1131 C  CD  . LYS A 1 147 ? 8.149   11.764  1.966   1.00 70.89  ? 147 LYS A CD  1 
ATOM   1132 C  CE  . LYS A 1 147 ? 9.220   12.413  2.846   1.00 70.89  ? 147 LYS A CE  1 
ATOM   1133 N  NZ  . LYS A 1 147 ? 8.709   13.268  3.972   1.00 70.89  ? 147 LYS A NZ  1 
ATOM   1134 N  N   . PHE A 1 148 ? 7.865   6.975   1.240   1.00 49.62  ? 148 PHE A N   1 
ATOM   1135 C  CA  . PHE A 1 148 ? 8.217   6.052   2.293   1.00 49.62  ? 148 PHE A CA  1 
ATOM   1136 C  C   . PHE A 1 148 ? 9.161   4.967   1.796   1.00 49.62  ? 148 PHE A C   1 
ATOM   1137 O  O   . PHE A 1 148 ? 10.015  4.494   2.540   1.00 49.62  ? 148 PHE A O   1 
ATOM   1138 C  CB  . PHE A 1 148 ? 6.975   5.400   2.879   1.00 40.81  ? 148 PHE A CB  1 
ATOM   1139 C  CG  . PHE A 1 148 ? 7.270   4.546   4.062   1.00 40.81  ? 148 PHE A CG  1 
ATOM   1140 C  CD1 . PHE A 1 148 ? 7.727   5.121   5.245   1.00 40.81  ? 148 PHE A CD1 1 
ATOM   1141 C  CD2 . PHE A 1 148 ? 7.150   3.168   3.984   1.00 40.81  ? 148 PHE A CD2 1 
ATOM   1142 C  CE1 . PHE A 1 148 ? 8.066   4.336   6.338   1.00 40.81  ? 148 PHE A CE1 1 
ATOM   1143 C  CE2 . PHE A 1 148 ? 7.484   2.370   5.069   1.00 40.81  ? 148 PHE A CE2 1 
ATOM   1144 C  CZ  . PHE A 1 148 ? 7.946   2.959   6.255   1.00 40.81  ? 148 PHE A CZ  1 
ATOM   1145 N  N   . GLN A 1 149 ? 8.995   4.564   0.539   1.00 60.89  ? 149 GLN A N   1 
ATOM   1146 C  CA  . GLN A 1 149 ? 9.843   3.533   -0.041  1.00 60.89  ? 149 GLN A CA  1 
ATOM   1147 C  C   . GLN A 1 149 ? 11.274  4.035   -0.058  1.00 60.89  ? 149 GLN A C   1 
ATOM   1148 O  O   . GLN A 1 149 ? 12.210  3.316   0.301   1.00 60.89  ? 149 GLN A O   1 
ATOM   1149 C  CB  . GLN A 1 149 ? 9.401   3.220   -1.460  1.00 58.96  ? 149 GLN A CB  1 
ATOM   1150 C  CG  . GLN A 1 149 ? 10.069  1.992   -2.036  1.00 58.96  ? 149 GLN A CG  1 
ATOM   1151 C  CD  . GLN A 1 149 ? 9.606   1.704   -3.436  1.00 58.96  ? 149 GLN A CD  1 
ATOM   1152 O  OE1 . GLN A 1 149 ? 9.695   0.582   -3.902  1.00 58.96  ? 149 GLN A OE1 1 
ATOM   1153 N  NE2 . GLN A 1 149 ? 9.115   2.724   -4.120  1.00 58.96  ? 149 GLN A NE2 1 
ATOM   1154 N  N   . TRP A 1 150 ? 11.440  5.280   -0.482  1.00 36.16  ? 150 TRP A N   1 
ATOM   1155 C  CA  . TRP A 1 150 ? 12.756  5.878   -0.512  1.00 36.16  ? 150 TRP A CA  1 
ATOM   1156 C  C   . TRP A 1 150 ? 13.412  5.841   0.884   1.00 36.16  ? 150 TRP A C   1 
ATOM   1157 O  O   . TRP A 1 150 ? 14.629  5.652   0.992   1.00 36.16  ? 150 TRP A O   1 
ATOM   1158 C  CB  . TRP A 1 150 ? 12.662  7.310   -1.007  1.00 59.93  ? 150 TRP A CB  1 
ATOM   1159 C  CG  . TRP A 1 150 ? 13.909  8.045   -0.774  1.00 59.93  ? 150 TRP A CG  1 
ATOM   1160 C  CD1 . TRP A 1 150 ? 15.133  7.754   -1.284  1.00 59.93  ? 150 TRP A CD1 1 
ATOM   1161 C  CD2 . TRP A 1 150 ? 14.082  9.187   0.071   1.00 59.93  ? 150 TRP A CD2 1 
ATOM   1162 N  NE1 . TRP A 1 150 ? 16.068  8.643   -0.812  1.00 59.93  ? 150 TRP A NE1 1 
ATOM   1163 C  CE2 . TRP A 1 150 ? 15.450  9.536   0.024   1.00 59.93  ? 150 TRP A CE2 1 
ATOM   1164 C  CE3 . TRP A 1 150 ? 13.213  9.952   0.867   1.00 59.93  ? 150 TRP A CE3 1 
ATOM   1165 C  CZ2 . TRP A 1 150 ? 15.976  10.618  0.741   1.00 59.93  ? 150 TRP A CZ2 1 
ATOM   1166 C  CZ3 . TRP A 1 150 ? 13.735  11.033  1.583   1.00 59.93  ? 150 TRP A CZ3 1 
ATOM   1167 C  CH2 . TRP A 1 150 ? 15.104  11.352  1.512   1.00 59.93  ? 150 TRP A CH2 1 
ATOM   1168 N  N   . PHE A 1 151 ? 12.632  6.030   1.949   1.00 55.09  ? 151 PHE A N   1 
ATOM   1169 C  CA  . PHE A 1 151 ? 13.215  5.968   3.292   1.00 55.09  ? 151 PHE A CA  1 
ATOM   1170 C  C   . PHE A 1 151 ? 13.765  4.571   3.504   1.00 55.09  ? 151 PHE A C   1 
ATOM   1171 O  O   . PHE A 1 151 ? 14.839  4.394   4.070   1.00 55.09  ? 151 PHE A O   1 
ATOM   1172 C  CB  . PHE A 1 151 ? 12.181  6.235   4.394   1.00 64.60  ? 151 PHE A CB  1 
ATOM   1173 C  CG  . PHE A 1 151 ? 11.840  7.678   4.579   1.00 64.60  ? 151 PHE A CG  1 
ATOM   1174 C  CD1 . PHE A 1 151 ? 12.817  8.660   4.476   1.00 64.60  ? 151 PHE A CD1 1 
ATOM   1175 C  CD2 . PHE A 1 151 ? 10.539  8.058   4.868   1.00 64.60  ? 151 PHE A CD2 1 
ATOM   1176 C  CE1 . PHE A 1 151 ? 12.498  9.999   4.658   1.00 64.60  ? 151 PHE A CE1 1 
ATOM   1177 C  CE2 . PHE A 1 151 ? 10.213  9.395   5.052   1.00 64.60  ? 151 PHE A CE2 1 
ATOM   1178 C  CZ  . PHE A 1 151 ? 11.197  10.368  4.945   1.00 64.60  ? 151 PHE A CZ  1 
ATOM   1179 N  N   . VAL A 1 152 ? 12.999  3.579   3.061   1.00 76.64  ? 152 VAL A N   1 
ATOM   1180 C  CA  . VAL A 1 152 ? 13.388  2.186   3.200   1.00 76.64  ? 152 VAL A CA  1 
ATOM   1181 C  C   . VAL A 1 152 ? 14.621  1.909   2.352   1.00 76.64  ? 152 VAL A C   1 
ATOM   1182 O  O   . VAL A 1 152 ? 15.595  1.337   2.837   1.00 76.64  ? 152 VAL A O   1 
ATOM   1183 C  CB  . VAL A 1 152 ? 12.245  1.223   2.757   1.00 46.59  ? 152 VAL A CB  1 
ATOM   1184 C  CG1 . VAL A 1 152 ? 12.721  -0.221  2.833   1.00 46.59  ? 152 VAL A CG1 1 
ATOM   1185 C  CG2 . VAL A 1 152 ? 11.023  1.412   3.639   1.00 46.59  ? 152 VAL A CG2 1 
ATOM   1186 N  N   . ARG A 1 153 ? 14.578  2.325   1.089   1.00 49.78  ? 153 ARG A N   1 
ATOM   1187 C  CA  . ARG A 1 153 ? 15.699  2.097   0.183   1.00 49.78  ? 153 ARG A CA  1 
ATOM   1188 C  C   . ARG A 1 153 ? 16.960  2.788   0.646   1.00 49.78  ? 153 ARG A C   1 
ATOM   1189 O  O   . ARG A 1 153 ? 18.015  2.171   0.713   1.00 49.78  ? 153 ARG A O   1 
ATOM   1190 C  CB  . ARG A 1 153 ? 15.355  2.567   -1.222  1.00 48.26  ? 153 ARG A CB  1 
ATOM   1191 C  CG  . ARG A 1 153 ? 14.406  1.646   -1.928  1.00 48.26  ? 153 ARG A CG  1 
ATOM   1192 C  CD  . ARG A 1 153 ? 14.052  2.191   -3.290  1.00 48.26  ? 153 ARG A CD  1 
ATOM   1193 N  NE  . ARG A 1 153 ? 13.167  1.291   -4.023  1.00 48.26  ? 153 ARG A NE  1 
ATOM   1194 C  CZ  . ARG A 1 153 ? 12.600  1.606   -5.183  1.00 48.26  ? 153 ARG A CZ  1 
ATOM   1195 N  NH1 . ARG A 1 153 ? 12.833  2.796   -5.726  1.00 48.26  ? 153 ARG A NH1 1 
ATOM   1196 N  NH2 . ARG A 1 153 ? 11.807  0.743   -5.803  1.00 48.26  ? 153 ARG A NH2 1 
ATOM   1197 N  N   . ALA A 1 154 ? 16.850  4.072   0.964   1.00 41.02  ? 154 ALA A N   1 
ATOM   1198 C  CA  . ALA A 1 154 ? 17.991  4.846   1.423   1.00 41.02  ? 154 ALA A CA  1 
ATOM   1199 C  C   . ALA A 1 154 ? 18.785  4.090   2.481   1.00 41.02  ? 154 ALA A C   1 
ATOM   1200 O  O   . ALA A 1 154 ? 19.973  4.348   2.670   1.00 41.02  ? 154 ALA A O   1 
ATOM   1201 C  CB  . ALA A 1 154 ? 17.520  6.169   1.966   1.00 18.48  ? 154 ALA A CB  1 
ATOM   1202 N  N   . HIS A 1 155 ? 18.121  3.164   3.167   1.00 55.70  ? 155 HIS A N   1 
ATOM   1203 C  CA  . HIS A 1 155 ? 18.757  2.338   4.196   1.00 55.70  ? 155 HIS A CA  1 
ATOM   1204 C  C   . HIS A 1 155 ? 19.540  1.193   3.557   1.00 55.70  ? 155 HIS A C   1 
ATOM   1205 O  O   . HIS A 1 155 ? 20.466  0.643   4.154   1.00 55.70  ? 155 HIS A O   1 
ATOM   1206 C  CB  . HIS A 1 155 ? 17.711  1.713   5.122   1.00 62.60  ? 155 HIS A CB  1 
ATOM   1207 C  CG  . HIS A 1 155 ? 17.322  2.571   6.280   1.00 62.60  ? 155 HIS A CG  1 
ATOM   1208 N  ND1 . HIS A 1 155 ? 16.337  3.531   6.201   1.00 62.60  ? 155 HIS A ND1 1 
ATOM   1209 C  CD2 . HIS A 1 155 ? 17.788  2.612   7.550   1.00 62.60  ? 155 HIS A CD2 1 
ATOM   1210 C  CE1 . HIS A 1 155 ? 16.212  4.123   7.373   1.00 62.60  ? 155 HIS A CE1 1 
ATOM   1211 N  NE2 . HIS A 1 155 ? 17.082  3.585   8.210   1.00 62.60  ? 155 HIS A NE2 1 
ATOM   1212 N  N   . LEU A 1 156 ? 19.142  0.826   2.347   1.00 89.93  ? 156 LEU A N   1 
ATOM   1213 C  CA  . LEU A 1 156 ? 19.780  -0.260  1.628   1.00 89.93  ? 156 LEU A CA  1 
ATOM   1214 C  C   . LEU A 1 156 ? 20.693  0.260   0.519   1.00 89.93  ? 156 LEU A C   1 
ATOM   1215 O  O   . LEU A 1 156 ? 21.473  -0.496  -0.047  1.00 89.93  ? 156 LEU A O   1 
ATOM   1216 C  CB  . LEU A 1 156 ? 18.705  -1.173  1.022   1.00 48.49  ? 156 LEU A CB  1 
ATOM   1217 C  CG  . LEU A 1 156 ? 17.542  -1.651  1.907   1.00 48.49  ? 156 LEU A CG  1 
ATOM   1218 C  CD1 . LEU A 1 156 ? 16.500  -2.346  1.040   1.00 48.49  ? 156 LEU A CD1 1 
ATOM   1219 C  CD2 . LEU A 1 156 ? 18.035  -2.589  2.999   1.00 48.49  ? 156 LEU A CD2 1 
ATOM   1220 N  N   . GLU A 1 157 ? 20.602  1.551   0.214   1.00 81.94  ? 157 GLU A N   1 
ATOM   1221 C  CA  . GLU A 1 157 ? 21.415  2.146   -0.844  1.00 81.94  ? 157 GLU A CA  1 
ATOM   1222 C  C   . GLU A 1 157 ? 22.914  1.914   -0.740  1.00 81.94  ? 157 GLU A C   1 
ATOM   1223 O  O   . GLU A 1 157 ? 23.472  1.833   0.358   1.00 81.94  ? 157 GLU A O   1 
ATOM   1224 C  CB  . GLU A 1 157 ? 21.174  3.647   -0.938  1.00 74.63  ? 157 GLU A CB  1 
ATOM   1225 C  CG  . GLU A 1 157 ? 19.956  4.043   -1.720  1.00 74.63  ? 157 GLU A CG  1 
ATOM   1226 C  CD  . GLU A 1 157 ? 20.054  5.470   -2.203  1.00 74.63  ? 157 GLU A CD  1 
ATOM   1227 O  OE1 . GLU A 1 157 ? 20.979  5.752   -3.000  1.00 74.63  ? 157 GLU A OE1 1 
ATOM   1228 O  OE2 . GLU A 1 157 ? 19.219  6.306   -1.785  1.00 74.63  ? 157 GLU A OE2 1 
ATOM   1229 N  N   . SER A 1 158 ? 23.552  1.841   -1.909  1.00 81.25  ? 158 SER A N   1 
ATOM   1230 C  CA  . SER A 1 158 ? 24.992  1.617   -2.034  1.00 81.25  ? 158 SER A CA  1 
ATOM   1231 C  C   . SER A 1 158 ? 25.783  2.920   -1.971  1.00 81.25  ? 158 SER A C   1 
ATOM   1232 O  O   . SER A 1 158 ? 25.341  3.957   -2.469  1.00 81.25  ? 158 SER A O   1 
ATOM   1233 C  CB  . SER A 1 158 ? 25.295  0.893   -3.351  1.00 127.57 ? 158 SER A CB  1 
ATOM   1234 O  OG  . SER A 1 158 ? 26.685  0.689   -3.524  1.00 127.57 ? 158 SER A OG  1 
ATOM   1235 N  N   . ALA A 1 159 ? 26.960  2.835   -1.358  1.00 93.26  ? 159 ALA A N   1 
ATOM   1236 C  CA  . ALA A 1 159 ? 27.884  3.955   -1.172  1.00 93.26  ? 159 ALA A CA  1 
ATOM   1237 C  C   . ALA A 1 159 ? 27.592  5.226   -1.975  1.00 93.26  ? 159 ALA A C   1 
ATOM   1238 O  O   . ALA A 1 159 ? 27.631  6.332   -1.442  1.00 93.26  ? 159 ALA A O   1 
ATOM   1239 C  CB  . ALA A 1 159 ? 29.310  3.483   -1.449  1.00 100.09 ? 159 ALA A CB  1 
ATOM   1240 N  N   . GLY A 1 160 ? 27.317  5.071   -3.260  1.00 102.64 ? 160 GLY A N   1 
ATOM   1241 C  CA  . GLY A 1 160 ? 27.026  6.226   -4.085  1.00 102.64 ? 160 GLY A CA  1 
ATOM   1242 C  C   . GLY A 1 160 ? 26.252  5.727   -5.275  1.00 102.64 ? 160 GLY A C   1 
ATOM   1243 O  O   . GLY A 1 160 ? 25.775  6.500   -6.109  1.00 102.64 ? 160 GLY A O   1 
ATOM   1244 N  N   . GLY A 1 161 ? 26.141  4.405   -5.344  1.00 84.34  ? 161 GLY A N   1 
ATOM   1245 C  CA  . GLY A 1 161 ? 25.413  3.779   -6.422  1.00 84.34  ? 161 GLY A CA  1 
ATOM   1246 C  C   . GLY A 1 161 ? 23.975  3.568   -5.994  1.00 84.34  ? 161 GLY A C   1 
ATOM   1247 O  O   . GLY A 1 161 ? 23.193  4.522   -5.928  1.00 84.34  ? 161 GLY A O   1 
ATOM   1248 N  N   . GLN A 1 162 ? 23.616  2.325   -5.690  1.00 123.76 ? 162 GLN A N   1 
ATOM   1249 C  CA  . GLN A 1 162 ? 22.253  2.051   -5.280  1.00 123.76 ? 162 GLN A CA  1 
ATOM   1250 C  C   . GLN A 1 162 ? 21.982  0.656   -4.725  1.00 123.76 ? 162 GLN A C   1 
ATOM   1251 O  O   . GLN A 1 162 ? 22.820  -0.242  -4.781  1.00 123.76 ? 162 GLN A O   1 
ATOM   1252 C  CB  . GLN A 1 162 ? 21.311  2.343   -6.439  1.00 74.15  ? 162 GLN A CB  1 
ATOM   1253 N  N   . LEU A 1 163 ? 20.775  0.527   -4.181  1.00 138.99 ? 163 LEU A N   1 
ATOM   1254 C  CA  . LEU A 1 163 ? 20.223  -0.676  -3.568  1.00 138.99 ? 163 LEU A CA  1 
ATOM   1255 C  C   . LEU A 1 163 ? 21.053  -1.941  -3.428  1.00 138.99 ? 163 LEU A C   1 
ATOM   1256 O  O   . LEU A 1 163 ? 21.741  -2.371  -4.350  1.00 138.99 ? 163 LEU A O   1 
ATOM   1257 C  CB  . LEU A 1 163 ? 18.906  -1.032  -4.264  1.00 93.47  ? 163 LEU A CB  1 
ATOM   1258 C  CG  . LEU A 1 163 ? 17.639  -0.322  -3.774  1.00 93.47  ? 163 LEU A CG  1 
ATOM   1259 C  CD1 . LEU A 1 163 ? 17.918  1.145   -3.525  1.00 93.47  ? 163 LEU A CD1 1 
ATOM   1260 C  CD2 . LEU A 1 163 ? 16.534  -0.496  -4.801  1.00 93.47  ? 163 LEU A CD2 1 
ATOM   1261 N  N   . THR A 1 164 ? 20.952  -2.527  -2.239  1.00 141.78 ? 164 THR A N   1 
ATOM   1262 C  CA  . THR A 1 164 ? 21.613  -3.778  -1.884  1.00 141.78 ? 164 THR A CA  1 
ATOM   1263 C  C   . THR A 1 164 ? 20.473  -4.781  -1.891  1.00 141.78 ? 164 THR A C   1 
ATOM   1264 O  O   . THR A 1 164 ? 19.309  -4.387  -1.966  1.00 141.78 ? 164 THR A O   1 
ATOM   1265 C  CB  . THR A 1 164 ? 22.212  -3.720  -0.469  1.00 106.78 ? 164 THR A CB  1 
ATOM   1266 O  OG1 . THR A 1 164 ? 23.333  -2.830  -0.464  1.00 106.78 ? 164 THR A OG1 1 
ATOM   1267 C  CG2 . THR A 1 164 ? 22.656  -5.100  -0.012  1.00 106.78 ? 164 THR A CG2 1 
ATOM   1268 N  N   . HIS A 1 165 ? 20.783  -6.068  -1.803  1.00 132.26 ? 165 HIS A N   1 
ATOM   1269 C  CA  . HIS A 1 165 ? 19.719  -7.056  -1.825  1.00 132.26 ? 165 HIS A CA  1 
ATOM   1270 C  C   . HIS A 1 165 ? 18.994  -6.684  -3.115  1.00 132.26 ? 165 HIS A C   1 
ATOM   1271 O  O   . HIS A 1 165 ? 17.768  -6.578  -3.153  1.00 132.26 ? 165 HIS A O   1 
ATOM   1272 C  CB  . HIS A 1 165 ? 18.814  -6.855  -0.607  1.00 147.47 ? 165 HIS A CB  1 
ATOM   1273 C  CG  . HIS A 1 165 ? 18.020  -8.065  -0.226  1.00 147.47 ? 165 HIS A CG  1 
ATOM   1274 N  ND1 . HIS A 1 165 ? 17.053  -8.610  -1.043  1.00 147.47 ? 165 HIS A ND1 1 
ATOM   1275 C  CD2 . HIS A 1 165 ? 18.040  -8.826  0.894   1.00 147.47 ? 165 HIS A CD2 1 
ATOM   1276 C  CE1 . HIS A 1 165 ? 16.511  -9.655  -0.441  1.00 147.47 ? 165 HIS A CE1 1 
ATOM   1277 N  NE2 . HIS A 1 165 ? 17.093  -9.807  0.735   1.00 147.47 ? 165 HIS A NE2 1 
ATOM   1278 N  N   . GLU A 1 166 ? 19.798  -6.460  -4.155  1.00 147.94 ? 166 GLU A N   1 
ATOM   1279 C  CA  . GLU A 1 166 ? 19.346  -6.059  -5.488  1.00 147.94 ? 166 GLU A CA  1 
ATOM   1280 C  C   . GLU A 1 166 ? 18.354  -6.991  -6.175  1.00 147.94 ? 166 GLU A C   1 
ATOM   1281 O  O   . GLU A 1 166 ? 18.502  -8.215  -6.142  1.00 147.94 ? 166 GLU A O   1 
ATOM   1282 C  CB  . GLU A 1 166 ? 20.562  -5.865  -6.400  1.00 124.90 ? 166 GLU A CB  1 
ATOM   1283 C  CG  . GLU A 1 166 ? 21.461  -4.709  -5.997  1.00 124.90 ? 166 GLU A CG  1 
ATOM   1284 C  CD  . GLU A 1 166 ? 22.800  -4.730  -6.708  1.00 124.90 ? 166 GLU A CD  1 
ATOM   1285 O  OE1 . GLU A 1 166 ? 22.811  -4.832  -7.950  1.00 124.90 ? 166 GLU A OE1 1 
ATOM   1286 O  OE2 . GLU A 1 166 ? 23.844  -4.639  -6.025  1.00 124.90 ? 166 GLU A OE2 1 
ATOM   1287 N  N   . GLY A 1 167 ? 17.355  -6.378  -6.809  1.00 147.94 ? 167 GLY A N   1 
ATOM   1288 C  CA  . GLY A 1 167 ? 16.310  -7.092  -7.528  1.00 147.94 ? 167 GLY A CA  1 
ATOM   1289 C  C   . GLY A 1 167 ? 16.263  -8.608  -7.429  1.00 147.94 ? 167 GLY A C   1 
ATOM   1290 O  O   . GLY A 1 167 ? 16.561  -9.308  -8.396  1.00 147.94 ? 167 GLY A O   1 
ATOM   1291 N  N   . GLN A 1 168 ? 15.879  -9.113  -6.261  1.00 147.94 ? 168 GLN A N   1 
ATOM   1292 C  CA  . GLN A 1 168 ? 15.779  -10.549 -6.029  1.00 147.94 ? 168 GLN A CA  1 
ATOM   1293 C  C   . GLN A 1 168 ? 14.461  -10.842 -5.314  1.00 147.94 ? 168 GLN A C   1 
ATOM   1294 O  O   . GLN A 1 168 ? 14.442  -11.031 -4.097  1.00 147.94 ? 168 GLN A O   1 
ATOM   1295 C  CB  . GLN A 1 168 ? 16.957  -11.023 -5.181  1.00 92.23  ? 168 GLN A CB  1 
ATOM   1296 N  N   . SER A 1 169 ? 13.369  -10.877 -6.076  1.00 147.94 ? 169 SER A N   1 
ATOM   1297 C  CA  . SER A 1 169 ? 12.027  -11.126 -5.537  1.00 147.94 ? 169 SER A CA  1 
ATOM   1298 C  C   . SER A 1 169 ? 11.934  -12.245 -4.495  1.00 147.94 ? 169 SER A C   1 
ATOM   1299 O  O   . SER A 1 169 ? 12.145  -13.422 -4.802  1.00 147.94 ? 169 SER A O   1 
ATOM   1300 C  CB  . SER A 1 169 ? 11.038  -11.393 -6.684  1.00 104.76 ? 169 SER A CB  1 
ATOM   1301 O  OG  . SER A 1 169 ? 11.500  -12.412 -7.553  1.00 104.76 ? 169 SER A OG  1 
ATOM   1302 N  N   . THR A 1 170 ? 11.607  -11.853 -3.262  1.00 147.94 ? 170 THR A N   1 
ATOM   1303 C  CA  . THR A 1 170 ? 11.467  -12.763 -2.122  1.00 147.94 ? 170 THR A CA  1 
ATOM   1304 C  C   . THR A 1 170 ? 12.809  -13.153 -1.503  1.00 147.94 ? 170 THR A C   1 
ATOM   1305 O  O   . THR A 1 170 ? 13.199  -14.321 -1.538  1.00 147.94 ? 170 THR A O   1 
ATOM   1306 C  CB  . THR A 1 170 ? 10.686  -14.021 -2.531  1.00 132.27 ? 170 THR A CB  1 
ATOM   1307 N  N   . GLU A 1 171 ? 13.509  -12.165 -0.942  1.00 128.01 ? 171 GLU A N   1 
ATOM   1308 C  CA  . GLU A 1 171 ? 14.802  -12.383 -0.295  1.00 128.01 ? 171 GLU A CA  1 
ATOM   1309 C  C   . GLU A 1 171 ? 15.974  -12.519 -1.262  1.00 128.01 ? 171 GLU A C   1 
ATOM   1310 O  O   . GLU A 1 171 ? 15.794  -12.572 -2.477  1.00 128.01 ? 171 GLU A O   1 
ATOM   1311 C  CB  . GLU A 1 171 ? 14.736  -13.623 0.594   1.00 147.94 ? 171 GLU A CB  1 
ATOM   1312 C  CG  . GLU A 1 171 ? 13.612  -13.583 1.607   1.00 147.94 ? 171 GLU A CG  1 
ATOM   1313 C  CD  . GLU A 1 171 ? 13.413  -14.911 2.296   1.00 147.94 ? 171 GLU A CD  1 
ATOM   1314 O  OE1 . GLU A 1 171 ? 13.059  -15.889 1.604   1.00 147.94 ? 171 GLU A OE1 1 
ATOM   1315 O  OE2 . GLU A 1 171 ? 13.613  -14.979 3.526   1.00 147.94 ? 171 GLU A OE2 1 
ATOM   1316 N  N   . LYS A 1 172 ? 17.181  -12.569 -0.703  1.00 147.94 ? 172 LYS A N   1 
ATOM   1317 C  CA  . LYS A 1 172 ? 18.375  -12.698 -1.517  1.00 147.94 ? 172 LYS A CA  1 
ATOM   1318 C  C   . LYS A 1 172 ? 19.436  -11.659 -1.200  1.00 147.94 ? 172 LYS A C   1 
ATOM   1319 O  O   . LYS A 1 172 ? 20.008  -11.055 -2.110  1.00 147.94 ? 172 LYS A O   1 
ATOM   1320 N  N   . GLY A 1 173 ? 19.704  -11.448 0.085   1.00 124.94 ? 173 GLY A N   1 
ATOM   1321 C  CA  . GLY A 1 173 ? 20.705  -10.469 0.469   1.00 124.94 ? 173 GLY A CA  1 
ATOM   1322 C  C   . GLY A 1 173 ? 21.192  -10.595 1.899   1.00 124.94 ? 173 GLY A C   1 
ATOM   1323 O  O   . GLY A 1 173 ? 20.692  -9.914  2.800   1.00 124.94 ? 173 GLY A O   1 
ATOM   1324 N  N   . ALA A 1 174 ? 22.174  -11.471 2.104   1.00 147.94 ? 174 ALA A N   1 
ATOM   1325 C  CA  . ALA A 1 174 ? 22.767  -11.696 3.421   1.00 147.94 ? 174 ALA A CA  1 
ATOM   1326 C  C   . ALA A 1 174 ? 23.921  -10.713 3.625   1.00 147.94 ? 174 ALA A C   1 
ATOM   1327 O  O   . ALA A 1 174 ? 24.531  -10.662 4.697   1.00 147.94 ? 174 ALA A O   1 
ATOM   1328 C  CB  . ALA A 1 174 ? 23.275  -13.139 3.532   1.00 85.97  ? 174 ALA A CB  1 
ATOM   1329 N  N   . ALA A 1 175 ? 24.209  -9.939  2.581   1.00 147.94 ? 175 ALA A N   1 
ATOM   1330 C  CA  . ALA A 1 175 ? 25.273  -8.940  2.609   1.00 147.94 ? 175 ALA A CA  1 
ATOM   1331 C  C   . ALA A 1 175 ? 24.738  -7.628  3.183   1.00 147.94 ? 175 ALA A C   1 
ATOM   1332 O  O   . ALA A 1 175 ? 25.334  -7.122  4.162   1.00 147.94 ? 175 ALA A O   1 
ATOM   1333 C  CB  . ALA A 1 175 ? 25.818  -8.714  1.197   1.00 141.02 ? 175 ALA A CB  1 
HETATM 1334 FE FE  . FE  B 2 .   ? -13.694 7.130   8.956   0.40 64.71  ? 184 FE  A FE  1 
HETATM 1335 FE FE  . FE  C 2 .   ? -8.582  6.056   10.649  0.40 58.67  ? 185 FE  A FE  1 
HETATM 1336 S  S   . SO4 D 3 .   ? 9.908   -17.911 17.775  0.50 61.51  ? 201 SO4 A S   1 
HETATM 1337 O  O1  . SO4 D 3 .   ? 9.134   -17.396 16.632  0.50 61.51  ? 201 SO4 A O1  1 
HETATM 1338 O  O2  . SO4 D 3 .   ? 11.116  -17.084 18.006  0.50 61.51  ? 201 SO4 A O2  1 
HETATM 1339 O  O3  . SO4 D 3 .   ? 10.318  -19.294 17.461  0.50 61.51  ? 201 SO4 A O3  1 
HETATM 1340 O  O4  . SO4 D 3 .   ? 9.051   -17.892 18.977  0.50 61.51  ? 201 SO4 A O4  1 
HETATM 1341 O  O   . HOH E 4 .   ? 14.984  7.781   19.104  1.00 61.38  ? 202 HOH A O   1 
HETATM 1342 O  O   . HOH E 4 .   ? 8.003   7.354   8.715   1.00 31.97  ? 203 HOH A O   1 
HETATM 1343 O  O   . HOH E 4 .   ? -8.526  2.506   8.493   1.00 50.40  ? 204 HOH A O   1 
HETATM 1344 O  O   . HOH E 4 .   ? -15.148 10.326  9.319   1.00 54.37  ? 205 HOH A O   1 
HETATM 1345 O  O   . HOH E 4 .   ? 10.175  4.995   -4.820  1.00 56.56  ? 206 HOH A O   1 
HETATM 1346 O  O   . HOH E 4 .   ? 0.043   -16.774 1.316   1.00 79.43  ? 207 HOH A O   1 
HETATM 1347 O  O   . HOH E 4 .   ? 3.091   -14.198 -3.981  1.00 58.10  ? 208 HOH A O   1 
HETATM 1348 O  O   . HOH E 4 .   ? 6.691   -12.046 2.134   1.00 66.82  ? 209 HOH A O   1 
HETATM 1349 O  O   . HOH E 4 .   ? 0.913   -5.871  -3.769  1.00 47.71  ? 210 HOH A O   1 
HETATM 1350 O  O   . HOH E 4 .   ? 8.037   12.946  7.122   1.00 65.38  ? 211 HOH A O   1 
HETATM 1351 O  O   . HOH E 4 .   ? 7.254   8.346   15.077  1.00 57.29  ? 212 HOH A O   1 
HETATM 1352 O  O   . HOH E 4 .   ? 0.529   3.857   15.510  1.00 57.53  ? 213 HOH A O   1 
HETATM 1353 O  O   . HOH E 4 .   ? 0.615   -9.031  3.700   1.00 57.74  ? 214 HOH A O   1 
HETATM 1354 O  O   . HOH E 4 .   ? -14.508 -8.820  -4.373  1.00 72.93  ? 215 HOH A O   1 
HETATM 1355 O  O   . HOH E 4 .   ? -12.436 12.489  -17.011 1.00 63.74  ? 216 HOH A O   1 
HETATM 1356 O  O   . HOH E 4 .   ? -11.902 -0.507  -14.350 1.00 62.53  ? 217 HOH A O   1 
HETATM 1357 O  O   . HOH E 4 .   ? 4.866   13.099  10.323  1.00 84.69  ? 218 HOH A O   1 
HETATM 1358 O  O   . HOH E 4 .   ? 1.483   10.114  9.829   1.00 33.11  ? 219 HOH A O   1 
HETATM 1359 O  O   . HOH E 4 .   ? 2.041   10.117  13.061  1.00 50.68  ? 220 HOH A O   1 
HETATM 1360 O  O   . HOH E 4 .   ? 8.047   -2.946  -14.032 1.00 82.58  ? 221 HOH A O   1 
HETATM 1361 O  O   . HOH E 4 .   ? -10.949 -3.710  -16.798 1.00 82.99  ? 222 HOH A O   1 
HETATM 1362 O  O   . HOH E 4 .   ? -16.129 -8.477  -9.620  1.00 68.23  ? 223 HOH A O   1 
HETATM 1363 O  O   . HOH E 4 .   ? -3.056  -8.921  -11.888 1.00 73.77  ? 224 HOH A O   1 
HETATM 1364 O  O   . HOH E 4 .   ? 3.927   10.206  19.249  1.00 75.87  ? 225 HOH A O   1 
HETATM 1365 O  O   . HOH E 4 .   ? 18.458  -14.247 7.771   1.00 57.00  ? 226 HOH A O   1 
HETATM 1366 O  O   . HOH E 4 .   ? 20.710  -19.472 8.734   1.00 67.57  ? 227 HOH A O   1 
HETATM 1367 O  O   . HOH E 4 .   ? -6.960  -4.502  -18.114 1.00 71.97  ? 228 HOH A O   1 
HETATM 1368 O  O   . HOH E 4 .   ? -6.991  -8.080  -14.172 1.00 80.23  ? 229 HOH A O   1 
HETATM 1369 O  O   . HOH E 4 .   ? -7.581  -9.466  -9.729  1.00 55.43  ? 230 HOH A O   1 
HETATM 1370 O  O   . HOH E 4 .   ? 5.635   -7.777  -5.702  1.00 88.78  ? 231 HOH A O   1 
HETATM 1371 O  O   . HOH E 4 .   ? 2.731   6.626   -14.139 1.00 87.65  ? 232 HOH A O   1 
HETATM 1372 O  O   . HOH E 4 .   ? 1.028   2.413   -20.436 1.00 76.68  ? 233 HOH A O   1 
HETATM 1373 O  O   . HOH E 4 .   ? 4.501   1.311   -20.101 1.00 83.94  ? 234 HOH A O   1 
HETATM 1374 O  O   . HOH E 4 .   ? -3.819  16.690  8.050   1.00 66.33  ? 235 HOH A O   1 
HETATM 1375 O  O   . HOH E 4 .   ? -0.491  15.997  6.111   1.00 86.99  ? 236 HOH A O   1 
HETATM 1376 O  O   . HOH E 4 .   ? -4.880  17.896  4.721   1.00 69.45  ? 237 HOH A O   1 
HETATM 1377 O  O   . HOH E 4 .   ? 27.467  -1.973  -4.410  1.00 71.65  ? 238 HOH A O   1 
HETATM 1378 O  O   . HOH E 4 .   ? 29.030  1.450   -5.513  1.00 78.81  ? 239 HOH A O   1 
HETATM 1379 O  O   . HOH E 4 .   ? 27.535  -0.275  0.868   1.00 79.67  ? 240 HOH A O   1 
HETATM 1380 O  O   . HOH E 4 .   ? 1.187   13.232  12.340  1.00 64.83  ? 241 HOH A O   1 
HETATM 1381 O  O   . HOH E 4 .   ? 1.188   8.417   17.619  1.00 89.70  ? 242 HOH A O   1 
HETATM 1382 O  O   . HOH E 4 .   ? 6.786   -3.772  -17.472 1.00 82.75  ? 243 HOH A O   1 
HETATM 1383 O  O   . HOH E 4 .   ? 2.731   -1.142  -19.716 1.00 85.28  ? 244 HOH A O   1 
HETATM 1384 O  O   . HOH E 4 .   ? -13.257 -4.142  -15.284 1.00 89.36  ? 245 HOH A O   1 
HETATM 1385 O  O   . HOH E 4 .   ? 7.981   -21.833 10.498  1.00 93.84  ? 246 HOH A O   1 
HETATM 1386 O  O   . HOH E 4 .   ? -15.836 10.911  -17.522 1.00 99.61  ? 247 HOH A O   1 
HETATM 1387 O  O   . HOH E 4 .   ? -9.495  14.331  -3.836  1.00 61.76  ? 248 HOH A O   1 
HETATM 1388 O  O   . HOH E 4 .   ? -4.152  16.515  -2.939  1.00 80.84  ? 249 HOH A O   1 
HETATM 1389 O  O   . HOH E 4 .   ? 0.341   13.694  -0.960  1.00 67.05  ? 250 HOH A O   1 
HETATM 1390 O  O   . HOH E 4 .   ? -1.212  12.474  2.645   1.00 67.13  ? 251 HOH A O   1 
HETATM 1391 O  O   . HOH E 4 .   ? 19.703  9.452   -0.386  1.00 54.22  ? 252 HOH A O   1 
HETATM 1392 O  O   . HOH E 4 .   ? 29.589  0.755   2.557   1.00 83.55  ? 253 HOH A O   1 
HETATM 1393 O  O   . HOH E 4 .   ? 3.696   10.510  7.435   1.00 80.13  ? 254 HOH A O   1 
HETATM 1394 O  O   . HOH E 4 .   ? 3.036   8.299   14.844  1.00 70.63  ? 255 HOH A O   1 
HETATM 1395 O  O   . HOH E 4 .   ? -3.705  -6.138  -14.869 1.00 89.51  ? 256 HOH A O   1 
# 
